data_3A7P
# 
_entry.id   3A7P 
# 
_audit_conform.dict_name       mmcif_pdbx.dic 
_audit_conform.dict_version    5.380 
_audit_conform.dict_location   http://mmcif.pdb.org/dictionaries/ascii/mmcif_pdbx.dic 
# 
loop_
_database_2.database_id 
_database_2.database_code 
_database_2.pdbx_database_accession 
_database_2.pdbx_DOI 
PDB   3A7P         pdb_00003a7p 10.2210/pdb3a7p/pdb 
RCSB  RCSB028915   ?            ?                   
WWPDB D_1000028915 ?            ?                   
# 
_pdbx_database_related.db_name        PDB 
_pdbx_database_related.db_id          3A7O 
_pdbx_database_related.details        . 
_pdbx_database_related.content_type   unspecified 
# 
_pdbx_database_status.status_code                     REL 
_pdbx_database_status.entry_id                        3A7P 
_pdbx_database_status.recvd_initial_deposition_date   2009-10-01 
_pdbx_database_status.deposit_site                    PDBJ 
_pdbx_database_status.process_site                    PDBJ 
_pdbx_database_status.status_code_sf                  REL 
_pdbx_database_status.status_code_mr                  ? 
_pdbx_database_status.SG_entry                        ? 
_pdbx_database_status.pdb_format_compatible           Y 
_pdbx_database_status.status_code_cs                  ? 
_pdbx_database_status.status_code_nmr_data            ? 
_pdbx_database_status.methods_development_category    ? 
# 
loop_
_audit_author.name 
_audit_author.pdbx_ordinal 
'Fujioka, Y.' 1 
'Noda, N.N.'  2 
'Inagaki, F.' 3 
# 
_citation.id                        primary 
_citation.title                     
'Dimeric coiled-coil structure of Saccharomyces cerevisiae Atg16 and its functional significance in autophagy.' 
_citation.journal_abbrev            J.Biol.Chem. 
_citation.journal_volume            285 
_citation.page_first                1508 
_citation.page_last                 1515 
_citation.year                      2010 
_citation.journal_id_ASTM           JBCHA3 
_citation.country                   US 
_citation.journal_id_ISSN           1083-351X 
_citation.journal_id_CSD            0071 
_citation.book_publisher            ? 
_citation.pdbx_database_id_PubMed   19889643 
_citation.pdbx_database_id_DOI      10.1074/jbc.M109.053520 
# 
loop_
_citation_author.citation_id 
_citation_author.name 
_citation_author.ordinal 
_citation_author.identifier_ORCID 
primary 'Fujioka, Y.'    1 ? 
primary 'Noda, N.N.'     2 ? 
primary 'Nakatogawa, H.' 3 ? 
primary 'Ohsumi, Y.'     4 ? 
primary 'Inagaki, F.'    5 ? 
# 
_cell.entry_id           3A7P 
_cell.length_a           114.191 
_cell.length_b           114.191 
_cell.length_c           156.286 
_cell.angle_alpha        90.00 
_cell.angle_beta         90.00 
_cell.angle_gamma        120.00 
_cell.Z_PDB              24 
_cell.pdbx_unique_axis   ? 
_cell.length_a_esd       ? 
_cell.length_b_esd       ? 
_cell.length_c_esd       ? 
_cell.angle_alpha_esd    ? 
_cell.angle_beta_esd     ? 
_cell.angle_gamma_esd    ? 
# 
_symmetry.entry_id                         3A7P 
_symmetry.space_group_name_H-M             'P 62 2 2' 
_symmetry.pdbx_full_space_group_name_H-M   ? 
_symmetry.cell_setting                     ? 
_symmetry.Int_Tables_number                180 
_symmetry.space_group_name_Hall            ? 
# 
loop_
_entity.id 
_entity.type 
_entity.src_method 
_entity.pdbx_description 
_entity.formula_weight 
_entity.pdbx_number_of_molecules 
_entity.pdbx_ec 
_entity.pdbx_mutation 
_entity.pdbx_fragment 
_entity.details 
1 polymer man 'Autophagy protein 16' 17303.604 2  ? 'D101A, E102A' ? ? 
2 water   nat water                  18.015    28 ? ?              ? ? 
# 
_entity_name_com.entity_id   1 
_entity_name_com.name        'Atg16, Cytoplasm to vacuole targeting protein 11, SAP18 homolog' 
# 
_entity_poly.entity_id                      1 
_entity_poly.type                           'polypeptide(L)' 
_entity_poly.nstd_linkage                   no 
_entity_poly.nstd_monomer                   no 
_entity_poly.pdbx_seq_one_letter_code       
;GPMGNFIITERKKAKEERSNPQTDSMDDLLIRRLTDRNDKEAHLNELFQDNSGAIGGNIVSHDDALLNTLAILQKELKSK
EQEIRRLKEVIALKNKNTERLNAALISGTIENNVLQQKLSDLKKEHSQLVARWLKKTEKETEAMNSEIDGTK
;
_entity_poly.pdbx_seq_one_letter_code_can   
;GPMGNFIITERKKAKEERSNPQTDSMDDLLIRRLTDRNDKEAHLNELFQDNSGAIGGNIVSHDDALLNTLAILQKELKSK
EQEIRRLKEVIALKNKNTERLNAALISGTIENNVLQQKLSDLKKEHSQLVARWLKKTEKETEAMNSEIDGTK
;
_entity_poly.pdbx_strand_id                 A,B 
_entity_poly.pdbx_target_identifier         ? 
# 
loop_
_entity_poly_seq.entity_id 
_entity_poly_seq.num 
_entity_poly_seq.mon_id 
_entity_poly_seq.hetero 
1 1   GLY n 
1 2   PRO n 
1 3   MET n 
1 4   GLY n 
1 5   ASN n 
1 6   PHE n 
1 7   ILE n 
1 8   ILE n 
1 9   THR n 
1 10  GLU n 
1 11  ARG n 
1 12  LYS n 
1 13  LYS n 
1 14  ALA n 
1 15  LYS n 
1 16  GLU n 
1 17  GLU n 
1 18  ARG n 
1 19  SER n 
1 20  ASN n 
1 21  PRO n 
1 22  GLN n 
1 23  THR n 
1 24  ASP n 
1 25  SER n 
1 26  MET n 
1 27  ASP n 
1 28  ASP n 
1 29  LEU n 
1 30  LEU n 
1 31  ILE n 
1 32  ARG n 
1 33  ARG n 
1 34  LEU n 
1 35  THR n 
1 36  ASP n 
1 37  ARG n 
1 38  ASN n 
1 39  ASP n 
1 40  LYS n 
1 41  GLU n 
1 42  ALA n 
1 43  HIS n 
1 44  LEU n 
1 45  ASN n 
1 46  GLU n 
1 47  LEU n 
1 48  PHE n 
1 49  GLN n 
1 50  ASP n 
1 51  ASN n 
1 52  SER n 
1 53  GLY n 
1 54  ALA n 
1 55  ILE n 
1 56  GLY n 
1 57  GLY n 
1 58  ASN n 
1 59  ILE n 
1 60  VAL n 
1 61  SER n 
1 62  HIS n 
1 63  ASP n 
1 64  ASP n 
1 65  ALA n 
1 66  LEU n 
1 67  LEU n 
1 68  ASN n 
1 69  THR n 
1 70  LEU n 
1 71  ALA n 
1 72  ILE n 
1 73  LEU n 
1 74  GLN n 
1 75  LYS n 
1 76  GLU n 
1 77  LEU n 
1 78  LYS n 
1 79  SER n 
1 80  LYS n 
1 81  GLU n 
1 82  GLN n 
1 83  GLU n 
1 84  ILE n 
1 85  ARG n 
1 86  ARG n 
1 87  LEU n 
1 88  LYS n 
1 89  GLU n 
1 90  VAL n 
1 91  ILE n 
1 92  ALA n 
1 93  LEU n 
1 94  LYS n 
1 95  ASN n 
1 96  LYS n 
1 97  ASN n 
1 98  THR n 
1 99  GLU n 
1 100 ARG n 
1 101 LEU n 
1 102 ASN n 
1 103 ALA n 
1 104 ALA n 
1 105 LEU n 
1 106 ILE n 
1 107 SER n 
1 108 GLY n 
1 109 THR n 
1 110 ILE n 
1 111 GLU n 
1 112 ASN n 
1 113 ASN n 
1 114 VAL n 
1 115 LEU n 
1 116 GLN n 
1 117 GLN n 
1 118 LYS n 
1 119 LEU n 
1 120 SER n 
1 121 ASP n 
1 122 LEU n 
1 123 LYS n 
1 124 LYS n 
1 125 GLU n 
1 126 HIS n 
1 127 SER n 
1 128 GLN n 
1 129 LEU n 
1 130 VAL n 
1 131 ALA n 
1 132 ARG n 
1 133 TRP n 
1 134 LEU n 
1 135 LYS n 
1 136 LYS n 
1 137 THR n 
1 138 GLU n 
1 139 LYS n 
1 140 GLU n 
1 141 THR n 
1 142 GLU n 
1 143 ALA n 
1 144 MET n 
1 145 ASN n 
1 146 SER n 
1 147 GLU n 
1 148 ILE n 
1 149 ASP n 
1 150 GLY n 
1 151 THR n 
1 152 LYS n 
# 
_entity_src_gen.entity_id                          1 
_entity_src_gen.pdbx_src_id                        1 
_entity_src_gen.pdbx_alt_source_flag               sample 
_entity_src_gen.pdbx_seq_type                      ? 
_entity_src_gen.pdbx_beg_seq_num                   ? 
_entity_src_gen.pdbx_end_seq_num                   ? 
_entity_src_gen.gene_src_common_name               yeast 
_entity_src_gen.gene_src_genus                     ? 
_entity_src_gen.pdbx_gene_src_gene                 ATG16 
_entity_src_gen.gene_src_species                   ? 
_entity_src_gen.gene_src_strain                    ? 
_entity_src_gen.gene_src_tissue                    ? 
_entity_src_gen.gene_src_tissue_fraction           ? 
_entity_src_gen.gene_src_details                   ? 
_entity_src_gen.pdbx_gene_src_fragment             ? 
_entity_src_gen.pdbx_gene_src_scientific_name      'Saccharomyces cerevisiae' 
_entity_src_gen.pdbx_gene_src_ncbi_taxonomy_id     4932 
_entity_src_gen.pdbx_gene_src_variant              ? 
_entity_src_gen.pdbx_gene_src_cell_line            ? 
_entity_src_gen.pdbx_gene_src_atcc                 ? 
_entity_src_gen.pdbx_gene_src_organ                ? 
_entity_src_gen.pdbx_gene_src_organelle            ? 
_entity_src_gen.pdbx_gene_src_cell                 ? 
_entity_src_gen.pdbx_gene_src_cellular_location    ? 
_entity_src_gen.host_org_common_name               ? 
_entity_src_gen.pdbx_host_org_scientific_name      'Escherichia coli BL21' 
_entity_src_gen.pdbx_host_org_ncbi_taxonomy_id     511693 
_entity_src_gen.host_org_genus                     ? 
_entity_src_gen.pdbx_host_org_gene                 ? 
_entity_src_gen.pdbx_host_org_organ                ? 
_entity_src_gen.host_org_species                   ? 
_entity_src_gen.pdbx_host_org_tissue               ? 
_entity_src_gen.pdbx_host_org_tissue_fraction      ? 
_entity_src_gen.pdbx_host_org_strain               BL21 
_entity_src_gen.pdbx_host_org_variant              ? 
_entity_src_gen.pdbx_host_org_cell_line            ? 
_entity_src_gen.pdbx_host_org_atcc                 ? 
_entity_src_gen.pdbx_host_org_culture_collection   ? 
_entity_src_gen.pdbx_host_org_cell                 ? 
_entity_src_gen.pdbx_host_org_organelle            ? 
_entity_src_gen.pdbx_host_org_cellular_location    ? 
_entity_src_gen.pdbx_host_org_vector_type          PLASMID 
_entity_src_gen.pdbx_host_org_vector               ? 
_entity_src_gen.host_org_details                   ? 
_entity_src_gen.expression_system_id               ? 
_entity_src_gen.plasmid_name                       pGEX6P 
_entity_src_gen.plasmid_details                    ? 
_entity_src_gen.pdbx_description                   ? 
# 
_struct_ref.id                         1 
_struct_ref.db_name                    UNP 
_struct_ref.db_code                    ATG16_YEAST 
_struct_ref.pdbx_db_accession          Q03818 
_struct_ref.entity_id                  1 
_struct_ref.pdbx_seq_one_letter_code   
;MGNFIITERKKAKEERSNPQTDSMDDLLIRRLTDRNDKEAHLNELFQDNSGAIGGNIVSHDDALLNTLAILQKELKSKEQ
EIRRLKEVIALKNKNTERLNDELISGTIENNVLQQKLSDLKKEHSQLVARWLKKTEKETEAMNSEIDGTK
;
_struct_ref.pdbx_align_begin           1 
_struct_ref.pdbx_db_isoform            ? 
# 
loop_
_struct_ref_seq.align_id 
_struct_ref_seq.ref_id 
_struct_ref_seq.pdbx_PDB_id_code 
_struct_ref_seq.pdbx_strand_id 
_struct_ref_seq.seq_align_beg 
_struct_ref_seq.pdbx_seq_align_beg_ins_code 
_struct_ref_seq.seq_align_end 
_struct_ref_seq.pdbx_seq_align_end_ins_code 
_struct_ref_seq.pdbx_db_accession 
_struct_ref_seq.db_align_beg 
_struct_ref_seq.pdbx_db_align_beg_ins_code 
_struct_ref_seq.db_align_end 
_struct_ref_seq.pdbx_db_align_end_ins_code 
_struct_ref_seq.pdbx_auth_seq_align_beg 
_struct_ref_seq.pdbx_auth_seq_align_end 
1 1 3A7P A 3 ? 152 ? Q03818 1 ? 150 ? 1 150 
2 1 3A7P B 3 ? 152 ? Q03818 1 ? 150 ? 1 150 
# 
loop_
_struct_ref_seq_dif.align_id 
_struct_ref_seq_dif.pdbx_pdb_id_code 
_struct_ref_seq_dif.mon_id 
_struct_ref_seq_dif.pdbx_pdb_strand_id 
_struct_ref_seq_dif.seq_num 
_struct_ref_seq_dif.pdbx_pdb_ins_code 
_struct_ref_seq_dif.pdbx_seq_db_name 
_struct_ref_seq_dif.pdbx_seq_db_accession_code 
_struct_ref_seq_dif.db_mon_id 
_struct_ref_seq_dif.pdbx_seq_db_seq_num 
_struct_ref_seq_dif.details 
_struct_ref_seq_dif.pdbx_auth_seq_num 
_struct_ref_seq_dif.pdbx_ordinal 
1 3A7P GLY A 1   ? UNP Q03818 ?   ?   'expression tag'      -1  1 
1 3A7P PRO A 2   ? UNP Q03818 ?   ?   'expression tag'      0   2 
1 3A7P ALA A 103 ? UNP Q03818 ASP 101 'engineered mutation' 101 3 
1 3A7P ALA A 104 ? UNP Q03818 GLU 102 'engineered mutation' 102 4 
2 3A7P GLY B 1   ? UNP Q03818 ?   ?   'expression tag'      -1  5 
2 3A7P PRO B 2   ? UNP Q03818 ?   ?   'expression tag'      0   6 
2 3A7P ALA B 103 ? UNP Q03818 ASP 101 'engineered mutation' 101 7 
2 3A7P ALA B 104 ? UNP Q03818 GLU 102 'engineered mutation' 102 8 
# 
loop_
_chem_comp.id 
_chem_comp.type 
_chem_comp.mon_nstd_flag 
_chem_comp.name 
_chem_comp.pdbx_synonyms 
_chem_comp.formula 
_chem_comp.formula_weight 
ALA 'L-peptide linking' y ALANINE         ? 'C3 H7 N O2'     89.093  
ARG 'L-peptide linking' y ARGININE        ? 'C6 H15 N4 O2 1' 175.209 
ASN 'L-peptide linking' y ASPARAGINE      ? 'C4 H8 N2 O3'    132.118 
ASP 'L-peptide linking' y 'ASPARTIC ACID' ? 'C4 H7 N O4'     133.103 
GLN 'L-peptide linking' y GLUTAMINE       ? 'C5 H10 N2 O3'   146.144 
GLU 'L-peptide linking' y 'GLUTAMIC ACID' ? 'C5 H9 N O4'     147.129 
GLY 'peptide linking'   y GLYCINE         ? 'C2 H5 N O2'     75.067  
HIS 'L-peptide linking' y HISTIDINE       ? 'C6 H10 N3 O2 1' 156.162 
HOH non-polymer         . WATER           ? 'H2 O'           18.015  
ILE 'L-peptide linking' y ISOLEUCINE      ? 'C6 H13 N O2'    131.173 
LEU 'L-peptide linking' y LEUCINE         ? 'C6 H13 N O2'    131.173 
LYS 'L-peptide linking' y LYSINE          ? 'C6 H15 N2 O2 1' 147.195 
MET 'L-peptide linking' y METHIONINE      ? 'C5 H11 N O2 S'  149.211 
PHE 'L-peptide linking' y PHENYLALANINE   ? 'C9 H11 N O2'    165.189 
PRO 'L-peptide linking' y PROLINE         ? 'C5 H9 N O2'     115.130 
SER 'L-peptide linking' y SERINE          ? 'C3 H7 N O3'     105.093 
THR 'L-peptide linking' y THREONINE       ? 'C4 H9 N O3'     119.119 
TRP 'L-peptide linking' y TRYPTOPHAN      ? 'C11 H12 N2 O2'  204.225 
VAL 'L-peptide linking' y VALINE          ? 'C5 H11 N O2'    117.146 
# 
_exptl.entry_id          3A7P 
_exptl.method            'X-RAY DIFFRACTION' 
_exptl.crystals_number   1 
# 
_exptl_crystal.id                    1 
_exptl_crystal.density_meas          ? 
_exptl_crystal.density_Matthews      4.25 
_exptl_crystal.density_percent_sol   71.06 
_exptl_crystal.description           ? 
_exptl_crystal.F_000                 ? 
_exptl_crystal.preparation           ? 
# 
_exptl_crystal_grow.crystal_id      1 
_exptl_crystal_grow.method          'VAPOR DIFFUSION, SITTING DROP' 
_exptl_crystal_grow.temp            293 
_exptl_crystal_grow.temp_details    ? 
_exptl_crystal_grow.pH              4.6 
_exptl_crystal_grow.pdbx_details    
'0.5M calcium chloride, 0.1M sodium acetate, pH 4.6, VAPOR DIFFUSION, SITTING DROP, temperature 293K' 
_exptl_crystal_grow.pdbx_pH_range   . 
# 
_diffrn.id                     1 
_diffrn.ambient_temp           95 
_diffrn.ambient_temp_details   ? 
_diffrn.crystal_id             1 
# 
_diffrn_detector.diffrn_id              1 
_diffrn_detector.detector               CCD 
_diffrn_detector.type                   'RAYONIX MX-225' 
_diffrn_detector.pdbx_collection_date   2009-04-08 
_diffrn_detector.details                ? 
# 
_diffrn_radiation.diffrn_id                        1 
_diffrn_radiation.wavelength_id                    1 
_diffrn_radiation.pdbx_monochromatic_or_laue_m_l   M 
_diffrn_radiation.monochromator                    ? 
_diffrn_radiation.pdbx_diffrn_protocol             'SINGLE WAVELENGTH' 
_diffrn_radiation.pdbx_scattering_type             x-ray 
# 
_diffrn_radiation_wavelength.id           1 
_diffrn_radiation_wavelength.wavelength   1.0000 
_diffrn_radiation_wavelength.wt           1.0 
# 
_diffrn_source.diffrn_id                   1 
_diffrn_source.source                      SYNCHROTRON 
_diffrn_source.type                        'SPRING-8 BEAMLINE BL41XU' 
_diffrn_source.pdbx_synchrotron_site       SPring-8 
_diffrn_source.pdbx_synchrotron_beamline   BL41XU 
_diffrn_source.pdbx_wavelength             ? 
_diffrn_source.pdbx_wavelength_list        1.0000 
# 
_reflns.entry_id                     3A7P 
_reflns.observed_criterion_sigma_I   -3 
_reflns.observed_criterion_sigma_F   0 
_reflns.d_resolution_low             50 
_reflns.d_resolution_high            2.8 
_reflns.number_obs                   15085 
_reflns.number_all                   15085 
_reflns.percent_possible_obs         97.5 
_reflns.pdbx_Rmerge_I_obs            0.077 
_reflns.pdbx_Rsym_value              ? 
_reflns.B_iso_Wilson_estimate        ? 
_reflns.pdbx_redundancy              13.2 
_reflns.pdbx_netI_over_sigmaI        13.1 
_reflns.R_free_details               ? 
_reflns.limit_h_max                  ? 
_reflns.limit_h_min                  ? 
_reflns.limit_k_max                  ? 
_reflns.limit_k_min                  ? 
_reflns.limit_l_max                  ? 
_reflns.limit_l_min                  ? 
_reflns.observed_criterion_F_max     ? 
_reflns.observed_criterion_F_min     ? 
_reflns.pdbx_chi_squared             ? 
_reflns.pdbx_scaling_rejects         ? 
_reflns.pdbx_diffrn_id               1 
_reflns.pdbx_ordinal                 1 
# 
_reflns_shell.d_res_high             2.8 
_reflns_shell.d_res_low              2.9 
_reflns_shell.percent_possible_all   81.0 
_reflns_shell.Rmerge_I_obs           0.300 
_reflns_shell.pdbx_Rsym_value        ? 
_reflns_shell.meanI_over_sigI_obs    ? 
_reflns_shell.pdbx_redundancy        ? 
_reflns_shell.percent_possible_obs   ? 
_reflns_shell.number_unique_all      1204 
_reflns_shell.number_measured_all    ? 
_reflns_shell.number_measured_obs    ? 
_reflns_shell.number_unique_obs      ? 
_reflns_shell.pdbx_chi_squared       ? 
_reflns_shell.pdbx_diffrn_id         ? 
_reflns_shell.pdbx_ordinal           1 
# 
_refine.entry_id                                 3A7P 
_refine.ls_number_reflns_obs                     13763 
_refine.ls_number_reflns_all                     13763 
_refine.pdbx_ls_sigma_I                          ? 
_refine.pdbx_ls_sigma_F                          0 
_refine.pdbx_data_cutoff_high_absF               ? 
_refine.pdbx_data_cutoff_low_absF                ? 
_refine.pdbx_data_cutoff_high_rms_absF           ? 
_refine.ls_d_res_low                             46.1 
_refine.ls_d_res_high                            2.8 
_refine.ls_percent_reflns_obs                    89.2 
_refine.ls_R_factor_obs                          0.254 
_refine.ls_R_factor_all                          0.254 
_refine.ls_R_factor_R_work                       0.253 
_refine.ls_R_factor_R_free                       0.264 
_refine.ls_R_factor_R_free_error                 ? 
_refine.ls_R_factor_R_free_error_details         ? 
_refine.ls_percent_reflns_R_free                 ? 
_refine.ls_number_reflns_R_free                  1390 
_refine.ls_number_parameters                     ? 
_refine.ls_number_restraints                     ? 
_refine.occupancy_min                            ? 
_refine.occupancy_max                            ? 
_refine.correlation_coeff_Fo_to_Fc               ? 
_refine.correlation_coeff_Fo_to_Fc_free          ? 
_refine.B_iso_mean                               70.6 
_refine.aniso_B[1][1]                            -18.59 
_refine.aniso_B[2][2]                            -18.59 
_refine.aniso_B[3][3]                            37.18 
_refine.aniso_B[1][2]                            -25.59 
_refine.aniso_B[1][3]                            0.00 
_refine.aniso_B[2][3]                            0.00 
_refine.solvent_model_details                    ? 
_refine.solvent_model_param_ksol                 ? 
_refine.solvent_model_param_bsol                 ? 
_refine.pdbx_solvent_vdw_probe_radii             ? 
_refine.pdbx_solvent_ion_probe_radii             ? 
_refine.pdbx_solvent_shrinkage_radii             ? 
_refine.pdbx_ls_cross_valid_method               THROUGHOUT 
_refine.details                                  ? 
_refine.pdbx_starting_model                      'PDB ENTRY 3A7O' 
_refine.pdbx_method_to_determine_struct          'MOLECULAR REPLACEMENT' 
_refine.pdbx_isotropic_thermal_model             RESTRAINED 
_refine.pdbx_stereochemistry_target_values       'Engh & Huber' 
_refine.pdbx_stereochem_target_val_spec_case     ? 
_refine.pdbx_R_Free_selection_details            RANDOM 
_refine.pdbx_overall_ESU_R                       ? 
_refine.pdbx_overall_ESU_R_Free                  ? 
_refine.overall_SU_ML                            ? 
_refine.overall_SU_B                             ? 
_refine.ls_redundancy_reflns_obs                 ? 
_refine.B_iso_min                                ? 
_refine.B_iso_max                                ? 
_refine.overall_SU_R_Cruickshank_DPI             ? 
_refine.overall_SU_R_free                        ? 
_refine.ls_wR_factor_R_free                      ? 
_refine.ls_wR_factor_R_work                      ? 
_refine.overall_FOM_free_R_set                   ? 
_refine.overall_FOM_work_R_set                   ? 
_refine.pdbx_refine_id                           'X-RAY DIFFRACTION' 
_refine.pdbx_overall_phase_error                 ? 
_refine.pdbx_diffrn_id                           1 
_refine.pdbx_TLS_residual_ADP_flag               ? 
_refine.pdbx_overall_SU_R_free_Cruickshank_DPI   ? 
_refine.pdbx_overall_SU_R_Blow_DPI               ? 
_refine.pdbx_overall_SU_R_free_Blow_DPI          ? 
# 
_refine_hist.pdbx_refine_id                   'X-RAY DIFFRACTION' 
_refine_hist.cycle_id                         LAST 
_refine_hist.pdbx_number_atoms_protein        1293 
_refine_hist.pdbx_number_atoms_nucleic_acid   0 
_refine_hist.pdbx_number_atoms_ligand         0 
_refine_hist.number_atoms_solvent             28 
_refine_hist.number_atoms_total               1321 
_refine_hist.d_res_high                       2.8 
_refine_hist.d_res_low                        46.1 
# 
loop_
_refine_ls_restr.type 
_refine_ls_restr.dev_ideal 
_refine_ls_restr.dev_ideal_target 
_refine_ls_restr.weight 
_refine_ls_restr.number 
_refine_ls_restr.pdbx_refine_id 
_refine_ls_restr.pdbx_restraint_function 
c_bond_d           0.008 ? ? ? 'X-RAY DIFFRACTION' ? 
c_angle_deg        1.1   ? ? ? 'X-RAY DIFFRACTION' ? 
c_dihedral_angle_d 16.2  ? ? ? 'X-RAY DIFFRACTION' ? 
c_improper_angle_d 0.68  ? ? ? 'X-RAY DIFFRACTION' ? 
c_mcbond_it        1.29  ? ? ? 'X-RAY DIFFRACTION' ? 
# 
_refine_ls_shell.pdbx_total_number_of_bins_used   ? 
_refine_ls_shell.d_res_high                       2.8 
_refine_ls_shell.d_res_low                        2.98 
_refine_ls_shell.number_reflns_R_work             ? 
_refine_ls_shell.R_factor_R_work                  0.436 
_refine_ls_shell.percent_reflns_obs               66.2 
_refine_ls_shell.R_factor_R_free                  0.481 
_refine_ls_shell.R_factor_R_free_error            0.040 
_refine_ls_shell.percent_reflns_R_free            ? 
_refine_ls_shell.number_reflns_R_free             147 
_refine_ls_shell.number_reflns_all                ? 
_refine_ls_shell.R_factor_all                     ? 
_refine_ls_shell.number_reflns_obs                1652 
_refine_ls_shell.redundancy_reflns_obs            ? 
_refine_ls_shell.pdbx_refine_id                   'X-RAY DIFFRACTION' 
# 
_struct.entry_id                  3A7P 
_struct.title                     'The crystal structure of Saccharomyces cerevisiae Atg16' 
_struct.pdbx_model_details        ? 
_struct.pdbx_CASP_flag            ? 
_struct.pdbx_model_type_details   ? 
# 
_struct_keywords.entry_id        3A7P 
_struct_keywords.pdbx_keywords   'PROTEIN TRANSPORT' 
_struct_keywords.text            'coiled-coil, Autophagy, Coiled coil, Cytoplasmic vesicle, Protein transport, Transport, Vacuole' 
# 
loop_
_struct_asym.id 
_struct_asym.pdbx_blank_PDB_chainid_flag 
_struct_asym.pdbx_modified 
_struct_asym.entity_id 
_struct_asym.details 
A N N 1 ? 
B N N 1 ? 
C N N 2 ? 
D N N 2 ? 
# 
_struct_biol.id        1 
_struct_biol.details   ? 
# 
loop_
_struct_conf.conf_type_id 
_struct_conf.id 
_struct_conf.pdbx_PDB_helix_id 
_struct_conf.beg_label_comp_id 
_struct_conf.beg_label_asym_id 
_struct_conf.beg_label_seq_id 
_struct_conf.pdbx_beg_PDB_ins_code 
_struct_conf.end_label_comp_id 
_struct_conf.end_label_asym_id 
_struct_conf.end_label_seq_id 
_struct_conf.pdbx_end_PDB_ins_code 
_struct_conf.beg_auth_comp_id 
_struct_conf.beg_auth_asym_id 
_struct_conf.beg_auth_seq_id 
_struct_conf.end_auth_comp_id 
_struct_conf.end_auth_asym_id 
_struct_conf.end_auth_seq_id 
_struct_conf.pdbx_PDB_helix_class 
_struct_conf.details 
_struct_conf.pdbx_PDB_helix_length 
HELX_P HELX_P1 1 GLY A 57  ? MET A 144 ? GLY A 55  MET A 142 1 ? 88 
HELX_P HELX_P2 2 ASP B 63  ? ALA B 131 ? ASP B 61  ALA B 129 1 ? 69 
HELX_P HELX_P3 3 ARG B 132 ? LYS B 135 ? ARG B 130 LYS B 133 5 ? 4  
# 
_struct_conf_type.id          HELX_P 
_struct_conf_type.criteria    ? 
_struct_conf_type.reference   ? 
# 
_atom_sites.entry_id                    3A7P 
_atom_sites.fract_transf_matrix[1][1]   -0.00548824 
_atom_sites.fract_transf_matrix[1][2]   0.00847675 
_atom_sites.fract_transf_matrix[1][3]   -0.00052155 
_atom_sites.fract_transf_matrix[2][1]   -0.00838292 
_atom_sites.fract_transf_matrix[2][2]   0.00025628 
_atom_sites.fract_transf_matrix[2][3]   -0.00564921 
_atom_sites.fract_transf_matrix[3][1]   -0.00345083 
_atom_sites.fract_transf_matrix[3][2]   -0.00192453 
_atom_sites.fract_transf_matrix[3][3]   0.00503341 
_atom_sites.fract_transf_vector[1]      0.744952 
_atom_sites.fract_transf_vector[2]      1.404779 
_atom_sites.fract_transf_vector[3]      -0.766290 
# 
loop_
_atom_type.symbol 
C 
N 
O 
# 
loop_
_atom_site.group_PDB 
_atom_site.id 
_atom_site.type_symbol 
_atom_site.label_atom_id 
_atom_site.label_alt_id 
_atom_site.label_comp_id 
_atom_site.label_asym_id 
_atom_site.label_entity_id 
_atom_site.label_seq_id 
_atom_site.pdbx_PDB_ins_code 
_atom_site.Cartn_x 
_atom_site.Cartn_y 
_atom_site.Cartn_z 
_atom_site.occupancy 
_atom_site.B_iso_or_equiv 
_atom_site.pdbx_formal_charge 
_atom_site.auth_seq_id 
_atom_site.auth_comp_id 
_atom_site.auth_asym_id 
_atom_site.auth_atom_id 
_atom_site.pdbx_PDB_model_num 
ATOM   1    N N   . GLY A 1 57  ? 14.323  -41.801 43.634  1.00 114.18 ? 55  GLY A N   1 
ATOM   2    C CA  . GLY A 1 57  ? 15.168  -42.001 42.423  1.00 114.50 ? 55  GLY A CA  1 
ATOM   3    C C   . GLY A 1 57  ? 14.343  -42.186 41.159  1.00 114.92 ? 55  GLY A C   1 
ATOM   4    O O   . GLY A 1 57  ? 14.633  -41.568 40.134  1.00 115.55 ? 55  GLY A O   1 
ATOM   5    N N   . ASN A 1 58  ? 13.320  -43.041 41.230  1.00 114.43 ? 56  ASN A N   1 
ATOM   6    C CA  . ASN A 1 58  ? 12.444  -43.307 40.085  1.00 112.94 ? 56  ASN A CA  1 
ATOM   7    C C   . ASN A 1 58  ? 11.506  -42.121 39.847  1.00 112.07 ? 56  ASN A C   1 
ATOM   8    O O   . ASN A 1 58  ? 11.492  -41.535 38.757  1.00 111.31 ? 56  ASN A O   1 
ATOM   9    C CB  . ASN A 1 58  ? 11.636  -44.582 40.331  1.00 112.46 ? 56  ASN A CB  1 
ATOM   10   N N   . ILE A 1 59  ? 10.728  -41.781 40.877  1.00 110.76 ? 57  ILE A N   1 
ATOM   11   C CA  . ILE A 1 59  ? 9.785   -40.663 40.825  1.00 109.37 ? 57  ILE A CA  1 
ATOM   12   C C   . ILE A 1 59  ? 10.535  -39.326 40.847  1.00 108.57 ? 57  ILE A C   1 
ATOM   13   O O   . ILE A 1 59  ? 10.157  -38.381 40.153  1.00 108.75 ? 57  ILE A O   1 
ATOM   14   C CB  . ILE A 1 59  ? 8.797   -40.704 42.025  1.00 109.36 ? 57  ILE A CB  1 
ATOM   15   C CG1 . ILE A 1 59  ? 7.832   -41.888 41.874  1.00 109.10 ? 57  ILE A CG1 1 
ATOM   16   C CG2 . ILE A 1 59  ? 8.033   -39.387 42.123  1.00 109.15 ? 57  ILE A CG2 1 
ATOM   17   C CD1 . ILE A 1 59  ? 6.916   -41.805 40.662  1.00 108.02 ? 57  ILE A CD1 1 
ATOM   18   N N   . VAL A 1 60  ? 11.593  -39.253 41.652  1.00 106.86 ? 58  VAL A N   1 
ATOM   19   C CA  . VAL A 1 60  ? 12.400  -38.041 41.749  1.00 104.84 ? 58  VAL A CA  1 
ATOM   20   C C   . VAL A 1 60  ? 13.119  -37.768 40.422  1.00 103.90 ? 58  VAL A C   1 
ATOM   21   O O   . VAL A 1 60  ? 13.309  -36.614 40.033  1.00 104.69 ? 58  VAL A O   1 
ATOM   22   C CB  . VAL A 1 60  ? 13.455  -38.155 42.888  1.00 104.96 ? 58  VAL A CB  1 
ATOM   23   C CG1 . VAL A 1 60  ? 14.362  -36.925 42.889  1.00 104.61 ? 58  VAL A CG1 1 
ATOM   24   C CG2 . VAL A 1 60  ? 12.755  -38.295 44.238  1.00 104.00 ? 58  VAL A CG2 1 
ATOM   25   N N   . SER A 1 61  ? 13.522  -38.830 39.727  1.00 101.87 ? 59  SER A N   1 
ATOM   26   C CA  . SER A 1 61  ? 14.203  -38.681 38.444  1.00 99.04  ? 59  SER A CA  1 
ATOM   27   C C   . SER A 1 61  ? 13.168  -38.103 37.487  1.00 96.80  ? 59  SER A C   1 
ATOM   28   O O   . SER A 1 61  ? 13.451  -37.178 36.728  1.00 96.63  ? 59  SER A O   1 
ATOM   29   C CB  . SER A 1 61  ? 14.699  -40.043 37.926  1.00 99.10  ? 59  SER A CB  1 
ATOM   30   O OG  . SER A 1 61  ? 15.621  -39.916 36.851  1.00 98.61  ? 59  SER A OG  1 
ATOM   31   N N   . HIS A 1 62  ? 11.960  -38.652 37.555  1.00 93.85  ? 60  HIS A N   1 
ATOM   32   C CA  . HIS A 1 62  ? 10.864  -38.219 36.702  1.00 91.29  ? 60  HIS A CA  1 
ATOM   33   C C   . HIS A 1 62  ? 10.491  -36.764 36.933  1.00 89.43  ? 60  HIS A C   1 
ATOM   34   O O   . HIS A 1 62  ? 10.477  -35.957 35.999  1.00 89.88  ? 60  HIS A O   1 
ATOM   35   C CB  . HIS A 1 62  ? 9.643   -39.096 36.949  1.00 92.22  ? 60  HIS A CB  1 
ATOM   36   C CG  . HIS A 1 62  ? 8.494   -38.791 36.041  1.00 93.22  ? 60  HIS A CG  1 
ATOM   37   N ND1 . HIS A 1 62  ? 8.637   -38.697 34.674  1.00 93.23  ? 60  HIS A ND1 1 
ATOM   38   C CD2 . HIS A 1 62  ? 7.182   -38.579 36.303  1.00 93.44  ? 60  HIS A CD2 1 
ATOM   39   C CE1 . HIS A 1 62  ? 7.459   -38.438 34.129  1.00 93.64  ? 60  HIS A CE1 1 
ATOM   40   N NE2 . HIS A 1 62  ? 6.561   -38.362 35.095  1.00 93.55  ? 60  HIS A NE2 1 
ATOM   41   N N   . ASP A 1 63  ? 10.180  -36.436 38.181  1.00 86.52  ? 61  ASP A N   1 
ATOM   42   C CA  . ASP A 1 63  ? 9.806   -35.079 38.544  1.00 83.40  ? 61  ASP A CA  1 
ATOM   43   C C   . ASP A 1 63  ? 10.878  -34.073 38.118  1.00 81.28  ? 61  ASP A C   1 
ATOM   44   O O   . ASP A 1 63  ? 10.553  -33.015 37.591  1.00 81.37  ? 61  ASP A O   1 
ATOM   45   C CB  . ASP A 1 63  ? 9.559   -34.999 40.050  1.00 83.63  ? 61  ASP A CB  1 
ATOM   46   C CG  . ASP A 1 63  ? 8.273   -35.694 40.466  1.00 84.14  ? 61  ASP A CG  1 
ATOM   47   O OD1 . ASP A 1 63  ? 7.855   -36.659 39.790  1.00 84.92  ? 61  ASP A OD1 1 
ATOM   48   O OD2 . ASP A 1 63  ? 7.685   -35.280 41.483  1.00 84.49  ? 61  ASP A OD2 1 
ATOM   49   N N   . ASP A 1 64  ? 12.151  -34.403 38.333  1.00 78.48  ? 62  ASP A N   1 
ATOM   50   C CA  . ASP A 1 64  ? 13.230  -33.499 37.944  1.00 76.61  ? 62  ASP A CA  1 
ATOM   51   C C   . ASP A 1 64  ? 13.195  -33.240 36.446  1.00 75.35  ? 62  ASP A C   1 
ATOM   52   O O   . ASP A 1 64  ? 13.588  -32.169 35.980  1.00 75.67  ? 62  ASP A O   1 
ATOM   53   C CB  . ASP A 1 64  ? 14.599  -34.072 38.329  1.00 77.14  ? 62  ASP A CB  1 
ATOM   54   C CG  . ASP A 1 64  ? 14.900  -33.927 39.810  1.00 78.83  ? 62  ASP A CG  1 
ATOM   55   O OD1 . ASP A 1 64  ? 14.023  -33.429 40.552  1.00 79.24  ? 62  ASP A OD1 1 
ATOM   56   O OD2 . ASP A 1 64  ? 16.013  -34.311 40.236  1.00 79.38  ? 62  ASP A OD2 1 
ATOM   57   N N   . ALA A 1 65  ? 12.728  -34.223 35.687  1.00 73.90  ? 63  ALA A N   1 
ATOM   58   C CA  . ALA A 1 65  ? 12.634  -34.071 34.241  1.00 72.10  ? 63  ALA A CA  1 
ATOM   59   C C   . ALA A 1 65  ? 11.488  -33.110 33.958  1.00 71.04  ? 63  ALA A C   1 
ATOM   60   O O   . ALA A 1 65  ? 11.620  -32.195 33.142  1.00 71.44  ? 63  ALA A O   1 
ATOM   61   C CB  . ALA A 1 65  ? 12.367  -35.409 33.589  1.00 72.01  ? 63  ALA A CB  1 
ATOM   62   N N   . LEU A 1 66  ? 10.365  -33.324 34.641  1.00 68.37  ? 64  LEU A N   1 
ATOM   63   C CA  . LEU A 1 66  ? 9.198   -32.463 34.488  1.00 66.94  ? 64  LEU A CA  1 
ATOM   64   C C   . LEU A 1 66  ? 9.575   -31.010 34.811  1.00 66.71  ? 64  LEU A C   1 
ATOM   65   O O   . LEU A 1 66  ? 9.318   -30.085 34.025  1.00 65.98  ? 64  LEU A O   1 
ATOM   66   C CB  . LEU A 1 66  ? 8.080   -32.922 35.429  1.00 65.10  ? 64  LEU A CB  1 
ATOM   67   C CG  . LEU A 1 66  ? 7.435   -34.270 35.103  1.00 64.81  ? 64  LEU A CG  1 
ATOM   68   C CD1 . LEU A 1 66  ? 6.455   -34.643 36.192  1.00 65.07  ? 64  LEU A CD1 1 
ATOM   69   C CD2 . LEU A 1 66  ? 6.717   -34.192 33.769  1.00 64.01  ? 64  LEU A CD2 1 
ATOM   70   N N   . LEU A 1 67  ? 10.191  -30.823 35.977  1.00 66.33  ? 65  LEU A N   1 
ATOM   71   C CA  . LEU A 1 67  ? 10.611  -29.502 36.419  1.00 65.21  ? 65  LEU A CA  1 
ATOM   72   C C   . LEU A 1 67  ? 11.574  -28.852 35.438  1.00 65.67  ? 65  LEU A C   1 
ATOM   73   O O   . LEU A 1 67  ? 11.591  -27.625 35.300  1.00 66.40  ? 65  LEU A O   1 
ATOM   74   C CB  . LEU A 1 67  ? 11.248  -29.568 37.813  1.00 62.95  ? 65  LEU A CB  1 
ATOM   75   C CG  . LEU A 1 67  ? 10.307  -29.901 38.972  1.00 61.59  ? 65  LEU A CG  1 
ATOM   76   C CD1 . LEU A 1 67  ? 11.028  -29.640 40.269  1.00 60.96  ? 65  LEU A CD1 1 
ATOM   77   C CD2 . LEU A 1 67  ? 9.049   -29.050 38.906  1.00 60.13  ? 65  LEU A CD2 1 
ATOM   78   N N   . ASN A 1 68  ? 12.385  -29.658 34.760  1.00 65.43  ? 66  ASN A N   1 
ATOM   79   C CA  . ASN A 1 68  ? 13.305  -29.088 33.790  1.00 65.52  ? 66  ASN A CA  1 
ATOM   80   C C   . ASN A 1 68  ? 12.504  -28.667 32.569  1.00 65.91  ? 66  ASN A C   1 
ATOM   81   O O   . ASN A 1 68  ? 12.675  -27.560 32.049  1.00 65.14  ? 66  ASN A O   1 
ATOM   82   C CB  . ASN A 1 68  ? 14.377  -30.091 33.385  1.00 66.35  ? 66  ASN A CB  1 
ATOM   83   C CG  . ASN A 1 68  ? 15.462  -30.230 34.422  1.00 66.72  ? 66  ASN A CG  1 
ATOM   84   O OD1 . ASN A 1 68  ? 15.650  -29.354 35.267  1.00 67.80  ? 66  ASN A OD1 1 
ATOM   85   N ND2 . ASN A 1 68  ? 16.202  -31.327 34.349  1.00 69.54  ? 66  ASN A ND2 1 
ATOM   86   N N   . THR A 1 69  ? 11.617  -29.549 32.118  1.00 66.01  ? 67  THR A N   1 
ATOM   87   C CA  . THR A 1 69  ? 10.786  -29.240 30.964  1.00 64.91  ? 67  THR A CA  1 
ATOM   88   C C   . THR A 1 69  ? 10.074  -27.920 31.230  1.00 65.03  ? 67  THR A C   1 
ATOM   89   O O   . THR A 1 69  ? 10.122  -27.006 30.402  1.00 65.24  ? 67  THR A O   1 
ATOM   90   C CB  . THR A 1 69  ? 9.751   -30.347 30.707  1.00 64.39  ? 67  THR A CB  1 
ATOM   91   O OG1 . THR A 1 69  ? 10.413  -31.495 30.159  1.00 62.44  ? 67  THR A OG1 1 
ATOM   92   C CG2 . THR A 1 69  ? 8.678   -29.860 29.745  1.00 63.00  ? 67  THR A CG2 1 
ATOM   93   N N   . LEU A 1 70  ? 9.432   -27.819 32.393  1.00 63.69  ? 68  LEU A N   1 
ATOM   94   C CA  . LEU A 1 70  ? 8.729   -26.596 32.756  1.00 63.04  ? 68  LEU A CA  1 
ATOM   95   C C   . LEU A 1 70  ? 9.707   -25.415 32.670  1.00 62.33  ? 68  LEU A C   1 
ATOM   96   O O   . LEU A 1 70  ? 9.389   -24.385 32.076  1.00 63.23  ? 68  LEU A O   1 
ATOM   97   C CB  . LEU A 1 70  ? 8.148   -26.707 34.175  1.00 63.25  ? 68  LEU A CB  1 
ATOM   98   C CG  . LEU A 1 70  ? 6.951   -25.822 34.547  1.00 61.83  ? 68  LEU A CG  1 
ATOM   99   C CD1 . LEU A 1 70  ? 6.621   -25.989 36.015  1.00 62.85  ? 68  LEU A CD1 1 
ATOM   100  C CD2 . LEU A 1 70  ? 7.277   -24.387 34.286  1.00 63.89  ? 68  LEU A CD2 1 
ATOM   101  N N   . ALA A 1 71  ? 10.899  -25.563 33.239  1.00 60.39  ? 69  ALA A N   1 
ATOM   102  C CA  . ALA A 1 71  ? 11.886  -24.488 33.189  1.00 60.36  ? 69  ALA A CA  1 
ATOM   103  C C   . ALA A 1 71  ? 12.152  -24.054 31.748  1.00 61.58  ? 69  ALA A C   1 
ATOM   104  O O   . ALA A 1 71  ? 12.217  -22.860 31.443  1.00 61.61  ? 69  ALA A O   1 
ATOM   105  C CB  . ALA A 1 71  ? 13.180  -24.932 33.839  1.00 59.34  ? 69  ALA A CB  1 
ATOM   106  N N   . ILE A 1 72  ? 12.311  -25.034 30.864  1.00 61.99  ? 70  ILE A N   1 
ATOM   107  C CA  . ILE A 1 72  ? 12.562  -24.759 29.457  1.00 62.01  ? 70  ILE A CA  1 
ATOM   108  C C   . ILE A 1 72  ? 11.367  -24.025 28.845  1.00 62.87  ? 70  ILE A C   1 
ATOM   109  O O   . ILE A 1 72  ? 11.534  -22.989 28.197  1.00 62.97  ? 70  ILE A O   1 
ATOM   110  C CB  . ILE A 1 72  ? 12.812  -26.069 28.663  1.00 62.17  ? 70  ILE A CB  1 
ATOM   111  C CG1 . ILE A 1 72  ? 14.120  -26.720 29.137  1.00 63.48  ? 70  ILE A CG1 1 
ATOM   112  C CG2 . ILE A 1 72  ? 12.856  -25.775 27.171  1.00 59.57  ? 70  ILE A CG2 1 
ATOM   113  C CD1 . ILE A 1 72  ? 14.479  -28.021 28.429  1.00 62.17  ? 70  ILE A CD1 1 
ATOM   114  N N   . LEU A 1 73  ? 10.165  -24.561 29.054  1.00 62.49  ? 71  LEU A N   1 
ATOM   115  C CA  . LEU A 1 73  ? 8.953   -23.953 28.510  1.00 62.01  ? 71  LEU A CA  1 
ATOM   116  C C   . LEU A 1 73  ? 8.805   -22.494 28.884  1.00 63.57  ? 71  LEU A C   1 
ATOM   117  O O   . LEU A 1 73  ? 8.526   -21.654 28.032  1.00 65.06  ? 71  LEU A O   1 
ATOM   118  C CB  . LEU A 1 73  ? 7.706   -24.705 28.969  1.00 60.11  ? 71  LEU A CB  1 
ATOM   119  C CG  . LEU A 1 73  ? 7.350   -25.941 28.153  1.00 59.93  ? 71  LEU A CG  1 
ATOM   120  C CD1 . LEU A 1 73  ? 6.018   -26.493 28.609  1.00 60.93  ? 71  LEU A CD1 1 
ATOM   121  C CD2 . LEU A 1 73  ? 7.283   -25.565 26.691  1.00 60.16  ? 71  LEU A CD2 1 
ATOM   122  N N   . GLN A 1 74  ? 8.979   -22.181 30.160  1.00 64.27  ? 72  GLN A N   1 
ATOM   123  C CA  . GLN A 1 74  ? 8.850   -20.802 30.571  1.00 65.48  ? 72  GLN A CA  1 
ATOM   124  C C   . GLN A 1 74  ? 9.764   -19.926 29.725  1.00 65.52  ? 72  GLN A C   1 
ATOM   125  O O   . GLN A 1 74  ? 9.320   -18.920 29.186  1.00 66.20  ? 72  GLN A O   1 
ATOM   126  C CB  . GLN A 1 74  ? 9.194   -20.650 32.044  1.00 66.29  ? 72  GLN A CB  1 
ATOM   127  C CG  . GLN A 1 74  ? 9.294   -19.212 32.473  1.00 69.67  ? 72  GLN A CG  1 
ATOM   128  C CD  . GLN A 1 74  ? 9.539   -19.096 33.947  1.00 71.43  ? 72  GLN A CD  1 
ATOM   129  O OE1 . GLN A 1 74  ? 8.625   -18.823 34.720  1.00 73.91  ? 72  GLN A OE1 1 
ATOM   130  N NE2 . GLN A 1 74  ? 10.779  -19.327 34.356  1.00 74.49  ? 72  GLN A NE2 1 
ATOM   131  N N   . LYS A 1 75  ? 11.030  -20.322 29.599  1.00 65.84  ? 73  LYS A N   1 
ATOM   132  C CA  . LYS A 1 75  ? 12.010  -19.569 28.816  1.00 66.39  ? 73  LYS A CA  1 
ATOM   133  C C   . LYS A 1 75  ? 11.586  -19.389 27.369  1.00 67.09  ? 73  LYS A C   1 
ATOM   134  O O   . LYS A 1 75  ? 11.617  -18.274 26.829  1.00 67.78  ? 73  LYS A O   1 
ATOM   135  C CB  . LYS A 1 75  ? 13.363  -20.277 28.828  1.00 67.51  ? 73  LYS A CB  1 
ATOM   136  C CG  . LYS A 1 75  ? 14.270  -19.924 29.982  1.00 69.96  ? 73  LYS A CG  1 
ATOM   137  C CD  . LYS A 1 75  ? 14.867  -18.552 29.798  1.00 70.84  ? 73  LYS A CD  1 
ATOM   138  C CE  . LYS A 1 75  ? 15.793  -18.202 30.949  1.00 70.71  ? 73  LYS A CE  1 
ATOM   139  N NZ  . LYS A 1 75  ? 16.305  -16.811 30.768  1.00 71.84  ? 73  LYS A NZ  1 
ATOM   140  N N   . GLU A 1 76  ? 11.207  -20.496 26.735  1.00 66.68  ? 74  GLU A N   1 
ATOM   141  C CA  . GLU A 1 76  ? 10.799  -20.459 25.341  1.00 65.99  ? 74  GLU A CA  1 
ATOM   142  C C   . GLU A 1 76  ? 9.596   -19.568 25.144  1.00 64.59  ? 74  GLU A C   1 
ATOM   143  O O   . GLU A 1 76  ? 9.548   -18.795 24.187  1.00 65.29  ? 74  GLU A O   1 
ATOM   144  C CB  . GLU A 1 76  ? 10.497  -21.863 24.841  1.00 66.61  ? 74  GLU A CB  1 
ATOM   145  C CG  . GLU A 1 76  ? 11.666  -22.795 25.000  1.00 69.77  ? 74  GLU A CG  1 
ATOM   146  C CD  . GLU A 1 76  ? 11.437  -24.129 24.327  1.00 72.76  ? 74  GLU A CD  1 
ATOM   147  O OE1 . GLU A 1 76  ? 10.377  -24.756 24.577  1.00 72.88  ? 74  GLU A OE1 1 
ATOM   148  O OE2 . GLU A 1 76  ? 12.326  -24.553 23.552  1.00 74.72  ? 74  GLU A OE2 1 
ATOM   149  N N   . LEU A 1 77  ? 8.626   -19.674 26.049  1.00 62.17  ? 75  LEU A N   1 
ATOM   150  C CA  . LEU A 1 77  ? 7.432   -18.848 25.957  1.00 60.02  ? 75  LEU A CA  1 
ATOM   151  C C   . LEU A 1 77  ? 7.782   -17.363 26.005  1.00 60.68  ? 75  LEU A C   1 
ATOM   152  O O   . LEU A 1 77  ? 7.458   -16.649 25.075  1.00 61.85  ? 75  LEU A O   1 
ATOM   153  C CB  . LEU A 1 77  ? 6.428   -19.198 27.061  1.00 57.59  ? 75  LEU A CB  1 
ATOM   154  C CG  . LEU A 1 77  ? 5.550   -20.426 26.813  1.00 56.32  ? 75  LEU A CG  1 
ATOM   155  C CD1 . LEU A 1 77  ? 4.544   -20.552 27.942  1.00 53.44  ? 75  LEU A CD1 1 
ATOM   156  C CD2 . LEU A 1 77  ? 4.819   -20.283 25.473  1.00 55.02  ? 75  LEU A CD2 1 
ATOM   157  N N   . LYS A 1 78  ? 8.464   -16.888 27.045  1.00 61.94  ? 76  LYS A N   1 
ATOM   158  C CA  . LYS A 1 78  ? 8.782   -15.477 27.073  1.00 61.49  ? 76  LYS A CA  1 
ATOM   159  C C   . LYS A 1 78  ? 9.571   -15.092 25.831  1.00 61.86  ? 76  LYS A C   1 
ATOM   160  O O   . LYS A 1 78  ? 9.472   -13.965 25.343  1.00 61.20  ? 76  LYS A O   1 
ATOM   161  C CB  . LYS A 1 78  ? 9.542   -15.105 28.339  1.00 60.87  ? 76  LYS A CB  1 
ATOM   162  C CG  . LYS A 1 78  ? 8.627   -14.861 29.509  1.00 65.27  ? 76  LYS A CG  1 
ATOM   163  C CD  . LYS A 1 78  ? 9.409   -14.288 30.672  1.00 70.18  ? 76  LYS A CD  1 
ATOM   164  C CE  . LYS A 1 78  ? 9.922   -12.884 30.373  1.00 74.13  ? 76  LYS A CE  1 
ATOM   165  N NZ  . LYS A 1 78  ? 10.577  -12.216 31.544  1.00 75.11  ? 76  LYS A NZ  1 
ATOM   166  N N   . SER A 1 79  ? 10.332  -16.035 25.293  1.00 60.95  ? 77  SER A N   1 
ATOM   167  C CA  . SER A 1 79  ? 11.122  -15.759 24.101  1.00 60.65  ? 77  SER A CA  1 
ATOM   168  C C   . SER A 1 79  ? 10.228  -15.539 22.887  1.00 60.20  ? 77  SER A C   1 
ATOM   169  O O   . SER A 1 79  ? 10.394  -14.565 22.159  1.00 60.24  ? 77  SER A O   1 
ATOM   170  C CB  . SER A 1 79  ? 12.074  -16.919 23.824  1.00 61.71  ? 77  SER A CB  1 
ATOM   171  O OG  . SER A 1 79  ? 12.933  -16.605 22.743  1.00 63.62  ? 77  SER A OG  1 
ATOM   172  N N   . LYS A 1 80  ? 9.290   -16.456 22.666  1.00 61.82  ? 78  LYS A N   1 
ATOM   173  C CA  . LYS A 1 80  ? 8.366   -16.351 21.539  1.00 61.97  ? 78  LYS A CA  1 
ATOM   174  C C   . LYS A 1 80  ? 7.500   -15.089 21.625  1.00 62.24  ? 78  LYS A C   1 
ATOM   175  O O   . LYS A 1 80  ? 7.373   -14.350 20.644  1.00 62.61  ? 78  LYS A O   1 
ATOM   176  C CB  . LYS A 1 80  ? 7.456   -17.587 21.453  1.00 60.49  ? 78  LYS A CB  1 
ATOM   177  C CG  . LYS A 1 80  ? 7.940   -18.672 20.506  1.00 60.05  ? 78  LYS A CG  1 
ATOM   178  C CD  . LYS A 1 80  ? 9.004   -19.557 21.125  1.00 61.85  ? 78  LYS A CD  1 
ATOM   179  C CE  . LYS A 1 80  ? 9.574   -20.549 20.099  1.00 64.15  ? 78  LYS A CE  1 
ATOM   180  N NZ  . LYS A 1 80  ? 10.509  -19.917 19.105  1.00 63.10  ? 78  LYS A NZ  1 
ATOM   181  N N   . GLU A 1 81  ? 6.910   -14.832 22.789  1.00 62.45  ? 79  GLU A N   1 
ATOM   182  C CA  . GLU A 1 81  ? 6.068   -13.654 22.923  1.00 63.75  ? 79  GLU A CA  1 
ATOM   183  C C   . GLU A 1 81  ? 6.869   -12.382 22.664  1.00 64.27  ? 79  GLU A C   1 
ATOM   184  O O   . GLU A 1 81  ? 6.347   -11.421 22.108  1.00 64.29  ? 79  GLU A O   1 
ATOM   185  C CB  . GLU A 1 81  ? 5.361   -13.632 24.291  1.00 64.29  ? 79  GLU A CB  1 
ATOM   186  C CG  . GLU A 1 81  ? 6.173   -14.173 25.441  1.00 66.24  ? 79  GLU A CG  1 
ATOM   187  C CD  . GLU A 1 81  ? 5.325   -14.626 26.629  1.00 66.78  ? 79  GLU A CD  1 
ATOM   188  O OE1 . GLU A 1 81  ? 4.481   -15.543 26.476  1.00 66.49  ? 79  GLU A OE1 1 
ATOM   189  O OE2 . GLU A 1 81  ? 5.513   -14.066 27.729  1.00 68.44  ? 79  GLU A OE2 1 
ATOM   190  N N   . GLN A 1 82  ? 8.138   -12.367 23.042  1.00 64.99  ? 80  GLN A N   1 
ATOM   191  C CA  . GLN A 1 82  ? 8.947   -11.192 22.751  1.00 66.59  ? 80  GLN A CA  1 
ATOM   192  C C   . GLN A 1 82  ? 9.006   -11.055 21.238  1.00 65.78  ? 80  GLN A C   1 
ATOM   193  O O   . GLN A 1 82  ? 8.813   -9.973  20.693  1.00 64.43  ? 80  GLN A O   1 
ATOM   194  C CB  . GLN A 1 82  ? 10.363  -11.350 23.282  1.00 69.48  ? 80  GLN A CB  1 
ATOM   195  C CG  . GLN A 1 82  ? 10.464  -11.249 24.779  1.00 75.43  ? 80  GLN A CG  1 
ATOM   196  C CD  . GLN A 1 82  ? 11.885  -11.433 25.250  1.00 78.35  ? 80  GLN A CD  1 
ATOM   197  O OE1 . GLN A 1 82  ? 12.832  -11.026 24.561  1.00 80.98  ? 80  GLN A OE1 1 
ATOM   198  N NE2 . GLN A 1 82  ? 12.053  -12.034 26.429  1.00 78.03  ? 80  GLN A NE2 1 
ATOM   199  N N   . GLU A 1 83  ? 9.270   -12.163 20.556  1.00 66.55  ? 81  GLU A N   1 
ATOM   200  C CA  . GLU A 1 83  ? 9.333   -12.124 19.108  1.00 67.44  ? 81  GLU A CA  1 
ATOM   201  C C   . GLU A 1 83  ? 7.990   -11.748 18.502  1.00 66.67  ? 81  GLU A C   1 
ATOM   202  O O   . GLU A 1 83  ? 7.933   -11.046 17.489  1.00 67.40  ? 81  GLU A O   1 
ATOM   203  C CB  . GLU A 1 83  ? 9.775   -13.460 18.515  1.00 69.56  ? 81  GLU A CB  1 
ATOM   204  C CG  . GLU A 1 83  ? 9.426   -13.521 17.033  1.00 75.30  ? 81  GLU A CG  1 
ATOM   205  C CD  . GLU A 1 83  ? 10.415  -14.286 16.193  1.00 78.64  ? 81  GLU A CD  1 
ATOM   206  O OE1 . GLU A 1 83  ? 10.464  -15.531 16.318  1.00 79.89  ? 81  GLU A OE1 1 
ATOM   207  O OE2 . GLU A 1 83  ? 11.138  -13.631 15.404  1.00 80.68  ? 81  GLU A OE2 1 
ATOM   208  N N   . ILE A 1 84  ? 6.907   -12.222 19.106  1.00 64.07  ? 82  ILE A N   1 
ATOM   209  C CA  . ILE A 1 84  ? 5.592   -11.906 18.582  1.00 62.26  ? 82  ILE A CA  1 
ATOM   210  C C   . ILE A 1 84  ? 5.283   -10.422 18.738  1.00 63.15  ? 82  ILE A C   1 
ATOM   211  O O   . ILE A 1 84  ? 4.547   -9.860  17.931  1.00 64.16  ? 82  ILE A O   1 
ATOM   212  C CB  . ILE A 1 84  ? 4.502   -12.739 19.262  1.00 60.73  ? 82  ILE A CB  1 
ATOM   213  C CG1 . ILE A 1 84  ? 4.753   -14.223 18.987  1.00 59.17  ? 82  ILE A CG1 1 
ATOM   214  C CG2 . ILE A 1 84  ? 3.141   -12.333 18.735  1.00 59.40  ? 82  ILE A CG2 1 
ATOM   215  C CD1 . ILE A 1 84  ? 3.801   -15.142 19.701  1.00 58.91  ? 82  ILE A CD1 1 
ATOM   216  N N   . ARG A 1 85  ? 5.838   -9.781  19.765  1.00 63.96  ? 83  ARG A N   1 
ATOM   217  C CA  . ARG A 1 85  ? 5.606   -8.350  19.951  1.00 63.99  ? 83  ARG A CA  1 
ATOM   218  C C   . ARG A 1 85  ? 6.398   -7.615  18.877  1.00 64.27  ? 83  ARG A C   1 
ATOM   219  O O   . ARG A 1 85  ? 5.915   -6.648  18.270  1.00 64.67  ? 83  ARG A O   1 
ATOM   220  C CB  . ARG A 1 85  ? 6.053   -7.886  21.344  1.00 64.25  ? 83  ARG A CB  1 
ATOM   221  C CG  . ARG A 1 85  ? 4.993   -8.080  22.443  1.00 70.04  ? 83  ARG A CG  1 
ATOM   222  C CD  . ARG A 1 85  ? 5.358   -7.327  23.729  1.00 72.94  ? 83  ARG A CD  1 
ATOM   223  N NE  . ARG A 1 85  ? 6.360   -8.026  24.533  1.00 76.43  ? 83  ARG A NE  1 
ATOM   224  C CZ  . ARG A 1 85  ? 6.110   -9.128  25.236  1.00 79.43  ? 83  ARG A CZ  1 
ATOM   225  N NH1 . ARG A 1 85  ? 4.880   -9.651  25.231  1.00 79.17  ? 83  ARG A NH1 1 
ATOM   226  N NH2 . ARG A 1 85  ? 7.087   -9.708  25.933  1.00 78.28  ? 83  ARG A NH2 1 
ATOM   227  N N   . ARG A 1 86  ? 7.612   -8.105  18.639  1.00 64.22  ? 84  ARG A N   1 
ATOM   228  C CA  . ARG A 1 86  ? 8.515   -7.538  17.646  1.00 63.30  ? 84  ARG A CA  1 
ATOM   229  C C   . ARG A 1 86  ? 7.896   -7.578  16.268  1.00 61.96  ? 84  ARG A C   1 
ATOM   230  O O   . ARG A 1 86  ? 7.817   -6.566  15.565  1.00 61.88  ? 84  ARG A O   1 
ATOM   231  C CB  . ARG A 1 86  ? 9.823   -8.317  17.626  1.00 65.05  ? 84  ARG A CB  1 
ATOM   232  C CG  . ARG A 1 86  ? 10.989  -7.502  18.113  1.00 70.09  ? 84  ARG A CG  1 
ATOM   233  C CD  . ARG A 1 86  ? 12.320  -8.212  17.921  1.00 76.14  ? 84  ARG A CD  1 
ATOM   234  N NE  . ARG A 1 86  ? 12.570  -9.216  18.956  1.00 79.94  ? 84  ARG A NE  1 
ATOM   235  C CZ  . ARG A 1 86  ? 12.619  -10.529 18.742  1.00 81.58  ? 84  ARG A CZ  1 
ATOM   236  N NH1 . ARG A 1 86  ? 12.438  -11.022 17.514  1.00 81.65  ? 84  ARG A NH1 1 
ATOM   237  N NH2 . ARG A 1 86  ? 12.839  -11.349 19.768  1.00 81.79  ? 84  ARG A NH2 1 
ATOM   238  N N   . LEU A 1 87  ? 7.464   -8.773  15.892  1.00 60.86  ? 85  LEU A N   1 
ATOM   239  C CA  . LEU A 1 87  ? 6.841   -9.000  14.605  1.00 59.27  ? 85  LEU A CA  1 
ATOM   240  C C   . LEU A 1 87  ? 5.607   -8.113  14.437  1.00 58.40  ? 85  LEU A C   1 
ATOM   241  O O   . LEU A 1 87  ? 5.403   -7.518  13.377  1.00 58.13  ? 85  LEU A O   1 
ATOM   242  C CB  . LEU A 1 87  ? 6.484   -10.484 14.476  1.00 59.23  ? 85  LEU A CB  1 
ATOM   243  C CG  . LEU A 1 87  ? 7.281   -11.321 13.463  1.00 59.52  ? 85  LEU A CG  1 
ATOM   244  C CD1 . LEU A 1 87  ? 8.642   -10.712 13.178  1.00 57.36  ? 85  LEU A CD1 1 
ATOM   245  C CD2 . LEU A 1 87  ? 7.418   -12.725 14.013  1.00 58.14  ? 85  LEU A CD2 1 
ATOM   246  N N   . LYS A 1 88  ? 4.789   -8.007  15.478  1.00 57.07  ? 86  LYS A N   1 
ATOM   247  C CA  . LYS A 1 88  ? 3.608   -7.166  15.379  1.00 57.97  ? 86  LYS A CA  1 
ATOM   248  C C   . LYS A 1 88  ? 3.991   -5.717  15.078  1.00 59.59  ? 86  LYS A C   1 
ATOM   249  O O   . LYS A 1 88  ? 3.397   -5.079  14.202  1.00 59.46  ? 86  LYS A O   1 
ATOM   250  C CB  . LYS A 1 88  ? 2.783   -7.230  16.667  1.00 56.52  ? 86  LYS A CB  1 
ATOM   251  C CG  . LYS A 1 88  ? 2.039   -8.543  16.839  1.00 56.80  ? 86  LYS A CG  1 
ATOM   252  C CD  . LYS A 1 88  ? 1.193   -8.560  18.098  1.00 56.18  ? 86  LYS A CD  1 
ATOM   253  C CE  . LYS A 1 88  ? 0.323   -9.795  18.129  1.00 56.43  ? 86  LYS A CE  1 
ATOM   254  N NZ  . LYS A 1 88  ? -0.550  -9.841  19.333  1.00 59.13  ? 86  LYS A NZ  1 
ATOM   255  N N   . GLU A 1 89  ? 4.992   -5.204  15.789  1.00 61.46  ? 87  GLU A N   1 
ATOM   256  C CA  . GLU A 1 89  ? 5.419   -3.826  15.588  1.00 63.08  ? 87  GLU A CA  1 
ATOM   257  C C   . GLU A 1 89  ? 5.845   -3.560  14.142  1.00 61.56  ? 87  GLU A C   1 
ATOM   258  O O   . GLU A 1 89  ? 5.512   -2.518  13.562  1.00 60.84  ? 87  GLU A O   1 
ATOM   259  C CB  . GLU A 1 89  ? 6.549   -3.473  16.555  1.00 67.28  ? 87  GLU A CB  1 
ATOM   260  C CG  . GLU A 1 89  ? 6.915   -1.972  16.582  1.00 76.61  ? 87  GLU A CG  1 
ATOM   261  C CD  . GLU A 1 89  ? 5.696   -1.014  16.675  1.00 82.11  ? 87  GLU A CD  1 
ATOM   262  O OE1 . GLU A 1 89  ? 4.626   -1.407  17.226  1.00 84.33  ? 87  GLU A OE1 1 
ATOM   263  O OE2 . GLU A 1 89  ? 5.825   0.149   16.202  1.00 82.85  ? 87  GLU A OE2 1 
ATOM   264  N N   . VAL A 1 90  ? 6.583   -4.496  13.560  1.00 59.69  ? 88  VAL A N   1 
ATOM   265  C CA  . VAL A 1 90  ? 7.010   -4.345  12.176  1.00 57.72  ? 88  VAL A CA  1 
ATOM   266  C C   . VAL A 1 90  ? 5.749   -4.159  11.343  1.00 57.78  ? 88  VAL A C   1 
ATOM   267  O O   . VAL A 1 90  ? 5.606   -3.180  10.608  1.00 56.57  ? 88  VAL A O   1 
ATOM   268  C CB  . VAL A 1 90  ? 7.762   -5.595  11.686  1.00 56.26  ? 88  VAL A CB  1 
ATOM   269  C CG1 . VAL A 1 90  ? 8.023   -5.508  10.188  1.00 56.30  ? 88  VAL A CG1 1 
ATOM   270  C CG2 . VAL A 1 90  ? 9.053   -5.724  12.439  1.00 54.05  ? 88  VAL A CG2 1 
ATOM   271  N N   . ILE A 1 91  ? 4.833   -5.113  11.481  1.00 57.72  ? 89  ILE A N   1 
ATOM   272  C CA  . ILE A 1 91  ? 3.564   -5.085  10.769  1.00 57.38  ? 89  ILE A CA  1 
ATOM   273  C C   . ILE A 1 91  ? 2.880   -3.735  10.951  1.00 58.72  ? 89  ILE A C   1 
ATOM   274  O O   . ILE A 1 91  ? 2.405   -3.120  9.987   1.00 58.67  ? 89  ILE A O   1 
ATOM   275  C CB  . ILE A 1 91  ? 2.653   -6.218  11.275  1.00 56.04  ? 89  ILE A CB  1 
ATOM   276  C CG1 . ILE A 1 91  ? 3.233   -7.554  10.792  1.00 56.09  ? 89  ILE A CG1 1 
ATOM   277  C CG2 . ILE A 1 91  ? 1.209   -6.001  10.817  1.00 54.11  ? 89  ILE A CG2 1 
ATOM   278  C CD1 . ILE A 1 91  ? 2.504   -8.781  11.296  1.00 56.59  ? 89  ILE A CD1 1 
ATOM   279  N N   . ALA A 1 92  ? 2.858   -3.271  12.196  1.00 59.50  ? 90  ALA A N   1 
ATOM   280  C CA  . ALA A 1 92  ? 2.243   -1.997  12.533  1.00 59.43  ? 90  ALA A CA  1 
ATOM   281  C C   . ALA A 1 92  ? 2.810   -0.824  11.714  1.00 59.39  ? 90  ALA A C   1 
ATOM   282  O O   . ALA A 1 92  ? 2.052   -0.017  11.176  1.00 58.91  ? 90  ALA A O   1 
ATOM   283  C CB  . ALA A 1 92  ? 2.410   -1.741  14.009  1.00 59.34  ? 90  ALA A CB  1 
ATOM   284  N N   . LEU A 1 93  ? 4.132   -0.723  11.617  1.00 59.78  ? 91  LEU A N   1 
ATOM   285  C CA  . LEU A 1 93  ? 4.715   0.362   10.842  1.00 61.03  ? 91  LEU A CA  1 
ATOM   286  C C   . LEU A 1 93  ? 4.367   0.178   9.378   1.00 62.09  ? 91  LEU A C   1 
ATOM   287  O O   . LEU A 1 93  ? 3.926   1.121   8.719   1.00 63.66  ? 91  LEU A O   1 
ATOM   288  C CB  . LEU A 1 93  ? 6.221   0.404   11.031  1.00 60.83  ? 91  LEU A CB  1 
ATOM   289  C CG  . LEU A 1 93  ? 6.502   0.501   12.528  1.00 63.29  ? 91  LEU A CG  1 
ATOM   290  C CD1 . LEU A 1 93  ? 7.988   0.629   12.777  1.00 63.36  ? 91  LEU A CD1 1 
ATOM   291  C CD2 . LEU A 1 93  ? 5.747   1.702   13.107  1.00 64.29  ? 91  LEU A CD2 1 
ATOM   292  N N   . LYS A 1 94  ? 4.562   -1.034  8.868   1.00 62.26  ? 92  LYS A N   1 
ATOM   293  C CA  . LYS A 1 94  ? 4.225   -1.324  7.484   1.00 62.20  ? 92  LYS A CA  1 
ATOM   294  C C   . LYS A 1 94  ? 2.834   -0.757  7.227   1.00 63.08  ? 92  LYS A C   1 
ATOM   295  O O   . LYS A 1 94  ? 2.629   -0.033  6.257   1.00 63.71  ? 92  LYS A O   1 
ATOM   296  C CB  . LYS A 1 94  ? 4.189   -2.830  7.245   1.00 62.48  ? 92  LYS A CB  1 
ATOM   297  C CG  . LYS A 1 94  ? 5.471   -3.564  7.552   1.00 62.90  ? 92  LYS A CG  1 
ATOM   298  C CD  . LYS A 1 94  ? 6.423   -3.491  6.393   1.00 64.18  ? 92  LYS A CD  1 
ATOM   299  C CE  . LYS A 1 94  ? 7.488   -4.552  6.533   1.00 63.98  ? 92  LYS A CE  1 
ATOM   300  N NZ  . LYS A 1 94  ? 8.523   -4.392  5.472   1.00 65.01  ? 92  LYS A NZ  1 
ATOM   301  N N   . ASN A 1 95  ? 1.886   -1.094  8.108   1.00 63.90  ? 93  ASN A N   1 
ATOM   302  C CA  . ASN A 1 95  ? 0.498   -0.629  7.990   1.00 65.00  ? 93  ASN A CA  1 
ATOM   303  C C   . ASN A 1 95  ? 0.401   0.874   7.945   1.00 65.76  ? 93  ASN A C   1 
ATOM   304  O O   . ASN A 1 95  ? -0.190  1.451   7.044   1.00 65.82  ? 93  ASN A O   1 
ATOM   305  C CB  . ASN A 1 95  ? -0.351  -1.108  9.163   1.00 65.11  ? 93  ASN A CB  1 
ATOM   306  C CG  . ASN A 1 95  ? -0.918  -2.481  8.938   1.00 66.66  ? 93  ASN A CG  1 
ATOM   307  O OD1 . ASN A 1 95  ? -1.000  -2.947  7.793   1.00 67.45  ? 93  ASN A OD1 1 
ATOM   308  N ND2 . ASN A 1 95  ? -1.336  -3.139  10.023  1.00 66.08  ? 93  ASN A ND2 1 
ATOM   309  N N   . LYS A 1 96  ? 0.979   1.516   8.941   1.00 67.25  ? 94  LYS A N   1 
ATOM   310  C CA  . LYS A 1 96  ? 0.933   2.950   8.978   1.00 68.04  ? 94  LYS A CA  1 
ATOM   311  C C   . LYS A 1 96  ? 1.477   3.521   7.655   1.00 67.53  ? 94  LYS A C   1 
ATOM   312  O O   . LYS A 1 96  ? 0.996   4.560   7.204   1.00 67.36  ? 94  LYS A O   1 
ATOM   313  C CB  . LYS A 1 96  ? 1.703   3.442   10.202  1.00 71.43  ? 94  LYS A CB  1 
ATOM   314  C CG  . LYS A 1 96  ? 1.967   4.898   10.248  1.00 78.75  ? 94  LYS A CG  1 
ATOM   315  C CD  . LYS A 1 96  ? 3.483   5.090   10.371  1.00 85.01  ? 94  LYS A CD  1 
ATOM   316  C CE  . LYS A 1 96  ? 4.212   4.636   9.096   1.00 87.80  ? 94  LYS A CE  1 
ATOM   317  N NZ  . LYS A 1 96  ? 5.694   4.613   9.199   1.00 89.00  ? 94  LYS A NZ  1 
ATOM   318  N N   . ASN A 1 97  ? 2.445   2.853   7.018   1.00 64.78  ? 95  ASN A N   1 
ATOM   319  C CA  . ASN A 1 97  ? 2.991   3.349   5.745   1.00 62.52  ? 95  ASN A CA  1 
ATOM   320  C C   . ASN A 1 97  ? 2.078   3.024   4.570   1.00 62.10  ? 95  ASN A C   1 
ATOM   321  O O   . ASN A 1 97  ? 1.982   3.786   3.601   1.00 63.46  ? 95  ASN A O   1 
ATOM   322  C CB  . ASN A 1 97  ? 4.367   2.746   5.462   1.00 61.74  ? 95  ASN A CB  1 
ATOM   323  C CG  . ASN A 1 97  ? 4.966   3.247   4.150   1.00 61.63  ? 95  ASN A CG  1 
ATOM   324  O OD1 . ASN A 1 97  ? 5.125   2.490   3.182   1.00 60.83  ? 95  ASN A OD1 1 
ATOM   325  N ND2 . ASN A 1 97  ? 5.286   4.537   4.110   1.00 60.95  ? 95  ASN A ND2 1 
ATOM   326  N N   . THR A 1 98  ? 1.424   1.874   4.645   1.00 62.37  ? 96  THR A N   1 
ATOM   327  C CA  . THR A 1 98  ? 0.512   1.470   3.592   1.00 61.64  ? 96  THR A CA  1 
ATOM   328  C C   . THR A 1 98  ? -0.582  2.511   3.549   1.00 62.88  ? 96  THR A C   1 
ATOM   329  O O   . THR A 1 98  ? -1.085  2.884   2.487   1.00 61.95  ? 96  THR A O   1 
ATOM   330  C CB  . THR A 1 98  ? -0.109  0.121   3.905   1.00 61.64  ? 96  THR A CB  1 
ATOM   331  O OG1 . THR A 1 98  ? 0.933   -0.851  4.012   1.00 62.20  ? 96  THR A OG1 1 
ATOM   332  C CG2 . THR A 1 98  ? -1.069  -0.295  2.796   1.00 61.70  ? 96  THR A CG2 1 
ATOM   333  N N   . GLU A 1 99  ? -0.927  2.993   4.734   1.00 64.05  ? 97  GLU A N   1 
ATOM   334  C CA  . GLU A 1 99  ? -1.962  3.995   4.870   1.00 64.51  ? 97  GLU A CA  1 
ATOM   335  C C   . GLU A 1 99  ? -1.585  5.320   4.229   1.00 64.93  ? 97  GLU A C   1 
ATOM   336  O O   . GLU A 1 99  ? -2.399  5.912   3.519   1.00 65.02  ? 97  GLU A O   1 
ATOM   337  C CB  . GLU A 1 99  ? -2.319  4.149   6.348   1.00 65.59  ? 97  GLU A CB  1 
ATOM   338  C CG  . GLU A 1 99  ? -3.301  3.067   6.785   1.00 68.07  ? 97  GLU A CG  1 
ATOM   339  C CD  . GLU A 1 99  ? -3.394  2.877   8.288   1.00 70.00  ? 97  GLU A CD  1 
ATOM   340  O OE1 . GLU A 1 99  ? -3.375  3.885   9.033   1.00 71.49  ? 97  GLU A OE1 1 
ATOM   341  O OE2 . GLU A 1 99  ? -3.511  1.709   8.725   1.00 70.21  ? 97  GLU A OE2 1 
ATOM   342  N N   . ARG A 1 100 ? -0.357  5.779   4.455   1.00 65.08  ? 98  ARG A N   1 
ATOM   343  C CA  . ARG A 1 100 ? 0.085   7.024   3.844   1.00 66.20  ? 98  ARG A CA  1 
ATOM   344  C C   . ARG A 1 100 ? 0.111   6.879   2.324   1.00 65.18  ? 98  ARG A C   1 
ATOM   345  O O   . ARG A 1 100 ? -0.116  7.855   1.601   1.00 65.58  ? 98  ARG A O   1 
ATOM   346  C CB  . ARG A 1 100 ? 1.465   7.400   4.344   1.00 69.26  ? 98  ARG A CB  1 
ATOM   347  C CG  . ARG A 1 100 ? 1.458   7.949   5.729   1.00 75.45  ? 98  ARG A CG  1 
ATOM   348  C CD  . ARG A 1 100 ? 2.868   8.096   6.191   1.00 82.87  ? 98  ARG A CD  1 
ATOM   349  N NE  . ARG A 1 100 ? 2.947   8.148   7.642   1.00 92.27  ? 98  ARG A NE  1 
ATOM   350  C CZ  . ARG A 1 100 ? 4.059   7.901   8.331   1.00 97.12  ? 98  ARG A CZ  1 
ATOM   351  N NH1 . ARG A 1 100 ? 5.178   7.581   7.685   1.00 98.91  ? 98  ARG A NH1 1 
ATOM   352  N NH2 . ARG A 1 100 ? 4.057   7.976   9.662   1.00 99.10  ? 98  ARG A NH2 1 
ATOM   353  N N   . LEU A 1 101 ? 0.400   5.666   1.847   1.00 62.72  ? 99  LEU A N   1 
ATOM   354  C CA  . LEU A 1 101 ? 0.414   5.400   0.412   1.00 60.27  ? 99  LEU A CA  1 
ATOM   355  C C   . LEU A 1 101 ? -1.026  5.407   -0.071  1.00 59.73  ? 99  LEU A C   1 
ATOM   356  O O   . LEU A 1 101 ? -1.363  6.134   -0.995  1.00 60.17  ? 99  LEU A O   1 
ATOM   357  C CB  . LEU A 1 101 ? 1.052   4.047   0.099   1.00 58.71  ? 99  LEU A CB  1 
ATOM   358  C CG  . LEU A 1 101 ? 2.571   3.963   0.231   1.00 57.82  ? 99  LEU A CG  1 
ATOM   359  C CD1 . LEU A 1 101 ? 3.014   2.537   0.051   1.00 58.24  ? 99  LEU A CD1 1 
ATOM   360  C CD2 . LEU A 1 101 ? 3.229   4.840   -0.813  1.00 58.25  ? 99  LEU A CD2 1 
ATOM   361  N N   . ASN A 1 102 ? -1.881  4.607   0.555   1.00 60.26  ? 100 ASN A N   1 
ATOM   362  C CA  . ASN A 1 102 ? -3.288  4.577   0.160   1.00 60.66  ? 100 ASN A CA  1 
ATOM   363  C C   . ASN A 1 102 ? -3.806  6.004   -0.013  1.00 60.73  ? 100 ASN A C   1 
ATOM   364  O O   . ASN A 1 102 ? -4.521  6.309   -0.972  1.00 60.47  ? 100 ASN A O   1 
ATOM   365  C CB  . ASN A 1 102 ? -4.150  3.851   1.208   1.00 61.04  ? 100 ASN A CB  1 
ATOM   366  C CG  . ASN A 1 102 ? -3.968  2.346   1.175   1.00 60.29  ? 100 ASN A CG  1 
ATOM   367  O OD1 . ASN A 1 102 ? -3.990  1.738   0.113   1.00 61.64  ? 100 ASN A OD1 1 
ATOM   368  N ND2 . ASN A 1 102 ? -3.801  1.737   2.343   1.00 60.85  ? 100 ASN A ND2 1 
ATOM   369  N N   . ALA A 1 103 ? -3.436  6.877   0.920   1.00 60.77  ? 101 ALA A N   1 
ATOM   370  C CA  . ALA A 1 103 ? -3.862  8.273   0.875   1.00 59.63  ? 101 ALA A CA  1 
ATOM   371  C C   . ALA A 1 103 ? -3.374  8.939   -0.399  1.00 58.58  ? 101 ALA A C   1 
ATOM   372  O O   . ALA A 1 103 ? -4.162  9.240   -1.295  1.00 58.18  ? 101 ALA A O   1 
ATOM   373  C CB  . ALA A 1 103 ? -3.321  9.022   2.078   1.00 60.32  ? 101 ALA A CB  1 
ATOM   374  N N   . ALA A 1 104 ? -2.068  9.167   -0.473  1.00 57.31  ? 102 ALA A N   1 
ATOM   375  C CA  . ALA A 1 104 ? -1.490  9.807   -1.643  1.00 57.76  ? 102 ALA A CA  1 
ATOM   376  C C   . ALA A 1 104 ? -2.012  9.195   -2.941  1.00 57.98  ? 102 ALA A C   1 
ATOM   377  O O   . ALA A 1 104 ? -2.393  9.925   -3.847  1.00 58.27  ? 102 ALA A O   1 
ATOM   378  C CB  . ALA A 1 104 ? 0.032   9.727   -1.597  1.00 58.16  ? 102 ALA A CB  1 
ATOM   379  N N   . LEU A 1 105 ? -2.052  7.867   -3.036  1.00 58.07  ? 103 LEU A N   1 
ATOM   380  C CA  . LEU A 1 105 ? -2.531  7.232   -4.262  1.00 58.45  ? 103 LEU A CA  1 
ATOM   381  C C   . LEU A 1 105 ? -3.980  7.563   -4.614  1.00 58.40  ? 103 LEU A C   1 
ATOM   382  O O   . LEU A 1 105 ? -4.296  7.830   -5.776  1.00 58.39  ? 103 LEU A O   1 
ATOM   383  C CB  . LEU A 1 105 ? -2.385  5.710   -4.200  1.00 57.87  ? 103 LEU A CB  1 
ATOM   384  C CG  . LEU A 1 105 ? -2.747  5.040   -5.539  1.00 57.22  ? 103 LEU A CG  1 
ATOM   385  C CD1 . LEU A 1 105 ? -1.721  5.441   -6.615  1.00 55.69  ? 103 LEU A CD1 1 
ATOM   386  C CD2 . LEU A 1 105 ? -2.777  3.529   -5.371  1.00 56.84  ? 103 LEU A CD2 1 
ATOM   387  N N   . ILE A 1 106 ? -4.871  7.527   -3.630  1.00 58.27  ? 104 ILE A N   1 
ATOM   388  C CA  . ILE A 1 106 ? -6.268  7.844   -3.914  1.00 58.71  ? 104 ILE A CA  1 
ATOM   389  C C   . ILE A 1 106 ? -6.350  9.290   -4.395  1.00 59.55  ? 104 ILE A C   1 
ATOM   390  O O   . ILE A 1 106 ? -6.840  9.570   -5.495  1.00 59.87  ? 104 ILE A O   1 
ATOM   391  C CB  . ILE A 1 106 ? -7.157  7.668   -2.667  1.00 56.52  ? 104 ILE A CB  1 
ATOM   392  C CG1 . ILE A 1 106 ? -7.282  6.184   -2.326  1.00 54.58  ? 104 ILE A CG1 1 
ATOM   393  C CG2 . ILE A 1 106 ? -8.526  8.251   -2.921  1.00 54.27  ? 104 ILE A CG2 1 
ATOM   394  C CD1 . ILE A 1 106 ? -7.828  5.931   -0.945  1.00 54.37  ? 104 ILE A CD1 1 
ATOM   395  N N   . SER A 1 107 ? -5.851  10.199  -3.561  1.00 60.03  ? 105 SER A N   1 
ATOM   396  C CA  . SER A 1 107 ? -5.837  11.624  -3.868  1.00 60.24  ? 105 SER A CA  1 
ATOM   397  C C   . SER A 1 107 ? -5.307  11.892  -5.279  1.00 60.18  ? 105 SER A C   1 
ATOM   398  O O   . SER A 1 107 ? -5.914  12.634  -6.059  1.00 61.13  ? 105 SER A O   1 
ATOM   399  C CB  . SER A 1 107 ? -4.970  12.356  -2.836  1.00 59.81  ? 105 SER A CB  1 
ATOM   400  O OG  . SER A 1 107 ? -4.422  13.549  -3.373  1.00 61.27  ? 105 SER A OG  1 
ATOM   401  N N   . GLY A 1 108 ? -4.174  11.277  -5.599  1.00 59.44  ? 106 GLY A N   1 
ATOM   402  C CA  . GLY A 1 108 ? -3.570  11.466  -6.901  1.00 58.12  ? 106 GLY A CA  1 
ATOM   403  C C   . GLY A 1 108 ? -4.407  10.902  -8.026  1.00 58.34  ? 106 GLY A C   1 
ATOM   404  O O   . GLY A 1 108 ? -4.427  11.458  -9.123  1.00 58.39  ? 106 GLY A O   1 
ATOM   405  N N   . THR A 1 109 ? -5.094  9.798   -7.762  1.00 57.89  ? 107 THR A N   1 
ATOM   406  C CA  . THR A 1 109 ? -5.927  9.187   -8.781  1.00 58.17  ? 107 THR A CA  1 
ATOM   407  C C   . THR A 1 109 ? -7.089  10.132  -9.082  1.00 58.04  ? 107 THR A C   1 
ATOM   408  O O   . THR A 1 109 ? -7.471  10.322  -10.237 1.00 59.67  ? 107 THR A O   1 
ATOM   409  C CB  . THR A 1 109 ? -6.411  7.789   -8.316  1.00 59.12  ? 107 THR A CB  1 
ATOM   410  O OG1 . THR A 1 109 ? -5.271  6.930   -8.193  1.00 59.62  ? 107 THR A OG1 1 
ATOM   411  C CG2 . THR A 1 109 ? -7.385  7.162   -9.321  1.00 58.81  ? 107 THR A CG2 1 
ATOM   412  N N   . ILE A 1 110 ? -7.632  10.755  -8.048  1.00 57.85  ? 108 ILE A N   1 
ATOM   413  C CA  . ILE A 1 110 ? -8.723  11.696  -8.253  1.00 58.39  ? 108 ILE A CA  1 
ATOM   414  C C   . ILE A 1 110 ? -8.214  12.864  -9.081  1.00 60.32  ? 108 ILE A C   1 
ATOM   415  O O   . ILE A 1 110 ? -8.838  13.250  -10.064 1.00 59.73  ? 108 ILE A O   1 
ATOM   416  C CB  . ILE A 1 110 ? -9.255  12.210  -6.919  1.00 57.21  ? 108 ILE A CB  1 
ATOM   417  C CG1 . ILE A 1 110 ? -9.930  11.055  -6.178  1.00 56.60  ? 108 ILE A CG1 1 
ATOM   418  C CG2 . ILE A 1 110 ? -10.215 13.353  -7.153  1.00 55.25  ? 108 ILE A CG2 1 
ATOM   419  C CD1 . ILE A 1 110 ? -9.878  11.175  -4.686  1.00 55.48  ? 108 ILE A CD1 1 
ATOM   420  N N   . GLU A 1 111 ? -7.078  13.424  -8.684  1.00 63.13  ? 109 GLU A N   1 
ATOM   421  C CA  . GLU A 1 111 ? -6.499  14.535  -9.425  1.00 66.38  ? 109 GLU A CA  1 
ATOM   422  C C   . GLU A 1 111 ? -6.254  14.129  -10.868 1.00 66.33  ? 109 GLU A C   1 
ATOM   423  O O   . GLU A 1 111 ? -6.433  14.923  -11.784 1.00 66.46  ? 109 GLU A O   1 
ATOM   424  C CB  . GLU A 1 111 ? -5.169  14.981  -8.808  1.00 69.78  ? 109 GLU A CB  1 
ATOM   425  C CG  . GLU A 1 111 ? -4.491  16.114  -9.582  1.00 75.35  ? 109 GLU A CG  1 
ATOM   426  C CD  . GLU A 1 111 ? -5.374  17.368  -9.705  1.00 82.07  ? 109 GLU A CD  1 
ATOM   427  O OE1 . GLU A 1 111 ? -6.567  17.332  -9.292  1.00 83.01  ? 109 GLU A OE1 1 
ATOM   428  O OE2 . GLU A 1 111 ? -4.873  18.400  -10.222 1.00 84.21  ? 109 GLU A OE2 1 
ATOM   429  N N   . ASN A 1 112 ? -5.829  12.889  -11.065 1.00 67.49  ? 110 ASN A N   1 
ATOM   430  C CA  . ASN A 1 112 ? -5.560  12.400  -12.407 1.00 68.10  ? 110 ASN A CA  1 
ATOM   431  C C   . ASN A 1 112 ? -6.822  12.471  -13.245 1.00 67.86  ? 110 ASN A C   1 
ATOM   432  O O   . ASN A 1 112 ? -6.796  12.941  -14.380 1.00 67.07  ? 110 ASN A O   1 
ATOM   433  C CB  . ASN A 1 112 ? -5.047  10.958  -12.364 1.00 69.54  ? 110 ASN A CB  1 
ATOM   434  C CG  . ASN A 1 112 ? -4.945  10.332  -13.749 1.00 71.41  ? 110 ASN A CG  1 
ATOM   435  O OD1 . ASN A 1 112 ? -5.958  9.983   -14.361 1.00 72.24  ? 110 ASN A OD1 1 
ATOM   436  N ND2 . ASN A 1 112 ? -3.719  10.197  -14.253 1.00 71.43  ? 110 ASN A ND2 1 
ATOM   437  N N   . ASN A 1 113 ? -7.931  12.012  -12.682 1.00 68.22  ? 111 ASN A N   1 
ATOM   438  C CA  . ASN A 1 113 ? -9.186  12.042  -13.413 1.00 69.02  ? 111 ASN A CA  1 
ATOM   439  C C   . ASN A 1 113 ? -9.588  13.489  -13.706 1.00 68.25  ? 111 ASN A C   1 
ATOM   440  O O   . ASN A 1 113 ? -10.085 13.788  -14.791 1.00 69.25  ? 111 ASN A O   1 
ATOM   441  C CB  . ASN A 1 113 ? -10.289 11.335  -12.627 1.00 69.88  ? 111 ASN A CB  1 
ATOM   442  C CG  . ASN A 1 113 ? -11.360 10.765  -13.533 1.00 71.82  ? 111 ASN A CG  1 
ATOM   443  O OD1 . ASN A 1 113 ? -12.547 11.043  -13.354 1.00 72.27  ? 111 ASN A OD1 1 
ATOM   444  N ND2 . ASN A 1 113 ? -10.944 9.957   -14.522 1.00 72.11  ? 111 ASN A ND2 1 
ATOM   445  N N   . VAL A 1 114 ? -9.363  14.382  -12.745 1.00 66.24  ? 112 VAL A N   1 
ATOM   446  C CA  . VAL A 1 114 ? -9.682  15.793  -12.931 1.00 64.05  ? 112 VAL A CA  1 
ATOM   447  C C   . VAL A 1 114 ? -8.879  16.367  -14.098 1.00 63.72  ? 112 VAL A C   1 
ATOM   448  O O   . VAL A 1 114 ? -9.401  17.125  -14.908 1.00 64.95  ? 112 VAL A O   1 
ATOM   449  C CB  . VAL A 1 114 ? -9.354  16.628  -11.677 1.00 63.26  ? 112 VAL A CB  1 
ATOM   450  C CG1 . VAL A 1 114 ? -9.565  18.098  -11.968 1.00 63.13  ? 112 VAL A CG1 1 
ATOM   451  C CG2 . VAL A 1 114 ? -10.220 16.192  -10.517 1.00 63.16  ? 112 VAL A CG2 1 
ATOM   452  N N   . LEU A 1 115 ? -7.605  16.006  -14.184 1.00 63.52  ? 113 LEU A N   1 
ATOM   453  C CA  . LEU A 1 115 ? -6.760  16.505  -15.258 1.00 63.78  ? 113 LEU A CA  1 
ATOM   454  C C   . LEU A 1 115 ? -7.151  15.896  -16.596 1.00 65.30  ? 113 LEU A C   1 
ATOM   455  O O   . LEU A 1 115 ? -7.152  16.576  -17.619 1.00 65.44  ? 113 LEU A O   1 
ATOM   456  C CB  . LEU A 1 115 ? -5.289  16.218  -14.952 1.00 61.57  ? 113 LEU A CB  1 
ATOM   457  C CG  . LEU A 1 115 ? -4.810  16.935  -13.690 1.00 60.42  ? 113 LEU A CG  1 
ATOM   458  C CD1 . LEU A 1 115 ? -3.360  16.628  -13.391 1.00 59.13  ? 113 LEU A CD1 1 
ATOM   459  C CD2 . LEU A 1 115 ? -5.008  18.417  -13.895 1.00 60.17  ? 113 LEU A CD2 1 
ATOM   460  N N   . GLN A 1 116 ? -7.486  14.611  -16.592 1.00 67.81  ? 114 GLN A N   1 
ATOM   461  C CA  . GLN A 1 116 ? -7.882  13.949  -17.827 1.00 69.48  ? 114 GLN A CA  1 
ATOM   462  C C   . GLN A 1 116 ? -9.078  14.651  -18.426 1.00 69.47  ? 114 GLN A C   1 
ATOM   463  O O   . GLN A 1 116 ? -9.105  14.902  -19.629 1.00 69.62  ? 114 GLN A O   1 
ATOM   464  C CB  . GLN A 1 116 ? -8.220  12.480  -17.583 1.00 72.60  ? 114 GLN A CB  1 
ATOM   465  C CG  . GLN A 1 116 ? -6.999  11.622  -17.301 1.00 77.88  ? 114 GLN A CG  1 
ATOM   466  C CD  . GLN A 1 116 ? -7.076  10.251  -17.959 1.00 80.32  ? 114 GLN A CD  1 
ATOM   467  O OE1 . GLN A 1 116 ? -8.051  9.504   -17.771 1.00 82.92  ? 114 GLN A OE1 1 
ATOM   468  N NE2 . GLN A 1 116 ? -6.046  9.909   -18.732 1.00 79.63  ? 114 GLN A NE2 1 
ATOM   469  N N   . GLN A 1 117 ? -10.068 14.976  -17.596 1.00 69.82  ? 115 GLN A N   1 
ATOM   470  C CA  . GLN A 1 117 ? -11.237 15.660  -18.115 1.00 70.20  ? 115 GLN A CA  1 
ATOM   471  C C   . GLN A 1 117 ? -10.826 17.038  -18.621 1.00 69.23  ? 115 GLN A C   1 
ATOM   472  O O   . GLN A 1 117 ? -11.174 17.403  -19.737 1.00 69.97  ? 115 GLN A O   1 
ATOM   473  C CB  . GLN A 1 117 ? -12.346 15.792  -17.069 1.00 71.14  ? 115 GLN A CB  1 
ATOM   474  C CG  . GLN A 1 117 ? -13.684 16.153  -17.720 1.00 76.89  ? 115 GLN A CG  1 
ATOM   475  C CD  . GLN A 1 117 ? -14.862 16.215  -16.746 1.00 81.36  ? 115 GLN A CD  1 
ATOM   476  O OE1 . GLN A 1 117 ? -14.731 15.856  -15.566 1.00 83.42  ? 115 GLN A OE1 1 
ATOM   477  N NE2 . GLN A 1 117 ? -16.030 16.665  -17.245 1.00 80.79  ? 115 GLN A NE2 1 
ATOM   478  N N   . LYS A 1 118 ? -10.071 17.799  -17.833 1.00 67.73  ? 116 LYS A N   1 
ATOM   479  C CA  . LYS A 1 118 ? -9.653  19.125  -18.289 1.00 66.51  ? 116 LYS A CA  1 
ATOM   480  C C   . LYS A 1 118 ? -8.981  19.072  -19.663 1.00 65.70  ? 116 LYS A C   1 
ATOM   481  O O   . LYS A 1 118 ? -9.367  19.796  -20.589 1.00 65.34  ? 116 LYS A O   1 
ATOM   482  C CB  . LYS A 1 118 ? -8.707  19.783  -17.280 1.00 66.58  ? 116 LYS A CB  1 
ATOM   483  C CG  . LYS A 1 118 ? -9.385  20.139  -15.971 1.00 69.98  ? 116 LYS A CG  1 
ATOM   484  C CD  . LYS A 1 118 ? -8.543  21.072  -15.105 1.00 73.98  ? 116 LYS A CD  1 
ATOM   485  C CE  . LYS A 1 118 ? -9.269  21.367  -13.778 1.00 77.82  ? 116 LYS A CE  1 
ATOM   486  N NZ  . LYS A 1 118 ? -8.589  22.371  -12.884 1.00 79.25  ? 116 LYS A NZ  1 
ATOM   487  N N   . LEU A 1 119 ? -7.985  18.206  -19.803 1.00 65.00  ? 117 LEU A N   1 
ATOM   488  C CA  . LEU A 1 119 ? -7.273  18.075  -21.070 1.00 64.05  ? 117 LEU A CA  1 
ATOM   489  C C   . LEU A 1 119 ? -8.223  17.677  -22.187 1.00 65.31  ? 117 LEU A C   1 
ATOM   490  O O   . LEU A 1 119 ? -8.060  18.085  -23.333 1.00 66.47  ? 117 LEU A O   1 
ATOM   491  C CB  . LEU A 1 119 ? -6.175  17.024  -20.969 1.00 60.28  ? 117 LEU A CB  1 
ATOM   492  C CG  . LEU A 1 119 ? -5.347  16.969  -22.243 1.00 58.46  ? 117 LEU A CG  1 
ATOM   493  C CD1 . LEU A 1 119 ? -4.451  18.194  -22.324 1.00 58.00  ? 117 LEU A CD1 1 
ATOM   494  C CD2 . LEU A 1 119 ? -4.517  15.720  -22.239 1.00 60.75  ? 117 LEU A CD2 1 
ATOM   495  N N   . SER A 1 120 ? -9.214  16.865  -21.851 1.00 66.60  ? 118 SER A N   1 
ATOM   496  C CA  . SER A 1 120 ? -10.175 16.423  -22.837 1.00 67.38  ? 118 SER A CA  1 
ATOM   497  C C   . SER A 1 120 ? -11.086 17.571  -23.236 1.00 67.96  ? 118 SER A C   1 
ATOM   498  O O   . SER A 1 120 ? -11.248 17.851  -24.419 1.00 68.20  ? 118 SER A O   1 
ATOM   499  C CB  . SER A 1 120 ? -10.998 15.276  -22.279 1.00 67.71  ? 118 SER A CB  1 
ATOM   500  O OG  . SER A 1 120 ? -11.950 14.863  -23.232 1.00 71.41  ? 118 SER A OG  1 
ATOM   501  N N   . ASP A 1 121 ? -11.676 18.232  -22.242 1.00 69.62  ? 119 ASP A N   1 
ATOM   502  C CA  . ASP A 1 121 ? -12.569 19.365  -22.479 1.00 70.65  ? 119 ASP A CA  1 
ATOM   503  C C   . ASP A 1 121 ? -11.850 20.454  -23.277 1.00 71.15  ? 119 ASP A C   1 
ATOM   504  O O   . ASP A 1 121 ? -12.441 21.050  -24.179 1.00 71.42  ? 119 ASP A O   1 
ATOM   505  C CB  . ASP A 1 121 ? -13.076 19.951  -21.147 1.00 72.22  ? 119 ASP A CB  1 
ATOM   506  C CG  . ASP A 1 121 ? -14.075 19.029  -20.416 1.00 76.21  ? 119 ASP A CG  1 
ATOM   507  O OD1 . ASP A 1 121 ? -14.303 17.883  -20.881 1.00 78.51  ? 119 ASP A OD1 1 
ATOM   508  O OD2 . ASP A 1 121 ? -14.631 19.450  -19.366 1.00 75.32  ? 119 ASP A OD2 1 
ATOM   509  N N   . LEU A 1 122 ? -10.581 20.710  -22.949 1.00 71.32  ? 120 LEU A N   1 
ATOM   510  C CA  . LEU A 1 122 ? -9.806  21.739  -23.648 1.00 71.94  ? 120 LEU A CA  1 
ATOM   511  C C   . LEU A 1 122 ? -9.564  21.326  -25.099 1.00 72.08  ? 120 LEU A C   1 
ATOM   512  O O   . LEU A 1 122 ? -9.718  22.134  -26.011 1.00 73.20  ? 120 LEU A O   1 
ATOM   513  C CB  . LEU A 1 122 ? -8.448  21.987  -22.964 1.00 72.32  ? 120 LEU A CB  1 
ATOM   514  C CG  . LEU A 1 122 ? -7.709  23.314  -23.267 1.00 74.33  ? 120 LEU A CG  1 
ATOM   515  C CD1 . LEU A 1 122 ? -6.225  23.201  -22.871 1.00 74.00  ? 120 LEU A CD1 1 
ATOM   516  C CD2 . LEU A 1 122 ? -7.797  23.667  -24.750 1.00 74.21  ? 120 LEU A CD2 1 
ATOM   517  N N   . LYS A 1 123 ? -9.180  20.072  -25.309 1.00 71.47  ? 121 LYS A N   1 
ATOM   518  C CA  . LYS A 1 123 ? -8.926  19.582  -26.655 1.00 70.88  ? 121 LYS A CA  1 
ATOM   519  C C   . LYS A 1 123 ? -10.124 19.767  -27.588 1.00 71.37  ? 121 LYS A C   1 
ATOM   520  O O   . LYS A 1 123 ? -9.954  20.174  -28.741 1.00 70.62  ? 121 LYS A O   1 
ATOM   521  C CB  . LYS A 1 123 ? -8.535  18.108  -26.619 1.00 71.01  ? 121 LYS A CB  1 
ATOM   522  C CG  . LYS A 1 123 ? -7.111  17.833  -26.172 1.00 72.63  ? 121 LYS A CG  1 
ATOM   523  C CD  . LYS A 1 123 ? -6.803  16.335  -26.239 1.00 74.78  ? 121 LYS A CD  1 
ATOM   524  C CE  . LYS A 1 123 ? -5.373  16.013  -25.803 1.00 76.85  ? 121 LYS A CE  1 
ATOM   525  N NZ  . LYS A 1 123 ? -5.078  14.546  -25.867 1.00 77.36  ? 121 LYS A NZ  1 
ATOM   526  N N   . LYS A 1 124 ? -11.327 19.466  -27.100 1.00 72.39  ? 122 LYS A N   1 
ATOM   527  C CA  . LYS A 1 124 ? -12.538 19.615  -27.913 1.00 74.62  ? 122 LYS A CA  1 
ATOM   528  C C   . LYS A 1 124 ? -12.697 21.070  -28.318 1.00 75.72  ? 122 LYS A C   1 
ATOM   529  O O   . LYS A 1 124 ? -12.959 21.390  -29.484 1.00 77.23  ? 122 LYS A O   1 
ATOM   530  C CB  . LYS A 1 124 ? -13.789 19.174  -27.142 1.00 75.10  ? 122 LYS A CB  1 
ATOM   531  C CG  . LYS A 1 124 ? -15.094 19.378  -27.926 1.00 78.57  ? 122 LYS A CG  1 
ATOM   532  C CD  . LYS A 1 124 ? -16.311 18.779  -27.214 1.00 80.87  ? 122 LYS A CD  1 
ATOM   533  C CE  . LYS A 1 124 ? -17.601 19.058  -27.987 1.00 81.74  ? 122 LYS A CE  1 
ATOM   534  N NZ  . LYS A 1 124 ? -18.801 18.420  -27.356 1.00 82.29  ? 122 LYS A NZ  1 
ATOM   535  N N   . GLU A 1 125 ? -12.540 21.946  -27.336 1.00 75.67  ? 123 GLU A N   1 
ATOM   536  C CA  . GLU A 1 125 ? -12.646 23.372  -27.566 1.00 74.96  ? 123 GLU A CA  1 
ATOM   537  C C   . GLU A 1 125 ? -11.595 23.795  -28.585 1.00 74.60  ? 123 GLU A C   1 
ATOM   538  O O   . GLU A 1 125 ? -11.904 24.515  -29.531 1.00 75.78  ? 123 GLU A O   1 
ATOM   539  C CB  . GLU A 1 125 ? -12.427 24.127  -26.258 1.00 75.73  ? 123 GLU A CB  1 
ATOM   540  C CG  . GLU A 1 125 ? -12.628 25.622  -26.367 1.00 76.58  ? 123 GLU A CG  1 
ATOM   541  C CD  . GLU A 1 125 ? -12.147 26.360  -25.135 1.00 77.44  ? 123 GLU A CD  1 
ATOM   542  O OE1 . GLU A 1 125 ? -10.912 26.492  -24.954 1.00 78.12  ? 123 GLU A OE1 1 
ATOM   543  O OE2 . GLU A 1 125 ? -13.010 26.799  -24.345 1.00 77.79  ? 123 GLU A OE2 1 
ATOM   544  N N   . HIS A 1 126 ? -10.354 23.346  -28.406 1.00 73.79  ? 124 HIS A N   1 
ATOM   545  C CA  . HIS A 1 126 ? -9.301  23.729  -29.339 1.00 73.56  ? 124 HIS A CA  1 
ATOM   546  C C   . HIS A 1 126 ? -9.599  23.260  -30.745 1.00 74.49  ? 124 HIS A C   1 
ATOM   547  O O   . HIS A 1 126 ? -9.086  23.820  -31.718 1.00 74.96  ? 124 HIS A O   1 
ATOM   548  C CB  . HIS A 1 126 ? -7.946  23.172  -28.931 1.00 72.01  ? 124 HIS A CB  1 
ATOM   549  C CG  . HIS A 1 126 ? -6.840  23.617  -29.832 1.00 71.65  ? 124 HIS A CG  1 
ATOM   550  N ND1 . HIS A 1 126 ? -6.471  24.939  -29.951 1.00 72.33  ? 124 HIS A ND1 1 
ATOM   551  C CD2 . HIS A 1 126 ? -6.048  22.926  -30.685 1.00 72.02  ? 124 HIS A CD2 1 
ATOM   552  C CE1 . HIS A 1 126 ? -5.499  25.045  -30.839 1.00 72.81  ? 124 HIS A CE1 1 
ATOM   553  N NE2 . HIS A 1 126 ? -5.223  23.837  -31.299 1.00 72.30  ? 124 HIS A NE2 1 
ATOM   554  N N   . SER A 1 127 ? -10.414 22.214  -30.848 1.00 75.20  ? 125 SER A N   1 
ATOM   555  C CA  . SER A 1 127 ? -10.799 21.683  -32.147 1.00 74.57  ? 125 SER A CA  1 
ATOM   556  C C   . SER A 1 127 ? -11.793 22.614  -32.793 1.00 74.33  ? 125 SER A C   1 
ATOM   557  O O   . SER A 1 127 ? -11.536 23.133  -33.876 1.00 75.04  ? 125 SER A O   1 
ATOM   558  C CB  . SER A 1 127 ? -11.411 20.300  -32.008 1.00 73.91  ? 125 SER A CB  1 
ATOM   559  O OG  . SER A 1 127 ? -10.379 19.339  -32.012 1.00 76.34  ? 125 SER A OG  1 
ATOM   560  N N   . GLN A 1 128 ? -12.922 22.839  -32.130 1.00 72.99  ? 126 GLN A N   1 
ATOM   561  C CA  . GLN A 1 128 ? -13.919 23.729  -32.689 1.00 73.48  ? 126 GLN A CA  1 
ATOM   562  C C   . GLN A 1 128 ? -13.270 25.016  -33.185 1.00 74.65  ? 126 GLN A C   1 
ATOM   563  O O   . GLN A 1 128 ? -13.760 25.625  -34.130 1.00 76.29  ? 126 GLN A O   1 
ATOM   564  C CB  . GLN A 1 128 ? -14.987 24.073  -31.665 1.00 72.79  ? 126 GLN A CB  1 
ATOM   565  C CG  . GLN A 1 128 ? -15.718 22.885  -31.114 1.00 75.01  ? 126 GLN A CG  1 
ATOM   566  C CD  . GLN A 1 128 ? -17.014 23.283  -30.426 1.00 77.35  ? 126 GLN A CD  1 
ATOM   567  O OE1 . GLN A 1 128 ? -17.643 22.472  -29.735 1.00 79.68  ? 126 GLN A OE1 1 
ATOM   568  N NE2 . GLN A 1 128 ? -17.425 24.536  -30.617 1.00 76.71  ? 126 GLN A NE2 1 
ATOM   569  N N   . LEU A 1 129 ? -12.169 25.432  -32.561 1.00 74.67  ? 127 LEU A N   1 
ATOM   570  C CA  . LEU A 1 129 ? -11.498 26.655  -32.996 1.00 74.07  ? 127 LEU A CA  1 
ATOM   571  C C   . LEU A 1 129 ? -10.729 26.405  -34.292 1.00 73.96  ? 127 LEU A C   1 
ATOM   572  O O   . LEU A 1 129 ? -10.816 27.197  -35.231 1.00 74.39  ? 127 LEU A O   1 
ATOM   573  C CB  . LEU A 1 129 ? -10.539 27.188  -31.922 1.00 73.14  ? 127 LEU A CB  1 
ATOM   574  C CG  . LEU A 1 129 ? -9.939  28.549  -32.309 1.00 71.86  ? 127 LEU A CG  1 
ATOM   575  C CD1 . LEU A 1 129 ? -11.052 29.576  -32.385 1.00 71.27  ? 127 LEU A CD1 1 
ATOM   576  C CD2 . LEU A 1 129 ? -8.903  28.990  -31.307 1.00 71.38  ? 127 LEU A CD2 1 
ATOM   577  N N   . VAL A 1 130 ? -9.975  25.309  -34.345 1.00 73.47  ? 128 VAL A N   1 
ATOM   578  C CA  . VAL A 1 130 ? -9.217  24.973  -35.550 1.00 72.76  ? 128 VAL A CA  1 
ATOM   579  C C   . VAL A 1 130 ? -10.189 24.765  -36.714 1.00 74.05  ? 128 VAL A C   1 
ATOM   580  O O   . VAL A 1 130 ? -9.879  25.061  -37.873 1.00 73.97  ? 128 VAL A O   1 
ATOM   581  C CB  . VAL A 1 130 ? -8.403  23.693  -35.355 1.00 69.95  ? 128 VAL A CB  1 
ATOM   582  C CG1 . VAL A 1 130 ? -7.604  23.406  -36.600 1.00 68.47  ? 128 VAL A CG1 1 
ATOM   583  C CG2 . VAL A 1 130 ? -7.491  23.842  -34.159 1.00 69.82  ? 128 VAL A CG2 1 
ATOM   584  N N   . ALA A 1 131 ? -11.368 24.249  -36.385 1.00 74.59  ? 129 ALA A N   1 
ATOM   585  C CA  . ALA A 1 131 ? -12.415 24.018  -37.364 1.00 74.96  ? 129 ALA A CA  1 
ATOM   586  C C   . ALA A 1 131 ? -12.857 25.386  -37.851 1.00 77.18  ? 129 ALA A C   1 
ATOM   587  O O   . ALA A 1 131 ? -12.721 25.716  -39.027 1.00 78.74  ? 129 ALA A O   1 
ATOM   588  C CB  . ALA A 1 131 ? -13.575 23.306  -36.707 1.00 73.16  ? 129 ALA A CB  1 
ATOM   589  N N   . ARG A 1 132 ? -13.385 26.169  -36.915 1.00 79.19  ? 130 ARG A N   1 
ATOM   590  C CA  . ARG A 1 132 ? -13.865 27.527  -37.156 1.00 80.98  ? 130 ARG A CA  1 
ATOM   591  C C   . ARG A 1 132 ? -12.860 28.357  -37.946 1.00 82.40  ? 130 ARG A C   1 
ATOM   592  O O   . ARG A 1 132 ? -13.235 29.131  -38.828 1.00 81.91  ? 130 ARG A O   1 
ATOM   593  C CB  . ARG A 1 132 ? -14.151 28.180  -35.806 1.00 81.76  ? 130 ARG A CB  1 
ATOM   594  C CG  . ARG A 1 132 ? -14.415 29.664  -35.797 1.00 82.02  ? 130 ARG A CG  1 
ATOM   595  C CD  . ARG A 1 132 ? -15.008 29.994  -34.451 1.00 82.88  ? 130 ARG A CD  1 
ATOM   596  N NE  . ARG A 1 132 ? -15.027 31.416  -34.148 1.00 84.67  ? 130 ARG A NE  1 
ATOM   597  C CZ  . ARG A 1 132 ? -15.598 31.924  -33.060 1.00 85.95  ? 130 ARG A CZ  1 
ATOM   598  N NH1 . ARG A 1 132 ? -16.195 31.123  -32.185 1.00 85.60  ? 130 ARG A NH1 1 
ATOM   599  N NH2 . ARG A 1 132 ? -15.564 33.231  -32.836 1.00 87.75  ? 130 ARG A NH2 1 
ATOM   600  N N   . TRP A 1 133 ? -11.583 28.200  -37.622 1.00 84.02  ? 131 TRP A N   1 
ATOM   601  C CA  . TRP A 1 133 ? -10.540 28.927  -38.323 1.00 86.30  ? 131 TRP A CA  1 
ATOM   602  C C   . TRP A 1 133 ? -10.594 28.558  -39.782 1.00 87.34  ? 131 TRP A C   1 
ATOM   603  O O   . TRP A 1 133 ? -10.486 29.420  -40.645 1.00 88.60  ? 131 TRP A O   1 
ATOM   604  C CB  . TRP A 1 133 ? -9.166  28.559  -37.791 1.00 88.00  ? 131 TRP A CB  1 
ATOM   605  C CG  . TRP A 1 133 ? -8.048  29.126  -38.614 1.00 90.03  ? 131 TRP A CG  1 
ATOM   606  C CD1 . TRP A 1 133 ? -7.118  28.423  -39.324 1.00 90.36  ? 131 TRP A CD1 1 
ATOM   607  C CD2 . TRP A 1 133 ? -7.698  30.511  -38.752 1.00 91.24  ? 131 TRP A CD2 1 
ATOM   608  N NE1 . TRP A 1 133 ? -6.204  29.282  -39.888 1.00 91.26  ? 131 TRP A NE1 1 
ATOM   609  C CE2 . TRP A 1 133 ? -6.536  30.569  -39.555 1.00 91.29  ? 131 TRP A CE2 1 
ATOM   610  C CE3 . TRP A 1 133 ? -8.255  31.710  -38.275 1.00 91.83  ? 131 TRP A CE3 1 
ATOM   611  C CZ2 . TRP A 1 133 ? -5.913  31.777  -39.888 1.00 91.46  ? 131 TRP A CZ2 1 
ATOM   612  C CZ3 . TRP A 1 133 ? -7.636  32.914  -38.606 1.00 92.01  ? 131 TRP A CZ3 1 
ATOM   613  C CH2 . TRP A 1 133 ? -6.475  32.936  -39.407 1.00 92.12  ? 131 TRP A CH2 1 
ATOM   614  N N   . LEU A 1 134 ? -10.737 27.265  -40.051 1.00 89.12  ? 132 LEU A N   1 
ATOM   615  C CA  . LEU A 1 134 ? -10.810 26.773  -41.420 1.00 90.03  ? 132 LEU A CA  1 
ATOM   616  C C   . LEU A 1 134 ? -12.057 27.303  -42.114 1.00 90.66  ? 132 LEU A C   1 
ATOM   617  O O   . LEU A 1 134 ? -11.975 27.808  -43.232 1.00 91.49  ? 132 LEU A O   1 
ATOM   618  C CB  . LEU A 1 134 ? -10.781 25.239  -41.438 1.00 89.39  ? 132 LEU A CB  1 
ATOM   619  C CG  . LEU A 1 134 ? -9.392  24.619  -41.665 1.00 89.41  ? 132 LEU A CG  1 
ATOM   620  C CD1 . LEU A 1 134 ? -8.305  25.416  -40.936 1.00 89.18  ? 132 LEU A CD1 1 
ATOM   621  C CD2 . LEU A 1 134 ? -9.413  23.175  -41.191 1.00 89.51  ? 132 LEU A CD2 1 
ATOM   622  N N   . LYS A 1 135 ? -13.209 27.205  -41.457 1.00 91.06  ? 133 LYS A N   1 
ATOM   623  C CA  . LYS A 1 135 ? -14.436 27.718  -42.047 1.00 91.79  ? 133 LYS A CA  1 
ATOM   624  C C   . LYS A 1 135 ? -14.199 29.184  -42.409 1.00 93.36  ? 133 LYS A C   1 
ATOM   625  O O   . LYS A 1 135 ? -14.664 29.660  -43.438 1.00 94.58  ? 133 LYS A O   1 
ATOM   626  C CB  . LYS A 1 135 ? -15.587 27.588  -41.067 1.00 90.45  ? 133 LYS A CB  1 
ATOM   627  N N   . LYS A 1 136 ? -13.460 29.896  -41.564 1.00 95.16  ? 134 LYS A N   1 
ATOM   628  C CA  . LYS A 1 136 ? -13.149 31.303  -41.808 1.00 96.93  ? 134 LYS A CA  1 
ATOM   629  C C   . LYS A 1 136 ? -12.127 31.450  -42.939 1.00 98.52  ? 134 LYS A C   1 
ATOM   630  O O   . LYS A 1 136 ? -12.249 32.339  -43.776 1.00 98.79  ? 134 LYS A O   1 
ATOM   631  C CB  . LYS A 1 136 ? -12.600 31.949  -40.530 1.00 97.00  ? 134 LYS A CB  1 
ATOM   632  C CG  . LYS A 1 136 ? -12.004 33.337  -40.720 1.00 96.16  ? 134 LYS A CG  1 
ATOM   633  C CD  . LYS A 1 136 ? -11.227 33.764  -39.489 1.00 95.71  ? 134 LYS A CD  1 
ATOM   634  C CE  . LYS A 1 136 ? -10.483 35.057  -39.740 1.00 95.33  ? 134 LYS A CE  1 
ATOM   635  N NZ  . LYS A 1 136 ? -11.427 36.132  -40.128 1.00 95.34  ? 134 LYS A NZ  1 
ATOM   636  N N   . THR A 1 137 ? -11.121 30.580  -42.956 1.00 100.77 ? 135 THR A N   1 
ATOM   637  C CA  . THR A 1 137 ? -10.083 30.617  -43.984 1.00 102.95 ? 135 THR A CA  1 
ATOM   638  C C   . THR A 1 137 ? -10.625 30.197  -45.350 1.00 104.81 ? 135 THR A C   1 
ATOM   639  O O   . THR A 1 137 ? -10.187 30.711  -46.380 1.00 105.25 ? 135 THR A O   1 
ATOM   640  C CB  . THR A 1 137 ? -8.889  29.699  -43.608 1.00 103.12 ? 135 THR A CB  1 
ATOM   641  O OG1 . THR A 1 137 ? -8.176  30.269  -42.501 1.00 103.66 ? 135 THR A OG1 1 
ATOM   642  C CG2 . THR A 1 137 ? -7.939  29.533  -44.789 1.00 102.45 ? 135 THR A CG2 1 
ATOM   643  N N   . GLU A 1 138 ? -11.576 29.268  -45.361 1.00 106.75 ? 136 GLU A N   1 
ATOM   644  C CA  . GLU A 1 138 ? -12.171 28.804  -46.612 1.00 108.70 ? 136 GLU A CA  1 
ATOM   645  C C   . GLU A 1 138 ? -13.005 29.917  -47.253 1.00 110.93 ? 136 GLU A C   1 
ATOM   646  O O   . GLU A 1 138 ? -12.929 30.138  -48.462 1.00 111.77 ? 136 GLU A O   1 
ATOM   647  C CB  . GLU A 1 138 ? -13.035 27.576  -46.360 1.00 107.08 ? 136 GLU A CB  1 
ATOM   648  N N   . LYS A 1 139 ? -13.794 30.623  -46.442 1.00 113.16 ? 137 LYS A N   1 
ATOM   649  C CA  . LYS A 1 139 ? -14.627 31.713  -46.952 1.00 115.58 ? 137 LYS A CA  1 
ATOM   650  C C   . LYS A 1 139 ? -13.811 32.911  -47.437 1.00 117.80 ? 137 LYS A C   1 
ATOM   651  O O   . LYS A 1 139 ? -14.193 33.575  -48.402 1.00 118.63 ? 137 LYS A O   1 
ATOM   652  C CB  . LYS A 1 139 ? -15.629 32.174  -45.888 1.00 114.69 ? 137 LYS A CB  1 
ATOM   653  C CG  . LYS A 1 139 ? -16.372 33.454  -46.268 1.00 113.91 ? 137 LYS A CG  1 
ATOM   654  C CD  . LYS A 1 139 ? -17.836 33.407  -45.856 1.00 113.88 ? 137 LYS A CD  1 
ATOM   655  C CE  . LYS A 1 139 ? -18.007 33.200  -44.352 1.00 113.78 ? 137 LYS A CE  1 
ATOM   656  N NZ  . LYS A 1 139 ? -19.448 33.125  -43.957 1.00 113.03 ? 137 LYS A NZ  1 
ATOM   657  N N   . GLU A 1 140 ? -12.700 33.199  -46.768 1.00 120.28 ? 138 GLU A N   1 
ATOM   658  C CA  . GLU A 1 140 ? -11.853 34.316  -47.175 1.00 122.27 ? 138 GLU A CA  1 
ATOM   659  C C   . GLU A 1 140 ? -11.208 33.985  -48.518 1.00 123.26 ? 138 GLU A C   1 
ATOM   660  O O   . GLU A 1 140 ? -11.143 34.837  -49.402 1.00 123.87 ? 138 GLU A O   1 
ATOM   661  C CB  . GLU A 1 140 ? -10.753 34.584  -46.141 1.00 122.72 ? 138 GLU A CB  1 
ATOM   662  C CG  . GLU A 1 140 ? -11.254 34.778  -44.717 1.00 123.52 ? 138 GLU A CG  1 
ATOM   663  C CD  . GLU A 1 140 ? -10.150 35.192  -43.757 1.00 123.88 ? 138 GLU A CD  1 
ATOM   664  O OE1 . GLU A 1 140 ? -9.054  34.590  -43.811 1.00 124.18 ? 138 GLU A OE1 1 
ATOM   665  O OE2 . GLU A 1 140 ? -10.385 36.115  -42.945 1.00 123.75 ? 138 GLU A OE2 1 
ATOM   666  N N   . THR A 1 141 ? -10.740 32.742  -48.663 1.00 124.08 ? 139 THR A N   1 
ATOM   667  C CA  . THR A 1 141 ? -10.089 32.292  -49.895 1.00 124.81 ? 139 THR A CA  1 
ATOM   668  C C   . THR A 1 141 ? -11.085 32.186  -51.060 1.00 125.80 ? 139 THR A C   1 
ATOM   669  O O   . THR A 1 141 ? -10.749 32.508  -52.204 1.00 125.58 ? 139 THR A O   1 
ATOM   670  C CB  . THR A 1 141 ? -9.371  30.921  -49.688 1.00 124.14 ? 139 THR A CB  1 
ATOM   671  O OG1 . THR A 1 141 ? -8.460  30.690  -50.768 1.00 123.65 ? 139 THR A OG1 1 
ATOM   672  C CG2 . THR A 1 141 ? -10.372 29.777  -49.643 1.00 123.65 ? 139 THR A CG2 1 
ATOM   673  N N   . GLU A 1 142 ? -12.308 31.745  -50.764 1.00 126.90 ? 140 GLU A N   1 
ATOM   674  C CA  . GLU A 1 142 ? -13.353 31.614  -51.781 1.00 128.05 ? 140 GLU A CA  1 
ATOM   675  C C   . GLU A 1 142 ? -13.830 32.999  -52.220 1.00 129.24 ? 140 GLU A C   1 
ATOM   676  O O   . GLU A 1 142 ? -13.734 33.353  -53.399 1.00 129.81 ? 140 GLU A O   1 
ATOM   677  C CB  . GLU A 1 142 ? -14.531 30.801  -51.233 1.00 127.19 ? 140 GLU A CB  1 
ATOM   678  N N   . ALA A 1 143 ? -14.333 33.777  -51.263 1.00 130.48 ? 141 ALA A N   1 
ATOM   679  C CA  . ALA A 1 143 ? -14.823 35.130  -51.528 1.00 131.47 ? 141 ALA A CA  1 
ATOM   680  C C   . ALA A 1 143 ? -13.782 36.012  -52.234 1.00 132.21 ? 141 ALA A C   1 
ATOM   681  O O   . ALA A 1 143 ? -14.136 36.826  -53.090 1.00 132.58 ? 141 ALA A O   1 
ATOM   682  C CB  . ALA A 1 143 ? -15.267 35.789  -50.219 1.00 130.98 ? 141 ALA A CB  1 
ATOM   683  N N   . MET A 1 144 ? -12.506 35.851  -51.876 1.00 132.70 ? 142 MET A N   1 
ATOM   684  C CA  . MET A 1 144 ? -11.432 36.634  -52.493 1.00 133.07 ? 142 MET A CA  1 
ATOM   685  C C   . MET A 1 144 ? -11.233 36.214  -53.948 1.00 133.66 ? 142 MET A C   1 
ATOM   686  O O   . MET A 1 144 ? -11.437 37.071  -54.836 1.00 134.42 ? 142 MET A O   1 
ATOM   687  C CB  . MET A 1 144 ? -10.127 36.455  -51.721 1.00 132.46 ? 142 MET A CB  1 
ATOM   688  N N   . VAL B 1 60  ? -5.369  -32.710 45.351  1.00 109.19 ? 58  VAL B N   1 
ATOM   689  C CA  . VAL B 1 60  ? -5.680  -34.045 45.944  1.00 110.70 ? 58  VAL B CA  1 
ATOM   690  C C   . VAL B 1 60  ? -4.493  -35.041 45.908  1.00 109.95 ? 58  VAL B C   1 
ATOM   691  O O   . VAL B 1 60  ? -4.334  -35.869 46.847  1.00 110.93 ? 58  VAL B O   1 
ATOM   692  C CB  . VAL B 1 60  ? -6.930  -34.713 45.237  1.00 108.98 ? 58  VAL B CB  1 
ATOM   693  N N   . SER B 1 61  ? -3.668  -34.958 44.853  1.00 111.03 ? 59  SER B N   1 
ATOM   694  C CA  . SER B 1 61  ? -2.553  -35.898 44.655  1.00 110.19 ? 59  SER B CA  1 
ATOM   695  C C   . SER B 1 61  ? -1.197  -35.251 44.285  1.00 108.95 ? 59  SER B C   1 
ATOM   696  O O   . SER B 1 61  ? -0.997  -34.016 44.405  1.00 110.52 ? 59  SER B O   1 
ATOM   697  C CB  . SER B 1 61  ? -2.962  -36.991 43.579  1.00 109.19 ? 59  SER B CB  1 
ATOM   698  N N   . HIS B 1 62  ? -0.265  -36.115 43.870  1.00 106.52 ? 60  HIS B N   1 
ATOM   699  C CA  . HIS B 1 62  ? 1.104   -35.746 43.498  1.00 104.32 ? 60  HIS B CA  1 
ATOM   700  C C   . HIS B 1 62  ? 1.338   -35.599 41.989  1.00 101.54 ? 60  HIS B C   1 
ATOM   701  O O   . HIS B 1 62  ? 0.865   -36.413 41.198  1.00 101.83 ? 60  HIS B O   1 
ATOM   702  C CB  . HIS B 1 62  ? 2.050   -36.821 44.062  1.00 103.59 ? 60  HIS B CB  1 
ATOM   703  C CG  . HIS B 1 62  ? 3.429   -36.815 43.473  1.00 103.69 ? 60  HIS B CG  1 
ATOM   704  N ND1 . HIS B 1 62  ? 4.363   -35.845 43.777  1.00 103.85 ? 60  HIS B ND1 1 
ATOM   705  C CD2 . HIS B 1 62  ? 4.053   -37.693 42.648  1.00 103.08 ? 60  HIS B CD2 1 
ATOM   706  C CE1 . HIS B 1 62  ? 5.503   -36.130 43.172  1.00 103.65 ? 60  HIS B CE1 1 
ATOM   707  N NE2 . HIS B 1 62  ? 5.343   -37.247 42.482  1.00 103.61 ? 60  HIS B NE2 1 
ATOM   708  N N   . ASP B 1 63  ? 2.107   -34.579 41.611  1.00 100.77 ? 61  ASP B N   1 
ATOM   709  C CA  . ASP B 1 63  ? 2.465   -34.306 40.212  1.00 99.49  ? 61  ASP B CA  1 
ATOM   710  C C   . ASP B 1 63  ? 1.322   -33.896 39.296  1.00 97.52  ? 61  ASP B C   1 
ATOM   711  O O   . ASP B 1 63  ? 1.503   -33.781 38.084  1.00 97.53  ? 61  ASP B O   1 
ATOM   712  C CB  . ASP B 1 63  ? 3.187   -35.515 39.596  1.00 99.03  ? 61  ASP B CB  1 
ATOM   713  C CG  . ASP B 1 63  ? 4.698   -35.393 39.668  1.00 99.42  ? 61  ASP B CG  1 
ATOM   714  O OD1 . ASP B 1 63  ? 5.188   -34.583 40.487  1.00 100.12 ? 61  ASP B OD1 1 
ATOM   715  O OD2 . ASP B 1 63  ? 5.395   -36.111 38.915  1.00 99.38  ? 61  ASP B OD2 1 
ATOM   716  N N   . ASP B 1 64  ? 0.143   -33.678 39.863  1.00 96.48  ? 62  ASP B N   1 
ATOM   717  C CA  . ASP B 1 64  ? -0.993  -33.275 39.048  1.00 94.10  ? 62  ASP B CA  1 
ATOM   718  C C   . ASP B 1 64  ? -0.819  -31.831 38.603  1.00 90.20  ? 62  ASP B C   1 
ATOM   719  O O   . ASP B 1 64  ? -0.750  -31.555 37.408  1.00 90.08  ? 62  ASP B O   1 
ATOM   720  C CB  . ASP B 1 64  ? -2.296  -33.463 39.828  1.00 97.05  ? 62  ASP B CB  1 
ATOM   721  C CG  . ASP B 1 64  ? -2.766  -34.913 39.820  1.00 100.31 ? 62  ASP B CG  1 
ATOM   722  O OD1 . ASP B 1 64  ? -3.783  -35.199 39.146  1.00 102.11 ? 62  ASP B OD1 1 
ATOM   723  O OD2 . ASP B 1 64  ? -2.111  -35.768 40.469  1.00 101.61 ? 62  ASP B OD2 1 
ATOM   724  N N   . ALA B 1 65  ? -0.723  -30.918 39.560  1.00 85.06  ? 63  ALA B N   1 
ATOM   725  C CA  . ALA B 1 65  ? -0.543  -29.517 39.228  1.00 81.15  ? 63  ALA B CA  1 
ATOM   726  C C   . ALA B 1 65  ? 0.619   -29.359 38.246  1.00 79.26  ? 63  ALA B C   1 
ATOM   727  O O   . ALA B 1 65  ? 0.549   -28.577 37.295  1.00 79.17  ? 63  ALA B O   1 
ATOM   728  C CB  . ALA B 1 65  ? -0.281  -28.707 40.493  1.00 80.33  ? 63  ALA B CB  1 
ATOM   729  N N   . LEU B 1 66  ? 1.688   -30.113 38.467  1.00 76.45  ? 64  LEU B N   1 
ATOM   730  C CA  . LEU B 1 66  ? 2.853   -30.025 37.598  1.00 73.54  ? 64  LEU B CA  1 
ATOM   731  C C   . LEU B 1 66  ? 2.506   -30.465 36.181  1.00 72.76  ? 64  LEU B C   1 
ATOM   732  O O   . LEU B 1 66  ? 3.035   -29.940 35.200  1.00 73.64  ? 64  LEU B O   1 
ATOM   733  C CB  . LEU B 1 66  ? 3.983   -30.897 38.139  1.00 70.99  ? 64  LEU B CB  1 
ATOM   734  C CG  . LEU B 1 66  ? 5.356   -30.233 38.144  1.00 68.83  ? 64  LEU B CG  1 
ATOM   735  C CD1 . LEU B 1 66  ? 6.359   -31.214 38.691  1.00 69.87  ? 64  LEU B CD1 1 
ATOM   736  C CD2 . LEU B 1 66  ? 5.753   -29.802 36.758  1.00 68.29  ? 64  LEU B CD2 1 
ATOM   737  N N   . LEU B 1 67  ? 1.612   -31.439 36.070  1.00 71.45  ? 65  LEU B N   1 
ATOM   738  C CA  . LEU B 1 67  ? 1.227   -31.939 34.759  1.00 68.99  ? 65  LEU B CA  1 
ATOM   739  C C   . LEU B 1 67  ? 0.281   -30.996 34.057  1.00 68.18  ? 65  LEU B C   1 
ATOM   740  O O   . LEU B 1 67  ? 0.457   -30.701 32.872  1.00 67.94  ? 65  LEU B O   1 
ATOM   741  C CB  . LEU B 1 67  ? 0.594   -33.325 34.877  1.00 67.05  ? 65  LEU B CB  1 
ATOM   742  C CG  . LEU B 1 67  ? 1.626   -34.445 35.041  1.00 65.91  ? 65  LEU B CG  1 
ATOM   743  C CD1 . LEU B 1 67  ? 0.895   -35.759 35.140  1.00 65.49  ? 65  LEU B CD1 1 
ATOM   744  C CD2 . LEU B 1 67  ? 2.609   -34.457 33.867  1.00 63.80  ? 65  LEU B CD2 1 
ATOM   745  N N   . ASN B 1 68  ? -0.717  -30.522 34.795  1.00 67.30  ? 66  ASN B N   1 
ATOM   746  C CA  . ASN B 1 68  ? -1.703  -29.606 34.247  1.00 66.02  ? 66  ASN B CA  1 
ATOM   747  C C   . ASN B 1 68  ? -1.041  -28.334 33.731  1.00 66.41  ? 66  ASN B C   1 
ATOM   748  O O   . ASN B 1 68  ? -1.331  -27.887 32.621  1.00 67.51  ? 66  ASN B O   1 
ATOM   749  C CB  . ASN B 1 68  ? -2.741  -29.251 35.300  1.00 64.64  ? 66  ASN B CB  1 
ATOM   750  C CG  . ASN B 1 68  ? -3.802  -28.341 34.764  1.00 65.11  ? 66  ASN B CG  1 
ATOM   751  O OD1 . ASN B 1 68  ? -4.502  -28.684 33.814  1.00 65.28  ? 66  ASN B OD1 1 
ATOM   752  N ND2 . ASN B 1 68  ? -3.924  -27.162 35.355  1.00 66.77  ? 66  ASN B ND2 1 
ATOM   753  N N   . THR B 1 69  ? -0.155  -27.749 34.531  1.00 65.49  ? 67  THR B N   1 
ATOM   754  C CA  . THR B 1 69  ? 0.539   -26.533 34.120  1.00 63.58  ? 67  THR B CA  1 
ATOM   755  C C   . THR B 1 69  ? 1.347   -26.800 32.859  1.00 62.37  ? 67  THR B C   1 
ATOM   756  O O   . THR B 1 69  ? 1.246   -26.057 31.882  1.00 62.60  ? 67  THR B O   1 
ATOM   757  C CB  . THR B 1 69  ? 1.465   -26.019 35.231  1.00 63.30  ? 67  THR B CB  1 
ATOM   758  O OG1 . THR B 1 69  ? 0.663   -25.542 36.319  1.00 64.21  ? 67  THR B OG1 1 
ATOM   759  C CG2 . THR B 1 69  ? 2.348   -24.893 34.721  1.00 61.90  ? 67  THR B CG2 1 
ATOM   760  N N   . LEU B 1 70  ? 2.142   -27.864 32.879  1.00 60.92  ? 68  LEU B N   1 
ATOM   761  C CA  . LEU B 1 70  ? 2.944   -28.229 31.712  1.00 59.00  ? 68  LEU B CA  1 
ATOM   762  C C   . LEU B 1 70  ? 2.049   -28.350 30.488  1.00 58.42  ? 68  LEU B C   1 
ATOM   763  O O   . LEU B 1 70  ? 2.421   -27.955 29.388  1.00 59.42  ? 68  LEU B O   1 
ATOM   764  C CB  . LEU B 1 70  ? 3.641   -29.566 31.932  1.00 56.59  ? 68  LEU B CB  1 
ATOM   765  C CG  . LEU B 1 70  ? 4.957   -29.536 32.676  1.00 54.81  ? 68  LEU B CG  1 
ATOM   766  C CD1 . LEU B 1 70  ? 5.448   -30.948 32.839  1.00 54.29  ? 68  LEU B CD1 1 
ATOM   767  C CD2 . LEU B 1 70  ? 5.963   -28.700 31.905  1.00 56.20  ? 68  LEU B CD2 1 
ATOM   768  N N   . ALA B 1 71  ? 0.868   -28.918 30.695  1.00 57.69  ? 69  ALA B N   1 
ATOM   769  C CA  . ALA B 1 71  ? -0.095  -29.106 29.620  1.00 57.96  ? 69  ALA B CA  1 
ATOM   770  C C   . ALA B 1 71  ? -0.459  -27.766 28.980  1.00 58.42  ? 69  ALA B C   1 
ATOM   771  O O   . ALA B 1 71  ? -0.235  -27.552 27.781  1.00 58.21  ? 69  ALA B O   1 
ATOM   772  C CB  . ALA B 1 71  ? -1.350  -29.788 30.167  1.00 56.70  ? 69  ALA B CB  1 
ATOM   773  N N   . ILE B 1 72  ? -1.022  -26.874 29.794  1.00 58.39  ? 70  ILE B N   1 
ATOM   774  C CA  . ILE B 1 72  ? -1.427  -25.554 29.341  1.00 58.51  ? 70  ILE B CA  1 
ATOM   775  C C   . ILE B 1 72  ? -0.243  -24.860 28.664  1.00 59.28  ? 70  ILE B C   1 
ATOM   776  O O   . ILE B 1 72  ? -0.311  -24.514 27.482  1.00 59.46  ? 70  ILE B O   1 
ATOM   777  C CB  . ILE B 1 72  ? -1.937  -24.690 30.526  1.00 57.63  ? 70  ILE B CB  1 
ATOM   778  C CG1 . ILE B 1 72  ? -3.070  -25.419 31.249  1.00 57.58  ? 70  ILE B CG1 1 
ATOM   779  C CG2 . ILE B 1 72  ? -2.454  -23.353 30.019  1.00 57.71  ? 70  ILE B CG2 1 
ATOM   780  C CD1 . ILE B 1 72  ? -3.680  -24.636 32.403  1.00 58.00  ? 70  ILE B CD1 1 
ATOM   781  N N   . LEU B 1 73  ? 0.843   -24.667 29.408  1.00 59.47  ? 71  LEU B N   1 
ATOM   782  C CA  . LEU B 1 73  ? 2.013   -24.011 28.847  1.00 59.84  ? 71  LEU B CA  1 
ATOM   783  C C   . LEU B 1 73  ? 2.427   -24.624 27.526  1.00 60.98  ? 71  LEU B C   1 
ATOM   784  O O   . LEU B 1 73  ? 2.827   -23.919 26.601  1.00 62.27  ? 71  LEU B O   1 
ATOM   785  C CB  . LEU B 1 73  ? 3.196   -24.057 29.813  1.00 58.54  ? 71  LEU B CB  1 
ATOM   786  C CG  . LEU B 1 73  ? 3.044   -23.208 31.078  1.00 58.73  ? 71  LEU B CG  1 
ATOM   787  C CD1 . LEU B 1 73  ? 4.340   -23.258 31.877  1.00 59.18  ? 71  LEU B CD1 1 
ATOM   788  C CD2 . LEU B 1 73  ? 2.683   -21.758 30.714  1.00 56.06  ? 71  LEU B CD2 1 
ATOM   789  N N   . GLN B 1 74  ? 2.314   -25.936 27.411  1.00 62.57  ? 72  GLN B N   1 
ATOM   790  C CA  . GLN B 1 74  ? 2.709   -26.573 26.168  1.00 64.72  ? 72  GLN B CA  1 
ATOM   791  C C   . GLN B 1 74  ? 1.804   -26.203 25.006  1.00 65.20  ? 72  GLN B C   1 
ATOM   792  O O   . GLN B 1 74  ? 2.275   -26.054 23.876  1.00 65.68  ? 72  GLN B O   1 
ATOM   793  C CB  . GLN B 1 74  ? 2.724   -28.076 26.305  1.00 66.30  ? 72  GLN B CB  1 
ATOM   794  C CG  . GLN B 1 74  ? 3.723   -28.682 25.344  1.00 70.32  ? 72  GLN B CG  1 
ATOM   795  C CD  . GLN B 1 74  ? 5.102   -28.888 25.959  1.00 71.04  ? 72  GLN B CD  1 
ATOM   796  O OE1 . GLN B 1 74  ? 6.117   -28.426 25.421  1.00 70.66  ? 72  GLN B OE1 1 
ATOM   797  N NE2 . GLN B 1 74  ? 5.144   -29.617 27.077  1.00 69.87  ? 72  GLN B NE2 1 
ATOM   798  N N   . LYS B 1 75  ? 0.507   -26.081 25.288  1.00 64.98  ? 73  LYS B N   1 
ATOM   799  C CA  . LYS B 1 75  ? -0.484  -25.706 24.277  1.00 64.73  ? 73  LYS B CA  1 
ATOM   800  C C   . LYS B 1 75  ? -0.227  -24.262 23.866  1.00 64.98  ? 73  LYS B C   1 
ATOM   801  O O   . LYS B 1 75  ? -0.366  -23.897 22.691  1.00 65.52  ? 73  LYS B O   1 
ATOM   802  C CB  . LYS B 1 75  ? -1.913  -25.835 24.836  1.00 64.24  ? 73  LYS B CB  1 
ATOM   803  C CG  . LYS B 1 75  ? -3.003  -25.590 23.799  1.00 66.60  ? 73  LYS B CG  1 
ATOM   804  C CD  . LYS B 1 75  ? -4.437  -25.773 24.354  1.00 69.69  ? 73  LYS B CD  1 
ATOM   805  C CE  . LYS B 1 75  ? -5.499  -25.681 23.228  1.00 71.11  ? 73  LYS B CE  1 
ATOM   806  N NZ  . LYS B 1 75  ? -6.882  -26.027 23.686  1.00 71.88  ? 73  LYS B NZ  1 
ATOM   807  N N   . GLU B 1 76  ? 0.141   -23.445 24.850  1.00 63.59  ? 74  GLU B N   1 
ATOM   808  C CA  . GLU B 1 76  ? 0.429   -22.045 24.598  1.00 62.18  ? 74  GLU B CA  1 
ATOM   809  C C   . GLU B 1 76  ? 1.597   -21.915 23.643  1.00 62.29  ? 74  GLU B C   1 
ATOM   810  O O   . GLU B 1 76  ? 1.545   -21.138 22.694  1.00 62.15  ? 74  GLU B O   1 
ATOM   811  C CB  . GLU B 1 76  ? 0.776   -21.321 25.893  1.00 61.01  ? 74  GLU B CB  1 
ATOM   812  C CG  . GLU B 1 76  ? -0.395  -21.076 26.804  1.00 63.17  ? 74  GLU B CG  1 
ATOM   813  C CD  . GLU B 1 76  ? -0.070  -20.074 27.898  1.00 64.16  ? 74  GLU B CD  1 
ATOM   814  O OE1 . GLU B 1 76  ? 0.833   -19.237 27.689  1.00 65.41  ? 74  GLU B OE1 1 
ATOM   815  O OE2 . GLU B 1 76  ? -0.729  -20.107 28.957  1.00 65.40  ? 74  GLU B OE2 1 
ATOM   816  N N   . LEU B 1 77  ? 2.650   -22.687 23.900  1.00 61.98  ? 75  LEU B N   1 
ATOM   817  C CA  . LEU B 1 77  ? 3.836   -22.634 23.066  1.00 60.84  ? 75  LEU B CA  1 
ATOM   818  C C   . LEU B 1 77  ? 3.527   -22.968 21.618  1.00 61.77  ? 75  LEU B C   1 
ATOM   819  O O   . LEU B 1 77  ? 4.082   -22.351 20.711  1.00 60.32  ? 75  LEU B O   1 
ATOM   820  C CB  . LEU B 1 77  ? 4.920   -23.578 23.582  1.00 59.59  ? 75  LEU B CB  1 
ATOM   821  C CG  . LEU B 1 77  ? 6.188   -23.560 22.716  1.00 60.16  ? 75  LEU B CG  1 
ATOM   822  C CD1 . LEU B 1 77  ? 6.883   -22.208 22.833  1.00 60.22  ? 75  LEU B CD1 1 
ATOM   823  C CD2 . LEU B 1 77  ? 7.125   -24.663 23.154  1.00 60.58  ? 75  LEU B CD2 1 
ATOM   824  N N   . LYS B 1 78  ? 2.647   -23.940 21.387  1.00 63.75  ? 76  LYS B N   1 
ATOM   825  C CA  . LYS B 1 78  ? 2.298   -24.297 20.009  1.00 65.52  ? 76  LYS B CA  1 
ATOM   826  C C   . LYS B 1 78  ? 1.586   -23.106 19.415  1.00 64.61  ? 76  LYS B C   1 
ATOM   827  O O   . LYS B 1 78  ? 1.971   -22.577 18.368  1.00 64.55  ? 76  LYS B O   1 
ATOM   828  C CB  . LYS B 1 78  ? 1.374   -25.518 19.969  1.00 68.22  ? 76  LYS B CB  1 
ATOM   829  C CG  . LYS B 1 78  ? 2.098   -26.801 19.618  1.00 72.85  ? 76  LYS B CG  1 
ATOM   830  C CD  . LYS B 1 78  ? 1.349   -28.016 20.151  1.00 78.11  ? 76  LYS B CD  1 
ATOM   831  C CE  . LYS B 1 78  ? 2.318   -29.174 20.438  1.00 80.60  ? 76  LYS B CE  1 
ATOM   832  N NZ  . LYS B 1 78  ? 1.805   -30.108 21.490  1.00 80.89  ? 76  LYS B NZ  1 
ATOM   833  N N   . SER B 1 79  ? 0.546   -22.685 20.119  1.00 63.13  ? 77  SER B N   1 
ATOM   834  C CA  . SER B 1 79  ? -0.253  -21.552 19.713  1.00 62.40  ? 77  SER B CA  1 
ATOM   835  C C   . SER B 1 79  ? 0.592   -20.351 19.275  1.00 62.91  ? 77  SER B C   1 
ATOM   836  O O   . SER B 1 79  ? 0.274   -19.702 18.282  1.00 62.40  ? 77  SER B O   1 
ATOM   837  C CB  . SER B 1 79  ? -1.164  -21.154 20.864  1.00 61.55  ? 77  SER B CB  1 
ATOM   838  O OG  . SER B 1 79  ? -1.990  -20.075 20.486  1.00 64.30  ? 77  SER B OG  1 
ATOM   839  N N   . LYS B 1 80  ? 1.667   -20.059 20.006  1.00 64.12  ? 78  LYS B N   1 
ATOM   840  C CA  . LYS B 1 80  ? 2.526   -18.925 19.677  1.00 64.50  ? 78  LYS B CA  1 
ATOM   841  C C   . LYS B 1 80  ? 3.450   -19.186 18.492  1.00 66.00  ? 78  LYS B C   1 
ATOM   842  O O   . LYS B 1 80  ? 3.792   -18.267 17.744  1.00 65.08  ? 78  LYS B O   1 
ATOM   843  C CB  . LYS B 1 80  ? 3.346   -18.502 20.901  1.00 63.37  ? 78  LYS B CB  1 
ATOM   844  C CG  . LYS B 1 80  ? 2.481   -18.078 22.085  1.00 64.63  ? 78  LYS B CG  1 
ATOM   845  C CD  . LYS B 1 80  ? 3.271   -17.317 23.145  1.00 65.79  ? 78  LYS B CD  1 
ATOM   846  C CE  . LYS B 1 80  ? 2.399   -16.992 24.366  1.00 67.36  ? 78  LYS B CE  1 
ATOM   847  N NZ  . LYS B 1 80  ? 1.180   -16.190 24.011  1.00 68.58  ? 78  LYS B NZ  1 
ATOM   848  N N   . GLU B 1 81  ? 3.856   -20.433 18.307  1.00 68.23  ? 79  GLU B N   1 
ATOM   849  C CA  . GLU B 1 81  ? 4.724   -20.749 17.190  1.00 70.57  ? 79  GLU B CA  1 
ATOM   850  C C   . GLU B 1 81  ? 3.928   -20.602 15.923  1.00 71.72  ? 79  GLU B C   1 
ATOM   851  O O   . GLU B 1 81  ? 4.464   -20.193 14.892  1.00 72.13  ? 79  GLU B O   1 
ATOM   852  C CB  . GLU B 1 81  ? 5.258   -22.159 17.321  1.00 72.42  ? 79  GLU B CB  1 
ATOM   853  C CG  . GLU B 1 81  ? 6.065   -22.303 18.578  1.00 79.06  ? 79  GLU B CG  1 
ATOM   854  C CD  . GLU B 1 81  ? 6.657   -23.679 18.753  1.00 82.21  ? 79  GLU B CD  1 
ATOM   855  O OE1 . GLU B 1 81  ? 5.884   -24.666 18.884  1.00 83.10  ? 79  GLU B OE1 1 
ATOM   856  O OE2 . GLU B 1 81  ? 7.907   -23.758 18.762  1.00 84.27  ? 79  GLU B OE2 1 
ATOM   857  N N   . GLN B 1 82  ? 2.641   -20.922 16.007  1.00 72.42  ? 80  GLN B N   1 
ATOM   858  C CA  . GLN B 1 82  ? 1.763   -20.797 14.856  1.00 73.53  ? 80  GLN B CA  1 
ATOM   859  C C   . GLN B 1 82  ? 1.617   -19.318 14.537  1.00 72.06  ? 80  GLN B C   1 
ATOM   860  O O   . GLN B 1 82  ? 1.683   -18.910 13.381  1.00 72.28  ? 80  GLN B O   1 
ATOM   861  C CB  . GLN B 1 82  ? 0.392   -21.392 15.153  1.00 76.68  ? 80  GLN B CB  1 
ATOM   862  C CG  . GLN B 1 82  ? -0.478  -21.508 13.915  1.00 84.27  ? 80  GLN B CG  1 
ATOM   863  C CD  . GLN B 1 82  ? -1.811  -22.187 14.194  1.00 89.28  ? 80  GLN B CD  1 
ATOM   864  O OE1 . GLN B 1 82  ? -2.826  -21.521 14.439  1.00 91.16  ? 80  GLN B OE1 1 
ATOM   865  N NE2 . GLN B 1 82  ? -1.812  -23.525 14.171  1.00 90.95  ? 80  GLN B NE2 1 
ATOM   866  N N   . GLU B 1 83  ? 1.425   -18.524 15.586  1.00 70.56  ? 81  GLU B N   1 
ATOM   867  C CA  . GLU B 1 83  ? 1.274   -17.079 15.473  1.00 68.01  ? 81  GLU B CA  1 
ATOM   868  C C   . GLU B 1 83  ? 2.442   -16.490 14.717  1.00 66.06  ? 81  GLU B C   1 
ATOM   869  O O   . GLU B 1 83  ? 2.259   -15.718 13.783  1.00 66.19  ? 81  GLU B O   1 
ATOM   870  C CB  . GLU B 1 83  ? 1.229   -16.446 16.862  1.00 69.26  ? 81  GLU B CB  1 
ATOM   871  C CG  . GLU B 1 83  ? 1.162   -14.923 16.874  1.00 71.45  ? 81  GLU B CG  1 
ATOM   872  C CD  . GLU B 1 83  ? -0.143  -14.384 16.309  1.00 73.77  ? 81  GLU B CD  1 
ATOM   873  O OE1 . GLU B 1 83  ? -1.048  -15.203 16.016  1.00 73.93  ? 81  GLU B OE1 1 
ATOM   874  O OE2 . GLU B 1 83  ? -0.266  -13.142 16.161  1.00 74.82  ? 81  GLU B OE2 1 
ATOM   875  N N   . ILE B 1 84  ? 3.647   -16.859 15.130  1.00 63.38  ? 82  ILE B N   1 
ATOM   876  C CA  . ILE B 1 84  ? 4.833   -16.339 14.488  1.00 61.75  ? 82  ILE B CA  1 
ATOM   877  C C   . ILE B 1 84  ? 4.850   -16.643 12.998  1.00 63.45  ? 82  ILE B C   1 
ATOM   878  O O   . ILE B 1 84  ? 5.308   -15.823 12.202  1.00 62.55  ? 82  ILE B O   1 
ATOM   879  C CB  . ILE B 1 84  ? 6.108   -16.883 15.160  1.00 59.74  ? 82  ILE B CB  1 
ATOM   880  C CG1 . ILE B 1 84  ? 6.075   -16.533 16.655  1.00 57.98  ? 82  ILE B CG1 1 
ATOM   881  C CG2 . ILE B 1 84  ? 7.354   -16.308 14.475  1.00 56.91  ? 82  ILE B CG2 1 
ATOM   882  C CD1 . ILE B 1 84  ? 7.342   -16.854 17.412  1.00 56.59  ? 82  ILE B CD1 1 
ATOM   883  N N   . ARG B 1 85  ? 4.340   -17.810 12.606  1.00 65.84  ? 83  ARG B N   1 
ATOM   884  C CA  . ARG B 1 85  ? 4.320   -18.157 11.184  1.00 67.32  ? 83  ARG B CA  1 
ATOM   885  C C   . ARG B 1 85  ? 3.383   -17.216 10.432  1.00 67.35  ? 83  ARG B C   1 
ATOM   886  O O   . ARG B 1 85  ? 3.753   -16.657 9.398   1.00 67.58  ? 83  ARG B O   1 
ATOM   887  C CB  . ARG B 1 85  ? 3.880   -19.616 10.975  1.00 69.35  ? 83  ARG B CB  1 
ATOM   888  C CG  . ARG B 1 85  ? 4.958   -20.664 11.289  1.00 73.45  ? 83  ARG B CG  1 
ATOM   889  C CD  . ARG B 1 85  ? 4.554   -22.074 10.806  1.00 77.11  ? 83  ARG B CD  1 
ATOM   890  N NE  . ARG B 1 85  ? 3.295   -22.564 11.384  1.00 80.67  ? 83  ARG B NE  1 
ATOM   891  C CZ  . ARG B 1 85  ? 3.181   -23.218 12.544  1.00 81.77  ? 83  ARG B CZ  1 
ATOM   892  N NH1 . ARG B 1 85  ? 4.261   -23.479 13.279  1.00 80.71  ? 83  ARG B NH1 1 
ATOM   893  N NH2 . ARG B 1 85  ? 1.980   -23.614 12.972  1.00 81.04  ? 83  ARG B NH2 1 
ATOM   894  N N   . ARG B 1 86  ? 2.178   -17.033 10.965  1.00 67.02  ? 84  ARG B N   1 
ATOM   895  C CA  . ARG B 1 86  ? 1.190   -16.161 10.346  1.00 67.29  ? 84  ARG B CA  1 
ATOM   896  C C   . ARG B 1 86  ? 1.716   -14.749 10.213  1.00 65.97  ? 84  ARG B C   1 
ATOM   897  O O   . ARG B 1 86  ? 1.620   -14.148 9.144   1.00 66.05  ? 84  ARG B O   1 
ATOM   898  C CB  . ARG B 1 86  ? -0.095  -16.140 11.165  1.00 70.24  ? 84  ARG B CB  1 
ATOM   899  C CG  . ARG B 1 86  ? -0.563  -17.514 11.506  1.00 78.26  ? 84  ARG B CG  1 
ATOM   900  C CD  . ARG B 1 86  ? -2.049  -17.591 11.691  1.00 84.57  ? 84  ARG B CD  1 
ATOM   901  N NE  . ARG B 1 86  ? -2.447  -18.993 11.641  1.00 92.67  ? 84  ARG B NE  1 
ATOM   902  C CZ  . ARG B 1 86  ? -3.700  -19.426 11.728  1.00 96.76  ? 84  ARG B CZ  1 
ATOM   903  N NH1 . ARG B 1 86  ? -4.696  -18.552 11.874  1.00 98.13  ? 84  ARG B NH1 1 
ATOM   904  N NH2 . ARG B 1 86  ? -3.954  -20.731 11.657  1.00 98.47  ? 84  ARG B NH2 1 
ATOM   905  N N   . LEU B 1 87  ? 2.267   -14.220 11.301  1.00 64.09  ? 85  LEU B N   1 
ATOM   906  C CA  . LEU B 1 87  ? 2.803   -12.870 11.295  1.00 62.20  ? 85  LEU B CA  1 
ATOM   907  C C   . LEU B 1 87  ? 3.841   -12.744 10.194  1.00 63.05  ? 85  LEU B C   1 
ATOM   908  O O   . LEU B 1 87  ? 3.837   -11.770 9.435   1.00 63.95  ? 85  LEU B O   1 
ATOM   909  C CB  . LEU B 1 87  ? 3.414   -12.534 12.655  1.00 59.75  ? 85  LEU B CB  1 
ATOM   910  C CG  . LEU B 1 87  ? 2.383   -12.444 13.786  1.00 58.52  ? 85  LEU B CG  1 
ATOM   911  C CD1 . LEU B 1 87  ? 3.074   -12.327 15.127  1.00 58.53  ? 85  LEU B CD1 1 
ATOM   912  C CD2 . LEU B 1 87  ? 1.485   -11.267 13.552  1.00 57.70  ? 85  LEU B CD2 1 
ATOM   913  N N   . LYS B 1 88  ? 4.720   -13.737 10.086  1.00 63.50  ? 86  LYS B N   1 
ATOM   914  C CA  . LYS B 1 88  ? 5.752   -13.714 9.050   1.00 63.36  ? 86  LYS B CA  1 
ATOM   915  C C   . LYS B 1 88  ? 5.125   -13.738 7.662   1.00 63.73  ? 86  LYS B C   1 
ATOM   916  O O   . LYS B 1 88  ? 5.635   -13.112 6.731   1.00 63.80  ? 86  LYS B O   1 
ATOM   917  C CB  . LYS B 1 88  ? 6.721   -14.891 9.229   1.00 62.59  ? 86  LYS B CB  1 
ATOM   918  C CG  . LYS B 1 88  ? 7.762   -14.625 10.308  1.00 64.44  ? 86  LYS B CG  1 
ATOM   919  C CD  . LYS B 1 88  ? 8.737   -15.773 10.565  1.00 64.97  ? 86  LYS B CD  1 
ATOM   920  C CE  . LYS B 1 88  ? 9.776   -15.326 11.601  1.00 68.25  ? 86  LYS B CE  1 
ATOM   921  N NZ  . LYS B 1 88  ? 10.609  -16.419 12.190  1.00 70.52  ? 86  LYS B NZ  1 
ATOM   922  N N   . GLU B 1 89  ? 4.011   -14.450 7.533   1.00 63.36  ? 87  GLU B N   1 
ATOM   923  C CA  . GLU B 1 89  ? 3.306   -14.535 6.269   1.00 64.31  ? 87  GLU B CA  1 
ATOM   924  C C   . GLU B 1 89  ? 2.697   -13.164 5.961   1.00 62.01  ? 87  GLU B C   1 
ATOM   925  O O   . GLU B 1 89  ? 2.791   -12.659 4.836   1.00 61.16  ? 87  GLU B O   1 
ATOM   926  C CB  . GLU B 1 89  ? 2.212   -15.611 6.354   1.00 70.78  ? 87  GLU B CB  1 
ATOM   927  C CG  . GLU B 1 89  ? 1.346   -15.749 5.096   1.00 80.22  ? 87  GLU B CG  1 
ATOM   928  C CD  . GLU B 1 89  ? 2.176   -15.696 3.806   1.00 85.98  ? 87  GLU B CD  1 
ATOM   929  O OE1 . GLU B 1 89  ? 3.099   -16.538 3.645   1.00 89.11  ? 87  GLU B OE1 1 
ATOM   930  O OE2 . GLU B 1 89  ? 1.906   -14.806 2.959   1.00 87.32  ? 87  GLU B OE2 1 
ATOM   931  N N   . VAL B 1 90  ? 2.076   -12.567 6.976   1.00 59.66  ? 88  VAL B N   1 
ATOM   932  C CA  . VAL B 1 90  ? 1.453   -11.250 6.855   1.00 56.09  ? 88  VAL B CA  1 
ATOM   933  C C   . VAL B 1 90  ? 2.480   -10.233 6.355   1.00 55.00  ? 88  VAL B C   1 
ATOM   934  O O   . VAL B 1 90  ? 2.209   -9.456  5.431   1.00 56.15  ? 88  VAL B O   1 
ATOM   935  C CB  . VAL B 1 90  ? 0.881   -10.789 8.211   1.00 54.15  ? 88  VAL B CB  1 
ATOM   936  C CG1 . VAL B 1 90  ? 0.451   -9.341  8.140   1.00 54.44  ? 88  VAL B CG1 1 
ATOM   937  C CG2 . VAL B 1 90  ? -0.295  -11.666 8.590   1.00 53.16  ? 88  VAL B CG2 1 
ATOM   938  N N   . ILE B 1 91  ? 3.665   -10.242 6.952   1.00 51.89  ? 89  ILE B N   1 
ATOM   939  C CA  . ILE B 1 91  ? 4.716   -9.329  6.532   1.00 50.44  ? 89  ILE B CA  1 
ATOM   940  C C   . ILE B 1 91  ? 5.046   -9.573  5.064   1.00 50.91  ? 89  ILE B C   1 
ATOM   941  O O   . ILE B 1 91  ? 5.246   -8.638  4.292   1.00 50.42  ? 89  ILE B O   1 
ATOM   942  C CB  . ILE B 1 91  ? 5.964   -9.521  7.390   1.00 48.39  ? 89  ILE B CB  1 
ATOM   943  C CG1 . ILE B 1 91  ? 5.613   -9.192  8.839   1.00 48.81  ? 89  ILE B CG1 1 
ATOM   944  C CG2 . ILE B 1 91  ? 7.078   -8.630  6.910   1.00 45.27  ? 89  ILE B CG2 1 
ATOM   945  C CD1 . ILE B 1 91  ? 6.713   -9.469  9.817   1.00 50.88  ? 89  ILE B CD1 1 
ATOM   946  N N   . ALA B 1 92  ? 5.073   -10.844 4.677   1.00 53.04  ? 90  ALA B N   1 
ATOM   947  C CA  . ALA B 1 92  ? 5.371   -11.223 3.299   1.00 53.50  ? 90  ALA B CA  1 
ATOM   948  C C   . ALA B 1 92  ? 4.402   -10.536 2.368   1.00 54.36  ? 90  ALA B C   1 
ATOM   949  O O   . ALA B 1 92  ? 4.800   -9.878  1.410   1.00 54.76  ? 90  ALA B O   1 
ATOM   950  C CB  . ALA B 1 92  ? 5.246   -12.717 3.135   1.00 54.03  ? 90  ALA B CB  1 
ATOM   951  N N   . LEU B 1 93  ? 3.119   -10.697 2.653   1.00 55.51  ? 91  LEU B N   1 
ATOM   952  C CA  . LEU B 1 93  ? 2.088   -10.088 1.831   1.00 57.30  ? 91  LEU B CA  1 
ATOM   953  C C   . LEU B 1 93  ? 2.145   -8.576  1.836   1.00 58.70  ? 91  LEU B C   1 
ATOM   954  O O   . LEU B 1 93  ? 2.137   -7.956  0.768   1.00 59.66  ? 91  LEU B O   1 
ATOM   955  C CB  . LEU B 1 93  ? 0.715   -10.538 2.299   1.00 57.53  ? 91  LEU B CB  1 
ATOM   956  C CG  . LEU B 1 93  ? 0.498   -12.030 2.091   1.00 57.68  ? 91  LEU B CG  1 
ATOM   957  C CD1 . LEU B 1 93  ? -0.848  -12.426 2.681   1.00 57.07  ? 91  LEU B CD1 1 
ATOM   958  C CD2 . LEU B 1 93  ? 0.580   -12.342 0.599   1.00 55.68  ? 91  LEU B CD2 1 
ATOM   959  N N   . LYS B 1 94  ? 2.195   -7.973  3.022   1.00 59.10  ? 92  LYS B N   1 
ATOM   960  C CA  . LYS B 1 94  ? 2.237   -6.519  3.079   1.00 60.15  ? 92  LYS B CA  1 
ATOM   961  C C   . LYS B 1 94  ? 3.352   -5.982  2.195   1.00 59.97  ? 92  LYS B C   1 
ATOM   962  O O   . LYS B 1 94  ? 3.159   -4.997  1.492   1.00 60.93  ? 92  LYS B O   1 
ATOM   963  C CB  . LYS B 1 94  ? 2.412   -6.007  4.516   1.00 61.48  ? 92  LYS B CB  1 
ATOM   964  C CG  . LYS B 1 94  ? 1.120   -5.475  5.155   1.00 65.17  ? 92  LYS B CG  1 
ATOM   965  C CD  . LYS B 1 94  ? 0.396   -6.569  5.957   1.00 68.10  ? 92  LYS B CD  1 
ATOM   966  C CE  . LYS B 1 94  ? -1.118  -6.320  6.103   1.00 70.22  ? 92  LYS B CE  1 
ATOM   967  N NZ  . LYS B 1 94  ? -1.498  -4.945  6.536   1.00 71.30  ? 92  LYS B NZ  1 
ATOM   968  N N   . ASN B 1 95  ? 4.511   -6.634  2.209   1.00 60.24  ? 93  ASN B N   1 
ATOM   969  C CA  . ASN B 1 95  ? 5.632   -6.182  1.388   1.00 61.73  ? 93  ASN B CA  1 
ATOM   970  C C   . ASN B 1 95  ? 5.324   -6.221  -0.092  1.00 62.66  ? 93  ASN B C   1 
ATOM   971  O O   . ASN B 1 95  ? 5.822   -5.391  -0.866  1.00 62.29  ? 93  ASN B O   1 
ATOM   972  C CB  . ASN B 1 95  ? 6.862   -7.028  1.644   1.00 62.62  ? 93  ASN B CB  1 
ATOM   973  C CG  . ASN B 1 95  ? 7.571   -6.636  2.899   1.00 64.32  ? 93  ASN B CG  1 
ATOM   974  O OD1 . ASN B 1 95  ? 8.040   -5.506  3.030   1.00 67.61  ? 93  ASN B OD1 1 
ATOM   975  N ND2 . ASN B 1 95  ? 7.661   -7.564  3.841   1.00 66.05  ? 93  ASN B ND2 1 
ATOM   976  N N   . LYS B 1 96  ? 4.528   -7.209  -0.488  1.00 63.48  ? 94  LYS B N   1 
ATOM   977  C CA  . LYS B 1 96  ? 4.150   -7.343  -1.879  1.00 64.13  ? 94  LYS B CA  1 
ATOM   978  C C   . LYS B 1 96  ? 3.150   -6.252  -2.180  1.00 62.85  ? 94  LYS B C   1 
ATOM   979  O O   . LYS B 1 96  ? 3.214   -5.614  -3.227  1.00 63.93  ? 94  LYS B O   1 
ATOM   980  C CB  . LYS B 1 96  ? 3.546   -8.720  -2.155  1.00 67.41  ? 94  LYS B CB  1 
ATOM   981  C CG  . LYS B 1 96  ? 4.594   -9.800  -2.377  1.00 73.26  ? 94  LYS B CG  1 
ATOM   982  C CD  . LYS B 1 96  ? 4.146   -10.796 -3.446  1.00 79.07  ? 94  LYS B CD  1 
ATOM   983  C CE  . LYS B 1 96  ? 5.283   -11.753 -3.830  1.00 83.65  ? 94  LYS B CE  1 
ATOM   984  N NZ  . LYS B 1 96  ? 4.905   -12.715 -4.928  1.00 85.63  ? 94  LYS B NZ  1 
ATOM   985  N N   . ASN B 1 97  ? 2.234   -6.014  -1.254  1.00 61.43  ? 95  ASN B N   1 
ATOM   986  C CA  . ASN B 1 97  ? 1.260   -4.966  -1.477  1.00 60.83  ? 95  ASN B CA  1 
ATOM   987  C C   . ASN B 1 97  ? 1.964   -3.604  -1.530  1.00 60.25  ? 95  ASN B C   1 
ATOM   988  O O   . ASN B 1 97  ? 1.570   -2.727  -2.302  1.00 60.63  ? 95  ASN B O   1 
ATOM   989  C CB  . ASN B 1 97  ? 0.204   -4.959  -0.370  1.00 61.45  ? 95  ASN B CB  1 
ATOM   990  C CG  . ASN B 1 97  ? -0.918  -3.956  -0.638  1.00 63.53  ? 95  ASN B CG  1 
ATOM   991  O OD1 . ASN B 1 97  ? -1.694  -4.112  -1.590  1.00 64.98  ? 95  ASN B OD1 1 
ATOM   992  N ND2 . ASN B 1 97  ? -1.001  -2.914  0.195   1.00 63.52  ? 95  ASN B ND2 1 
ATOM   993  N N   . THR B 1 98  ? 3.007   -3.428  -0.718  1.00 58.67  ? 96  THR B N   1 
ATOM   994  C CA  . THR B 1 98  ? 3.729   -2.158  -0.698  1.00 57.05  ? 96  THR B CA  1 
ATOM   995  C C   . THR B 1 98  ? 4.415   -1.892  -2.023  1.00 60.08  ? 96  THR B C   1 
ATOM   996  O O   . THR B 1 98  ? 4.418   -0.754  -2.512  1.00 59.99  ? 96  THR B O   1 
ATOM   997  C CB  . THR B 1 98  ? 4.811   -2.101  0.391   1.00 53.63  ? 96  THR B CB  1 
ATOM   998  O OG1 . THR B 1 98  ? 4.223   -2.353  1.668   1.00 51.27  ? 96  THR B OG1 1 
ATOM   999  C CG2 . THR B 1 98  ? 5.449   -0.723  0.413   1.00 49.21  ? 96  THR B CG2 1 
ATOM   1000 N N   . GLU B 1 99  ? 5.010   -2.929  -2.604  1.00 61.73  ? 97  GLU B N   1 
ATOM   1001 C CA  . GLU B 1 99  ? 5.688   -2.738  -3.872  1.00 64.90  ? 97  GLU B CA  1 
ATOM   1002 C C   . GLU B 1 99  ? 4.663   -2.332  -4.897  1.00 64.17  ? 97  GLU B C   1 
ATOM   1003 O O   . GLU B 1 99  ? 4.875   -1.383  -5.653  1.00 63.26  ? 97  GLU B O   1 
ATOM   1004 C CB  . GLU B 1 99  ? 6.402   -4.010  -4.307  1.00 69.05  ? 97  GLU B CB  1 
ATOM   1005 C CG  . GLU B 1 99  ? 7.493   -4.422  -3.343  1.00 77.78  ? 97  GLU B CG  1 
ATOM   1006 C CD  . GLU B 1 99  ? 8.297   -5.613  -3.839  1.00 83.51  ? 97  GLU B CD  1 
ATOM   1007 O OE1 . GLU B 1 99  ? 7.863   -6.259  -4.825  1.00 86.60  ? 97  GLU B OE1 1 
ATOM   1008 O OE2 . GLU B 1 99  ? 9.360   -5.911  -3.237  1.00 86.94  ? 97  GLU B OE2 1 
ATOM   1009 N N   . ARG B 1 100 ? 3.535   -3.029  -4.905  1.00 64.15  ? 98  ARG B N   1 
ATOM   1010 C CA  . ARG B 1 100 ? 2.483   -2.704  -5.851  1.00 64.81  ? 98  ARG B CA  1 
ATOM   1011 C C   . ARG B 1 100 ? 2.093   -1.231  -5.700  1.00 64.01  ? 98  ARG B C   1 
ATOM   1012 O O   . ARG B 1 100 ? 2.117   -0.480  -6.676  1.00 65.50  ? 98  ARG B O   1 
ATOM   1013 C CB  . ARG B 1 100 ? 1.272   -3.596  -5.629  1.00 66.71  ? 98  ARG B CB  1 
ATOM   1014 C CG  . ARG B 1 100 ? 0.201   -3.381  -6.665  1.00 72.29  ? 98  ARG B CG  1 
ATOM   1015 C CD  . ARG B 1 100 ? -0.335  -4.707  -7.170  1.00 77.72  ? 98  ARG B CD  1 
ATOM   1016 N NE  . ARG B 1 100 ? -1.661  -5.038  -6.637  1.00 82.29  ? 98  ARG B NE  1 
ATOM   1017 C CZ  . ARG B 1 100 ? -2.806  -4.843  -7.293  1.00 83.87  ? 98  ARG B CZ  1 
ATOM   1018 N NH1 . ARG B 1 100 ? -2.794  -4.310  -8.516  1.00 83.46  ? 98  ARG B NH1 1 
ATOM   1019 N NH2 . ARG B 1 100 ? -3.961  -5.203  -6.732  1.00 84.10  ? 98  ARG B NH2 1 
ATOM   1020 N N   . LEU B 1 101 ? 1.744   -0.820  -4.480  1.00 62.04  ? 99  LEU B N   1 
ATOM   1021 C CA  . LEU B 1 101 ? 1.381   0.572   -4.210  1.00 58.94  ? 99  LEU B CA  1 
ATOM   1022 C C   . LEU B 1 101 ? 2.471   1.529   -4.670  1.00 57.52  ? 99  LEU B C   1 
ATOM   1023 O O   . LEU B 1 101 ? 2.194   2.527   -5.326  1.00 57.03  ? 99  LEU B O   1 
ATOM   1024 C CB  . LEU B 1 101 ? 1.126   0.793   -2.719  1.00 57.77  ? 99  LEU B CB  1 
ATOM   1025 C CG  . LEU B 1 101 ? -0.225  0.295   -2.218  1.00 58.83  ? 99  LEU B CG  1 
ATOM   1026 C CD1 . LEU B 1 101 ? -0.378  0.636   -0.749  1.00 59.05  ? 99  LEU B CD1 1 
ATOM   1027 C CD2 . LEU B 1 101 ? -1.340  0.950   -3.025  1.00 57.85  ? 99  LEU B CD2 1 
ATOM   1028 N N   . ASN B 1 102 ? 3.717   1.238   -4.319  1.00 56.40  ? 100 ASN B N   1 
ATOM   1029 C CA  . ASN B 1 102 ? 4.800   2.108   -4.740  1.00 56.24  ? 100 ASN B CA  1 
ATOM   1030 C C   . ASN B 1 102 ? 4.777   2.300   -6.248  1.00 55.50  ? 100 ASN B C   1 
ATOM   1031 O O   . ASN B 1 102 ? 4.903   3.422   -6.742  1.00 55.83  ? 100 ASN B O   1 
ATOM   1032 C CB  . ASN B 1 102 ? 6.155   1.543   -4.330  1.00 57.23  ? 100 ASN B CB  1 
ATOM   1033 C CG  . ASN B 1 102 ? 6.418   1.685   -2.851  1.00 57.92  ? 100 ASN B CG  1 
ATOM   1034 O OD1 . ASN B 1 102 ? 6.110   2.712   -2.241  1.00 61.05  ? 100 ASN B OD1 1 
ATOM   1035 N ND2 . ASN B 1 102 ? 7.007   0.664   -2.265  1.00 58.77  ? 100 ASN B ND2 1 
ATOM   1036 N N   . ALA B 1 103 ? 4.618   1.203   -6.982  1.00 54.80  ? 101 ALA B N   1 
ATOM   1037 C CA  . ALA B 1 103 ? 4.575   1.268   -8.441  1.00 52.48  ? 101 ALA B CA  1 
ATOM   1038 C C   . ALA B 1 103 ? 3.425   2.160   -8.904  1.00 52.99  ? 101 ALA B C   1 
ATOM   1039 O O   . ALA B 1 103 ? 3.606   3.030   -9.760  1.00 53.37  ? 101 ALA B O   1 
ATOM   1040 C CB  . ALA B 1 103 ? 4.414   -0.114  -9.014  1.00 48.80  ? 101 ALA B CB  1 
ATOM   1041 N N   . ALA B 1 104 ? 2.240   1.943   -8.340  1.00 52.64  ? 102 ALA B N   1 
ATOM   1042 C CA  . ALA B 1 104 ? 1.082   2.744   -8.700  1.00 51.94  ? 102 ALA B CA  1 
ATOM   1043 C C   . ALA B 1 104 ? 1.352   4.225   -8.439  1.00 52.28  ? 102 ALA B C   1 
ATOM   1044 O O   . ALA B 1 104 ? 1.235   5.051   -9.339  1.00 53.04  ? 102 ALA B O   1 
ATOM   1045 C CB  . ALA B 1 104 ? -0.133  2.289   -7.915  1.00 50.72  ? 102 ALA B CB  1 
ATOM   1046 N N   . LEU B 1 105 ? 1.735   4.563   -7.211  1.00 52.68  ? 103 LEU B N   1 
ATOM   1047 C CA  . LEU B 1 105 ? 1.990   5.958   -6.869  1.00 51.42  ? 103 LEU B CA  1 
ATOM   1048 C C   . LEU B 1 105 ? 3.032   6.626   -7.766  1.00 51.03  ? 103 LEU B C   1 
ATOM   1049 O O   . LEU B 1 105 ? 2.859   7.775   -8.165  1.00 52.43  ? 103 LEU B O   1 
ATOM   1050 C CB  . LEU B 1 105 ? 2.415   6.094   -5.406  1.00 50.52  ? 103 LEU B CB  1 
ATOM   1051 C CG  . LEU B 1 105 ? 2.343   7.538   -4.891  1.00 49.92  ? 103 LEU B CG  1 
ATOM   1052 C CD1 . LEU B 1 105 ? 0.881   7.948   -4.754  1.00 49.74  ? 103 LEU B CD1 1 
ATOM   1053 C CD2 . LEU B 1 105 ? 3.034   7.645   -3.537  1.00 49.93  ? 103 LEU B CD2 1 
ATOM   1054 N N   . ILE B 1 106 ? 4.117   5.931   -8.085  1.00 50.37  ? 104 ILE B N   1 
ATOM   1055 C CA  . ILE B 1 106 ? 5.121   6.543   -8.947  1.00 50.82  ? 104 ILE B CA  1 
ATOM   1056 C C   . ILE B 1 106 ? 4.524   6.767   -10.335 1.00 52.72  ? 104 ILE B C   1 
ATOM   1057 O O   . ILE B 1 106 ? 4.692   7.830   -10.937 1.00 52.74  ? 104 ILE B O   1 
ATOM   1058 C CB  . ILE B 1 106 ? 6.398   5.672   -9.055  1.00 48.48  ? 104 ILE B CB  1 
ATOM   1059 C CG1 . ILE B 1 106 ? 7.065   5.593   -7.676  1.00 48.30  ? 104 ILE B CG1 1 
ATOM   1060 C CG2 . ILE B 1 106 ? 7.346   6.251   -10.099 1.00 46.01  ? 104 ILE B CG2 1 
ATOM   1061 C CD1 . ILE B 1 106 ? 8.518   5.174   -7.686  1.00 47.85  ? 104 ILE B CD1 1 
ATOM   1062 N N   . SER B 1 107 ? 3.800   5.762   -10.819 1.00 54.60  ? 105 SER B N   1 
ATOM   1063 C CA  . SER B 1 107 ? 3.161   5.813   -12.129 1.00 55.84  ? 105 SER B CA  1 
ATOM   1064 C C   . SER B 1 107 ? 2.115   6.922   -12.170 1.00 55.24  ? 105 SER B C   1 
ATOM   1065 O O   . SER B 1 107 ? 2.054   7.698   -13.120 1.00 55.91  ? 105 SER B O   1 
ATOM   1066 C CB  . SER B 1 107 ? 2.498   4.462   -12.430 1.00 57.62  ? 105 SER B CB  1 
ATOM   1067 O OG  . SER B 1 107 ? 1.958   4.423   -13.745 1.00 61.53  ? 105 SER B OG  1 
ATOM   1068 N N   . GLY B 1 108 ? 1.285   6.982   -11.139 1.00 55.32  ? 106 GLY B N   1 
ATOM   1069 C CA  . GLY B 1 108 ? 0.261   8.002   -11.090 1.00 56.21  ? 106 GLY B CA  1 
ATOM   1070 C C   . GLY B 1 108 ? 0.859   9.393   -11.011 1.00 56.67  ? 106 GLY B C   1 
ATOM   1071 O O   . GLY B 1 108 ? 0.387   10.333  -11.659 1.00 55.38  ? 106 GLY B O   1 
ATOM   1072 N N   . THR B 1 109 ? 1.912   9.533   -10.216 1.00 56.60  ? 107 THR B N   1 
ATOM   1073 C CA  . THR B 1 109 ? 2.534   10.833  -10.060 1.00 57.15  ? 107 THR B CA  1 
ATOM   1074 C C   . THR B 1 109 ? 3.188   11.300  -11.356 1.00 59.15  ? 107 THR B C   1 
ATOM   1075 O O   . THR B 1 109 ? 2.919   12.416  -11.811 1.00 59.20  ? 107 THR B O   1 
ATOM   1076 C CB  . THR B 1 109 ? 3.544   10.818  -8.914  1.00 57.01  ? 107 THR B CB  1 
ATOM   1077 O OG1 . THR B 1 109 ? 2.851   10.538  -7.690  1.00 56.52  ? 107 THR B OG1 1 
ATOM   1078 C CG2 . THR B 1 109 ? 4.227   12.175  -8.793  1.00 57.67  ? 107 THR B CG2 1 
ATOM   1079 N N   . ILE B 1 110 ? 4.034   10.462  -11.952 1.00 59.81  ? 108 ILE B N   1 
ATOM   1080 C CA  . ILE B 1 110 ? 4.691   10.829  -13.206 1.00 60.31  ? 108 ILE B CA  1 
ATOM   1081 C C   . ILE B 1 110 ? 3.625   11.232  -14.194 1.00 63.78  ? 108 ILE B C   1 
ATOM   1082 O O   . ILE B 1 110 ? 3.721   12.228  -14.903 1.00 63.66  ? 108 ILE B O   1 
ATOM   1083 C CB  . ILE B 1 110 ? 5.494   9.642   -13.828 1.00 58.67  ? 108 ILE B CB  1 
ATOM   1084 C CG1 . ILE B 1 110 ? 6.745   9.377   -13.001 1.00 58.34  ? 108 ILE B CG1 1 
ATOM   1085 C CG2 . ILE B 1 110 ? 5.881   9.956   -15.273 1.00 55.45  ? 108 ILE B CG2 1 
ATOM   1086 C CD1 . ILE B 1 110 ? 7.712   8.436   -13.678 1.00 59.18  ? 108 ILE B CD1 1 
ATOM   1087 N N   . GLU B 1 111 ? 2.578   10.437  -14.217 1.00 66.49  ? 109 GLU B N   1 
ATOM   1088 C CA  . GLU B 1 111 ? 1.499   10.680  -15.142 1.00 70.17  ? 109 GLU B CA  1 
ATOM   1089 C C   . GLU B 1 111 ? 0.780   12.016  -14.962 1.00 69.27  ? 109 GLU B C   1 
ATOM   1090 O O   . GLU B 1 111 ? 0.595   12.757  -15.932 1.00 70.15  ? 109 GLU B O   1 
ATOM   1091 C CB  . GLU B 1 111 ? 0.506   9.541   -15.071 1.00 76.39  ? 109 GLU B CB  1 
ATOM   1092 C CG  . GLU B 1 111 ? -0.449  9.582   -16.200 1.00 87.32  ? 109 GLU B CG  1 
ATOM   1093 C CD  . GLU B 1 111 ? -0.734  8.201   -16.728 1.00 95.35  ? 109 GLU B CD  1 
ATOM   1094 O OE1 . GLU B 1 111 ? 0.028   7.251   -16.395 1.00 98.34  ? 109 GLU B OE1 1 
ATOM   1095 O OE2 . GLU B 1 111 ? -1.717  8.073   -17.495 1.00 99.56  ? 109 GLU B OE2 1 
ATOM   1096 N N   . ASN B 1 112 ? 0.365   12.336  -13.740 1.00 66.96  ? 110 ASN B N   1 
ATOM   1097 C CA  . ASN B 1 112 ? -0.317  13.605  -13.526 1.00 64.21  ? 110 ASN B CA  1 
ATOM   1098 C C   . ASN B 1 112 ? 0.574   14.747  -13.975 1.00 63.37  ? 110 ASN B C   1 
ATOM   1099 O O   . ASN B 1 112 ? 0.094   15.721  -14.543 1.00 63.98  ? 110 ASN B O   1 
ATOM   1100 C CB  . ASN B 1 112 ? -0.705  13.773  -12.063 1.00 63.69  ? 110 ASN B CB  1 
ATOM   1101 C CG  . ASN B 1 112 ? -1.977  13.009  -11.711 1.00 64.84  ? 110 ASN B CG  1 
ATOM   1102 O OD1 . ASN B 1 112 ? -2.512  12.249  -12.532 1.00 65.96  ? 110 ASN B OD1 1 
ATOM   1103 N ND2 . ASN B 1 112 ? -2.468  13.202  -10.493 1.00 63.98  ? 110 ASN B ND2 1 
ATOM   1104 N N   . ASN B 1 113 ? 1.877   14.618  -13.740 1.00 62.59  ? 111 ASN B N   1 
ATOM   1105 C CA  . ASN B 1 113 ? 2.824   15.647  -14.147 1.00 60.53  ? 111 ASN B CA  1 
ATOM   1106 C C   . ASN B 1 113 ? 2.819   15.790  -15.665 1.00 60.49  ? 111 ASN B C   1 
ATOM   1107 O O   . ASN B 1 113 ? 2.847   16.901  -16.199 1.00 60.87  ? 111 ASN B O   1 
ATOM   1108 C CB  . ASN B 1 113 ? 4.221   15.289  -13.656 1.00 59.92  ? 111 ASN B CB  1 
ATOM   1109 C CG  . ASN B 1 113 ? 5.262   16.313  -14.062 1.00 59.99  ? 111 ASN B CG  1 
ATOM   1110 O OD1 . ASN B 1 113 ? 5.701   16.353  -15.216 1.00 60.69  ? 111 ASN B OD1 1 
ATOM   1111 N ND2 . ASN B 1 113 ? 5.661   17.154  -13.113 1.00 60.13  ? 111 ASN B ND2 1 
ATOM   1112 N N   . VAL B 1 114 ? 2.783   14.665  -16.368 1.00 60.45  ? 112 VAL B N   1 
ATOM   1113 C CA  . VAL B 1 114 ? 2.760   14.709  -17.832 1.00 59.89  ? 112 VAL B CA  1 
ATOM   1114 C C   . VAL B 1 114 ? 1.491   15.403  -18.316 1.00 60.10  ? 112 VAL B C   1 
ATOM   1115 O O   . VAL B 1 114 ? 1.516   16.209  -19.240 1.00 60.46  ? 112 VAL B O   1 
ATOM   1116 C CB  . VAL B 1 114 ? 2.790   13.297  -18.444 1.00 59.02  ? 112 VAL B CB  1 
ATOM   1117 C CG1 . VAL B 1 114 ? 2.506   13.375  -19.934 1.00 57.59  ? 112 VAL B CG1 1 
ATOM   1118 C CG2 . VAL B 1 114 ? 4.126   12.654  -18.183 1.00 57.96  ? 112 VAL B CG2 1 
ATOM   1119 N N   . LEU B 1 115 ? 0.380   15.071  -17.678 1.00 59.89  ? 113 LEU B N   1 
ATOM   1120 C CA  . LEU B 1 115 ? -0.904  15.645  -18.022 1.00 60.42  ? 113 LEU B CA  1 
ATOM   1121 C C   . LEU B 1 115 ? -0.853  17.169  -17.887 1.00 62.96  ? 113 LEU B C   1 
ATOM   1122 O O   . LEU B 1 115 ? -1.231  17.906  -18.803 1.00 63.29  ? 113 LEU B O   1 
ATOM   1123 C CB  . LEU B 1 115 ? -1.973  15.047  -17.104 1.00 58.22  ? 113 LEU B CB  1 
ATOM   1124 C CG  . LEU B 1 115 ? -3.161  14.357  -17.777 1.00 55.60  ? 113 LEU B CG  1 
ATOM   1125 C CD1 . LEU B 1 115 ? -2.716  13.603  -19.004 1.00 54.67  ? 113 LEU B CD1 1 
ATOM   1126 C CD2 . LEU B 1 115 ? -3.815  13.431  -16.780 1.00 55.07  ? 113 LEU B CD2 1 
ATOM   1127 N N   . GLN B 1 116 ? -0.372  17.644  -16.744 1.00 65.04  ? 114 GLN B N   1 
ATOM   1128 C CA  . GLN B 1 116 ? -0.277  19.076  -16.516 1.00 67.13  ? 114 GLN B CA  1 
ATOM   1129 C C   . GLN B 1 116 ? 0.552   19.727  -17.604 1.00 67.77  ? 114 GLN B C   1 
ATOM   1130 O O   . GLN B 1 116 ? 0.223   20.814  -18.083 1.00 68.77  ? 114 GLN B O   1 
ATOM   1131 C CB  . GLN B 1 116 ? 0.341   19.351  -15.153 1.00 68.68  ? 114 GLN B CB  1 
ATOM   1132 C CG  . GLN B 1 116 ? -0.611  19.079  -14.012 1.00 74.30  ? 114 GLN B CG  1 
ATOM   1133 C CD  . GLN B 1 116 ? 0.047   19.221  -12.657 1.00 78.10  ? 114 GLN B CD  1 
ATOM   1134 O OE1 . GLN B 1 116 ? 0.868   18.382  -12.247 1.00 80.66  ? 114 GLN B OE1 1 
ATOM   1135 N NE2 . GLN B 1 116 ? -0.302  20.294  -11.949 1.00 80.36  ? 114 GLN B NE2 1 
ATOM   1136 N N   . GLN B 1 117 ? 1.622   19.048  -17.998 1.00 68.29  ? 115 GLN B N   1 
ATOM   1137 C CA  . GLN B 1 117 ? 2.507   19.550  -19.039 1.00 69.36  ? 115 GLN B CA  1 
ATOM   1138 C C   . GLN B 1 117 ? 1.746   19.673  -20.355 1.00 68.56  ? 115 GLN B C   1 
ATOM   1139 O O   . GLN B 1 117 ? 1.896   20.658  -21.073 1.00 68.54  ? 115 GLN B O   1 
ATOM   1140 C CB  . GLN B 1 117 ? 3.683   18.598  -19.210 1.00 71.82  ? 115 GLN B CB  1 
ATOM   1141 C CG  . GLN B 1 117 ? 5.045   19.257  -19.270 1.00 76.60  ? 115 GLN B CG  1 
ATOM   1142 C CD  . GLN B 1 117 ? 6.129   18.320  -18.727 1.00 81.42  ? 115 GLN B CD  1 
ATOM   1143 O OE1 . GLN B 1 117 ? 6.919   18.696  -17.846 1.00 82.23  ? 115 GLN B OE1 1 
ATOM   1144 N NE2 . GLN B 1 117 ? 6.162   17.085  -19.243 1.00 82.28  ? 115 GLN B NE2 1 
ATOM   1145 N N   . LYS B 1 118 ? 0.916   18.680  -20.663 1.00 67.38  ? 116 LYS B N   1 
ATOM   1146 C CA  . LYS B 1 118 ? 0.146   18.689  -21.905 1.00 67.30  ? 116 LYS B CA  1 
ATOM   1147 C C   . LYS B 1 118 ? -0.878  19.813  -21.954 1.00 67.14  ? 116 LYS B C   1 
ATOM   1148 O O   . LYS B 1 118 ? -1.100  20.407  -23.011 1.00 66.66  ? 116 LYS B O   1 
ATOM   1149 C CB  . LYS B 1 118 ? -0.559  17.348  -22.107 1.00 68.28  ? 116 LYS B CB  1 
ATOM   1150 C CG  . LYS B 1 118 ? 0.399   16.200  -22.333 1.00 69.98  ? 116 LYS B CG  1 
ATOM   1151 C CD  . LYS B 1 118 ? -0.301  14.981  -22.899 1.00 71.77  ? 116 LYS B CD  1 
ATOM   1152 C CE  . LYS B 1 118 ? 0.708   13.928  -23.334 1.00 73.44  ? 116 LYS B CE  1 
ATOM   1153 N NZ  . LYS B 1 118 ? 0.040   12.741  -23.951 1.00 76.33  ? 116 LYS B NZ  1 
ATOM   1154 N N   . LEU B 1 119 ? -1.507  20.085  -20.812 1.00 67.39  ? 117 LEU B N   1 
ATOM   1155 C CA  . LEU B 1 119 ? -2.496  21.156  -20.690 1.00 66.93  ? 117 LEU B CA  1 
ATOM   1156 C C   . LEU B 1 119 ? -1.817  22.493  -20.960 1.00 67.79  ? 117 LEU B C   1 
ATOM   1157 O O   . LEU B 1 119 ? -2.309  23.328  -21.728 1.00 67.57  ? 117 LEU B O   1 
ATOM   1158 C CB  . LEU B 1 119 ? -3.083  21.162  -19.284 1.00 65.00  ? 117 LEU B CB  1 
ATOM   1159 C CG  . LEU B 1 119 ? -4.179  20.128  -19.088 1.00 65.29  ? 117 LEU B CG  1 
ATOM   1160 C CD1 . LEU B 1 119 ? -4.443  19.878  -17.617 1.00 65.87  ? 117 LEU B CD1 1 
ATOM   1161 C CD2 . LEU B 1 119 ? -5.423  20.631  -19.787 1.00 64.17  ? 117 LEU B CD2 1 
ATOM   1162 N N   . SER B 1 120 ? -0.678  22.684  -20.308 1.00 68.21  ? 118 SER B N   1 
ATOM   1163 C CA  . SER B 1 120 ? 0.100   23.893  -20.469 1.00 68.59  ? 118 SER B CA  1 
ATOM   1164 C C   . SER B 1 120 ? 0.439   24.092  -21.948 1.00 68.78  ? 118 SER B C   1 
ATOM   1165 O O   . SER B 1 120 ? 0.425   25.215  -22.450 1.00 70.38  ? 118 SER B O   1 
ATOM   1166 C CB  . SER B 1 120 ? 1.378   23.793  -19.639 1.00 68.03  ? 118 SER B CB  1 
ATOM   1167 O OG  . SER B 1 120 ? 2.218   24.903  -19.889 1.00 70.51  ? 118 SER B OG  1 
ATOM   1168 N N   . ASP B 1 121 ? 0.743   22.999  -22.637 1.00 68.02  ? 119 ASP B N   1 
ATOM   1169 C CA  . ASP B 1 121 ? 1.079   23.038  -24.055 1.00 67.18  ? 119 ASP B CA  1 
ATOM   1170 C C   . ASP B 1 121 ? -0.114  23.404  -24.908 1.00 66.71  ? 119 ASP B C   1 
ATOM   1171 O O   . ASP B 1 121 ? -0.031  24.257  -25.792 1.00 66.45  ? 119 ASP B O   1 
ATOM   1172 C CB  . ASP B 1 121 ? 1.588   21.677  -24.505 1.00 67.97  ? 119 ASP B CB  1 
ATOM   1173 C CG  . ASP B 1 121 ? 2.989   21.405  -24.037 1.00 69.28  ? 119 ASP B CG  1 
ATOM   1174 O OD1 . ASP B 1 121 ? 3.490   22.178  -23.180 1.00 68.79  ? 119 ASP B OD1 1 
ATOM   1175 O OD2 . ASP B 1 121 ? 3.583   20.416  -24.526 1.00 70.05  ? 119 ASP B OD2 1 
ATOM   1176 N N   . LEU B 1 122 ? -1.223  22.722  -24.656 1.00 66.92  ? 120 LEU B N   1 
ATOM   1177 C CA  . LEU B 1 122 ? -2.436  22.972  -25.401 1.00 66.96  ? 120 LEU B CA  1 
ATOM   1178 C C   . LEU B 1 122 ? -2.822  24.419  -25.172 1.00 68.97  ? 120 LEU B C   1 
ATOM   1179 O O   . LEU B 1 122 ? -3.265  25.102  -26.089 1.00 70.46  ? 120 LEU B O   1 
ATOM   1180 C CB  . LEU B 1 122 ? -3.561  22.072  -24.912 1.00 64.42  ? 120 LEU B CB  1 
ATOM   1181 C CG  . LEU B 1 122 ? -4.466  21.520  -26.011 1.00 64.37  ? 120 LEU B CG  1 
ATOM   1182 C CD1 . LEU B 1 122 ? -5.816  21.134  -25.413 1.00 64.39  ? 120 LEU B CD1 1 
ATOM   1183 C CD2 . LEU B 1 122 ? -4.654  22.549  -27.108 1.00 64.28  ? 120 LEU B CD2 1 
ATOM   1184 N N   . LYS B 1 123 ? -2.646  24.890  -23.944 1.00 70.46  ? 121 LYS B N   1 
ATOM   1185 C CA  . LYS B 1 123 ? -2.994  26.265  -23.627 1.00 71.56  ? 121 LYS B CA  1 
ATOM   1186 C C   . LYS B 1 123 ? -2.290  27.239  -24.573 1.00 72.13  ? 121 LYS B C   1 
ATOM   1187 O O   . LYS B 1 123 ? -2.941  28.068  -25.204 1.00 72.32  ? 121 LYS B O   1 
ATOM   1188 C CB  . LYS B 1 123 ? -2.644  26.585  -22.170 1.00 71.73  ? 121 LYS B CB  1 
ATOM   1189 C CG  . LYS B 1 123 ? -3.216  27.906  -21.677 1.00 73.11  ? 121 LYS B CG  1 
ATOM   1190 C CD  . LYS B 1 123 ? -2.902  28.135  -20.209 1.00 75.81  ? 121 LYS B CD  1 
ATOM   1191 C CE  . LYS B 1 123 ? -3.361  29.511  -19.738 1.00 76.35  ? 121 LYS B CE  1 
ATOM   1192 N NZ  . LYS B 1 123 ? -3.146  29.686  -18.273 1.00 77.15  ? 121 LYS B NZ  1 
ATOM   1193 N N   . LYS B 1 124 ? -0.970  27.136  -24.690 1.00 72.98  ? 122 LYS B N   1 
ATOM   1194 C CA  . LYS B 1 124 ? -0.230  28.031  -25.574 1.00 74.59  ? 122 LYS B CA  1 
ATOM   1195 C C   . LYS B 1 124 ? -0.708  27.903  -27.008 1.00 74.78  ? 122 LYS B C   1 
ATOM   1196 O O   . LYS B 1 124 ? -1.009  28.896  -27.661 1.00 75.09  ? 122 LYS B O   1 
ATOM   1197 C CB  . LYS B 1 124 ? 1.265   27.736  -25.504 1.00 76.85  ? 122 LYS B CB  1 
ATOM   1198 C CG  . LYS B 1 124 ? 1.831   27.924  -24.114 1.00 81.81  ? 122 LYS B CG  1 
ATOM   1199 C CD  . LYS B 1 124 ? 3.301   27.587  -24.035 1.00 85.16  ? 122 LYS B CD  1 
ATOM   1200 C CE  . LYS B 1 124 ? 3.743   27.560  -22.580 1.00 88.05  ? 122 LYS B CE  1 
ATOM   1201 N NZ  . LYS B 1 124 ? 5.118   27.000  -22.446 1.00 91.70  ? 122 LYS B NZ  1 
ATOM   1202 N N   . GLU B 1 125 ? -0.786  26.676  -27.500 1.00 75.65  ? 123 GLU B N   1 
ATOM   1203 C CA  . GLU B 1 125 ? -1.230  26.459  -28.864 1.00 76.35  ? 123 GLU B CA  1 
ATOM   1204 C C   . GLU B 1 125 ? -2.585  27.082  -29.124 1.00 74.65  ? 123 GLU B C   1 
ATOM   1205 O O   . GLU B 1 125 ? -2.794  27.734  -30.144 1.00 74.98  ? 123 GLU B O   1 
ATOM   1206 C CB  . GLU B 1 125 ? -1.310  24.974  -29.164 1.00 79.58  ? 123 GLU B CB  1 
ATOM   1207 C CG  . GLU B 1 125 ? 0.016   24.271  -29.088 1.00 86.49  ? 123 GLU B CG  1 
ATOM   1208 C CD  . GLU B 1 125 ? 0.000   22.991  -29.890 1.00 90.74  ? 123 GLU B CD  1 
ATOM   1209 O OE1 . GLU B 1 125 ? -1.117  22.447  -30.095 1.00 93.64  ? 123 GLU B OE1 1 
ATOM   1210 O OE2 . GLU B 1 125 ? 1.092   22.529  -30.308 1.00 92.16  ? 123 GLU B OE2 1 
ATOM   1211 N N   . HIS B 1 126 ? -3.510  26.875  -28.197 1.00 72.68  ? 124 HIS B N   1 
ATOM   1212 C CA  . HIS B 1 126 ? -4.853  27.412  -28.340 1.00 70.71  ? 124 HIS B CA  1 
ATOM   1213 C C   . HIS B 1 126 ? -4.829  28.926  -28.417 1.00 71.22  ? 124 HIS B C   1 
ATOM   1214 O O   . HIS B 1 126 ? -5.485  29.519  -29.273 1.00 72.44  ? 124 HIS B O   1 
ATOM   1215 C CB  . HIS B 1 126 ? -5.723  26.988  -27.166 1.00 67.44  ? 124 HIS B CB  1 
ATOM   1216 C CG  . HIS B 1 126 ? -7.144  27.433  -27.282 1.00 64.97  ? 124 HIS B CG  1 
ATOM   1217 N ND1 . HIS B 1 126 ? -7.977  27.002  -28.292 1.00 63.96  ? 124 HIS B ND1 1 
ATOM   1218 C CD2 . HIS B 1 126 ? -7.896  28.236  -26.492 1.00 64.59  ? 124 HIS B CD2 1 
ATOM   1219 C CE1 . HIS B 1 126 ? -9.182  27.516  -28.114 1.00 64.03  ? 124 HIS B CE1 1 
ATOM   1220 N NE2 . HIS B 1 126 ? -9.159  28.268  -27.028 1.00 63.56  ? 124 HIS B NE2 1 
ATOM   1221 N N   . SER B 1 127 ? -4.073  29.560  -27.527 1.00 71.16  ? 125 SER B N   1 
ATOM   1222 C CA  . SER B 1 127 ? -4.010  31.014  -27.528 1.00 70.81  ? 125 SER B CA  1 
ATOM   1223 C C   . SER B 1 127 ? -3.384  31.525  -28.820 1.00 70.59  ? 125 SER B C   1 
ATOM   1224 O O   . SER B 1 127 ? -3.809  32.555  -29.344 1.00 72.27  ? 125 SER B O   1 
ATOM   1225 C CB  . SER B 1 127 ? -3.220  31.530  -26.323 1.00 69.49  ? 125 SER B CB  1 
ATOM   1226 O OG  . SER B 1 127 ? -1.830  31.421  -26.552 1.00 71.32  ? 125 SER B OG  1 
ATOM   1227 N N   . GLN B 1 128 ? -2.387  30.807  -29.336 1.00 69.96  ? 126 GLN B N   1 
ATOM   1228 C CA  . GLN B 1 128 ? -1.732  31.213  -30.578 1.00 69.77  ? 126 GLN B CA  1 
ATOM   1229 C C   . GLN B 1 128 ? -2.703  31.111  -31.740 1.00 68.75  ? 126 GLN B C   1 
ATOM   1230 O O   . GLN B 1 128 ? -2.663  31.924  -32.663 1.00 68.91  ? 126 GLN B O   1 
ATOM   1231 C CB  . GLN B 1 128 ? -0.521  30.339  -30.876 1.00 72.15  ? 126 GLN B CB  1 
ATOM   1232 C CG  . GLN B 1 128 ? 0.474   30.265  -29.747 1.00 78.19  ? 126 GLN B CG  1 
ATOM   1233 C CD  . GLN B 1 128 ? 1.758   29.565  -30.154 1.00 80.29  ? 126 GLN B CD  1 
ATOM   1234 O OE1 . GLN B 1 128 ? 1.732   28.559  -30.872 1.00 82.36  ? 126 GLN B OE1 1 
ATOM   1235 N NE2 . GLN B 1 128 ? 2.893   30.086  -29.686 1.00 81.32  ? 126 GLN B NE2 1 
ATOM   1236 N N   . LEU B 1 129 ? -3.565  30.102  -31.709 1.00 67.42  ? 127 LEU B N   1 
ATOM   1237 C CA  . LEU B 1 129 ? -4.535  29.962  -32.771 1.00 65.71  ? 127 LEU B CA  1 
ATOM   1238 C C   . LEU B 1 129 ? -5.479  31.146  -32.661 1.00 65.29  ? 127 LEU B C   1 
ATOM   1239 O O   . LEU B 1 129 ? -5.802  31.767  -33.664 1.00 67.01  ? 127 LEU B O   1 
ATOM   1240 C CB  . LEU B 1 129 ? -5.321  28.648  -32.663 1.00 65.21  ? 127 LEU B CB  1 
ATOM   1241 C CG  . LEU B 1 129 ? -6.500  28.559  -33.655 1.00 64.82  ? 127 LEU B CG  1 
ATOM   1242 C CD1 . LEU B 1 129 ? -5.974  28.736  -35.068 1.00 63.63  ? 127 LEU B CD1 1 
ATOM   1243 C CD2 . LEU B 1 129 ? -7.236  27.232  -33.523 1.00 63.12  ? 127 LEU B CD2 1 
ATOM   1244 N N   . VAL B 1 130 ? -5.916  31.476  -31.448 1.00 63.80  ? 128 VAL B N   1 
ATOM   1245 C CA  . VAL B 1 130 ? -6.816  32.611  -31.287 1.00 64.37  ? 128 VAL B CA  1 
ATOM   1246 C C   . VAL B 1 130 ? -6.169  33.862  -31.874 1.00 65.27  ? 128 VAL B C   1 
ATOM   1247 O O   . VAL B 1 130 ? -6.804  34.618  -32.608 1.00 65.40  ? 128 VAL B O   1 
ATOM   1248 C CB  . VAL B 1 130 ? -7.164  32.886  -29.804 1.00 63.89  ? 128 VAL B CB  1 
ATOM   1249 C CG1 . VAL B 1 130 ? -8.058  34.136  -29.698 1.00 63.64  ? 128 VAL B CG1 1 
ATOM   1250 C CG2 . VAL B 1 130 ? -7.878  31.684  -29.208 1.00 62.22  ? 128 VAL B CG2 1 
ATOM   1251 N N   . ALA B 1 131 ? -4.893  34.058  -31.565 1.00 66.31  ? 129 ALA B N   1 
ATOM   1252 C CA  . ALA B 1 131 ? -4.148  35.210  -32.048 1.00 68.26  ? 129 ALA B CA  1 
ATOM   1253 C C   . ALA B 1 131 ? -4.137  35.373  -33.574 1.00 71.31  ? 129 ALA B C   1 
ATOM   1254 O O   . ALA B 1 131 ? -3.775  36.437  -34.083 1.00 72.05  ? 129 ALA B O   1 
ATOM   1255 C CB  . ALA B 1 131 ? -2.728  35.147  -31.526 1.00 66.25  ? 129 ALA B CB  1 
ATOM   1256 N N   . ARG B 1 132 ? -4.530  34.336  -34.307 1.00 74.80  ? 130 ARG B N   1 
ATOM   1257 C CA  . ARG B 1 132 ? -4.546  34.425  -35.766 1.00 78.17  ? 130 ARG B CA  1 
ATOM   1258 C C   . ARG B 1 132 ? -5.653  35.325  -36.266 1.00 78.33  ? 130 ARG B C   1 
ATOM   1259 O O   . ARG B 1 132 ? -5.553  35.902  -37.344 1.00 78.62  ? 130 ARG B O   1 
ATOM   1260 C CB  . ARG B 1 132 ? -4.707  33.052  -36.403 1.00 81.69  ? 130 ARG B CB  1 
ATOM   1261 C CG  . ARG B 1 132 ? -3.541  32.136  -36.152 1.00 88.06  ? 130 ARG B CG  1 
ATOM   1262 C CD  . ARG B 1 132 ? -3.597  30.945  -37.079 1.00 93.95  ? 130 ARG B CD  1 
ATOM   1263 N NE  . ARG B 1 132 ? -2.694  31.107  -38.211 1.00 99.60  ? 130 ARG B NE  1 
ATOM   1264 C CZ  . ARG B 1 132 ? -2.649  30.280  -39.249 1.00 102.44 ? 130 ARG B CZ  1 
ATOM   1265 N NH1 . ARG B 1 132 ? -3.468  29.233  -39.297 1.00 103.74 ? 130 ARG B NH1 1 
ATOM   1266 N NH2 . ARG B 1 132 ? -1.775  30.490  -40.229 1.00 104.16 ? 130 ARG B NH2 1 
ATOM   1267 N N   . TRP B 1 133 ? -6.720  35.433  -35.492 1.00 78.78  ? 131 TRP B N   1 
ATOM   1268 C CA  . TRP B 1 133 ? -7.818  36.292  -35.881 1.00 81.23  ? 131 TRP B CA  1 
ATOM   1269 C C   . TRP B 1 133 ? -7.367  37.753  -35.894 1.00 82.98  ? 131 TRP B C   1 
ATOM   1270 O O   . TRP B 1 133 ? -8.092  38.635  -36.350 1.00 83.16  ? 131 TRP B O   1 
ATOM   1271 C CB  . TRP B 1 133 ? -8.986  36.117  -34.916 1.00 80.36  ? 131 TRP B CB  1 
ATOM   1272 C CG  . TRP B 1 133 ? -9.985  35.094  -35.345 1.00 78.96  ? 131 TRP B CG  1 
ATOM   1273 C CD1 . TRP B 1 133 ? -11.222 35.331  -35.861 1.00 77.84  ? 131 TRP B CD1 1 
ATOM   1274 C CD2 . TRP B 1 133 ? -9.856  33.674  -35.245 1.00 78.75  ? 131 TRP B CD2 1 
ATOM   1275 N NE1 . TRP B 1 133 ? -11.880 34.147  -36.082 1.00 78.33  ? 131 TRP B NE1 1 
ATOM   1276 C CE2 . TRP B 1 133 ? -11.065 33.112  -35.711 1.00 78.67  ? 131 TRP B CE2 1 
ATOM   1277 C CE3 . TRP B 1 133 ? -8.838  32.819  -34.801 1.00 78.30  ? 131 TRP B CE3 1 
ATOM   1278 C CZ2 . TRP B 1 133 ? -11.286 31.735  -35.747 1.00 77.85  ? 131 TRP B CZ2 1 
ATOM   1279 C CZ3 . TRP B 1 133 ? -9.057  31.452  -34.836 1.00 77.29  ? 131 TRP B CZ3 1 
ATOM   1280 C CH2 . TRP B 1 133 ? -10.274 30.924  -35.306 1.00 78.24  ? 131 TRP B CH2 1 
ATOM   1281 N N   . LEU B 1 134 ? -6.168  38.012  -35.394 1.00 85.28  ? 132 LEU B N   1 
ATOM   1282 C CA  . LEU B 1 134 ? -5.656  39.371  -35.374 1.00 88.58  ? 132 LEU B CA  1 
ATOM   1283 C C   . LEU B 1 134 ? -5.200  39.844  -36.754 1.00 92.58  ? 132 LEU B C   1 
ATOM   1284 O O   . LEU B 1 134 ? -5.233  41.047  -37.050 1.00 94.00  ? 132 LEU B O   1 
ATOM   1285 C CB  . LEU B 1 134 ? -4.499  39.483  -34.386 1.00 86.29  ? 132 LEU B CB  1 
ATOM   1286 C CG  . LEU B 1 134 ? -4.817  40.185  -33.071 1.00 85.47  ? 132 LEU B CG  1 
ATOM   1287 C CD1 . LEU B 1 134 ? -6.081  39.617  -32.461 1.00 85.02  ? 132 LEU B CD1 1 
ATOM   1288 C CD2 . LEU B 1 134 ? -3.639  40.021  -32.132 1.00 86.39  ? 132 LEU B CD2 1 
ATOM   1289 N N   . LYS B 1 135 ? -4.771  38.912  -37.603 1.00 96.06  ? 133 LYS B N   1 
ATOM   1290 C CA  . LYS B 1 135 ? -4.314  39.288  -38.941 1.00 99.34  ? 133 LYS B CA  1 
ATOM   1291 C C   . LYS B 1 135 ? -5.491  39.487  -39.906 1.00 101.01 ? 133 LYS B C   1 
ATOM   1292 O O   . LYS B 1 135 ? -6.615  39.042  -39.565 1.00 102.14 ? 133 LYS B O   1 
ATOM   1293 C CB  . LYS B 1 135 ? -3.339  38.220  -39.491 1.00 98.63  ? 133 LYS B CB  1 
HETATM 1294 O O   . HOH C 2 .   ? 10.339  -7.244  6.126   1.00 47.63  ? 151 HOH A O   1 
HETATM 1295 O O   . HOH C 2 .   ? 8.898   -34.061 30.508  1.00 54.26  ? 152 HOH A O   1 
HETATM 1296 O O   . HOH C 2 .   ? 6.604   -16.954 33.023  1.00 39.57  ? 153 HOH A O   1 
HETATM 1297 O O   . HOH C 2 .   ? 12.605  -19.239 21.204  1.00 49.43  ? 154 HOH A O   1 
HETATM 1298 O O   . HOH C 2 .   ? 8.379   -20.171 16.618  1.00 53.26  ? 155 HOH A O   1 
HETATM 1299 O O   . HOH C 2 .   ? 4.602   -16.178 29.647  1.00 52.20  ? 156 HOH A O   1 
HETATM 1300 O O   . HOH C 2 .   ? 11.856  -10.137 15.212  1.00 65.32  ? 157 HOH A O   1 
HETATM 1301 O O   . HOH C 2 .   ? 1.222   -9.167  21.762  1.00 28.30  ? 158 HOH A O   1 
HETATM 1302 O O   . HOH C 2 .   ? 1.208   -7.896  24.205  1.00 58.74  ? 159 HOH A O   1 
HETATM 1303 O O   . HOH C 2 .   ? -2.123  -7.360  18.990  1.00 57.46  ? 160 HOH A O   1 
HETATM 1304 O O   . HOH C 2 .   ? -0.365  -5.418  19.099  1.00 43.58  ? 161 HOH A O   1 
HETATM 1305 O O   . HOH C 2 .   ? 7.019   4.963   1.980   1.00 57.58  ? 162 HOH A O   1 
HETATM 1306 O O   . HOH C 2 .   ? -15.281 19.181  -16.475 0.50 34.27  ? 163 HOH A O   1 
HETATM 1307 O O   . HOH C 2 .   ? 6.189   7.090   5.030   1.00 54.57  ? 164 HOH A O   1 
HETATM 1308 O O   . HOH C 2 .   ? 8.364   8.794   4.266   1.00 69.79  ? 165 HOH A O   1 
HETATM 1309 O O   . HOH D 2 .   ? -6.378  -17.659 13.955  1.00 62.19  ? 151 HOH B O   1 
HETATM 1310 O O   . HOH D 2 .   ? -2.203  -5.610  -3.734  1.00 59.71  ? 152 HOH B O   1 
HETATM 1311 O O   . HOH D 2 .   ? -0.861  -13.224 20.272  1.00 44.53  ? 153 HOH B O   1 
HETATM 1312 O O   . HOH D 2 .   ? -1.934  -12.554 18.152  1.00 63.90  ? 154 HOH B O   1 
HETATM 1313 O O   . HOH D 2 .   ? -2.578  19.786  -30.756 1.00 61.65  ? 155 HOH B O   1 
HETATM 1314 O O   . HOH D 2 .   ? -2.737  -17.298 14.500  1.00 58.78  ? 156 HOH B O   1 
HETATM 1315 O O   . HOH D 2 .   ? 9.082   -3.617  0.663   1.00 63.92  ? 157 HOH B O   1 
HETATM 1316 O O   . HOH D 2 .   ? 1.280   1.424   -15.992 1.00 75.79  ? 158 HOH B O   1 
HETATM 1317 O O   . HOH D 2 .   ? -0.743  0.745   -13.913 1.00 62.21  ? 159 HOH B O   1 
HETATM 1318 O O   . HOH D 2 .   ? 1.268   0.923   -11.982 1.00 51.83  ? 160 HOH B O   1 
HETATM 1319 O O   . HOH D 2 .   ? -1.131  3.570   -14.366 1.00 60.41  ? 161 HOH B O   1 
HETATM 1320 O O   . HOH D 2 .   ? 1.508   23.189  -32.906 1.00 68.97  ? 162 HOH B O   1 
HETATM 1321 O O   . HOH D 2 .   ? -14.673 33.272  -37.113 1.00 62.63  ? 163 HOH B O   1 
# 
loop_
_pdbx_poly_seq_scheme.asym_id 
_pdbx_poly_seq_scheme.entity_id 
_pdbx_poly_seq_scheme.seq_id 
_pdbx_poly_seq_scheme.mon_id 
_pdbx_poly_seq_scheme.ndb_seq_num 
_pdbx_poly_seq_scheme.pdb_seq_num 
_pdbx_poly_seq_scheme.auth_seq_num 
_pdbx_poly_seq_scheme.pdb_mon_id 
_pdbx_poly_seq_scheme.auth_mon_id 
_pdbx_poly_seq_scheme.pdb_strand_id 
_pdbx_poly_seq_scheme.pdb_ins_code 
_pdbx_poly_seq_scheme.hetero 
A 1 1   GLY 1   -1  ?   ?   ?   A . n 
A 1 2   PRO 2   0   ?   ?   ?   A . n 
A 1 3   MET 3   1   ?   ?   ?   A . n 
A 1 4   GLY 4   2   ?   ?   ?   A . n 
A 1 5   ASN 5   3   ?   ?   ?   A . n 
A 1 6   PHE 6   4   ?   ?   ?   A . n 
A 1 7   ILE 7   5   ?   ?   ?   A . n 
A 1 8   ILE 8   6   ?   ?   ?   A . n 
A 1 9   THR 9   7   ?   ?   ?   A . n 
A 1 10  GLU 10  8   ?   ?   ?   A . n 
A 1 11  ARG 11  9   ?   ?   ?   A . n 
A 1 12  LYS 12  10  ?   ?   ?   A . n 
A 1 13  LYS 13  11  ?   ?   ?   A . n 
A 1 14  ALA 14  12  ?   ?   ?   A . n 
A 1 15  LYS 15  13  ?   ?   ?   A . n 
A 1 16  GLU 16  14  ?   ?   ?   A . n 
A 1 17  GLU 17  15  ?   ?   ?   A . n 
A 1 18  ARG 18  16  ?   ?   ?   A . n 
A 1 19  SER 19  17  ?   ?   ?   A . n 
A 1 20  ASN 20  18  ?   ?   ?   A . n 
A 1 21  PRO 21  19  ?   ?   ?   A . n 
A 1 22  GLN 22  20  ?   ?   ?   A . n 
A 1 23  THR 23  21  ?   ?   ?   A . n 
A 1 24  ASP 24  22  ?   ?   ?   A . n 
A 1 25  SER 25  23  ?   ?   ?   A . n 
A 1 26  MET 26  24  ?   ?   ?   A . n 
A 1 27  ASP 27  25  ?   ?   ?   A . n 
A 1 28  ASP 28  26  ?   ?   ?   A . n 
A 1 29  LEU 29  27  ?   ?   ?   A . n 
A 1 30  LEU 30  28  ?   ?   ?   A . n 
A 1 31  ILE 31  29  ?   ?   ?   A . n 
A 1 32  ARG 32  30  ?   ?   ?   A . n 
A 1 33  ARG 33  31  ?   ?   ?   A . n 
A 1 34  LEU 34  32  ?   ?   ?   A . n 
A 1 35  THR 35  33  ?   ?   ?   A . n 
A 1 36  ASP 36  34  ?   ?   ?   A . n 
A 1 37  ARG 37  35  ?   ?   ?   A . n 
A 1 38  ASN 38  36  ?   ?   ?   A . n 
A 1 39  ASP 39  37  ?   ?   ?   A . n 
A 1 40  LYS 40  38  ?   ?   ?   A . n 
A 1 41  GLU 41  39  ?   ?   ?   A . n 
A 1 42  ALA 42  40  ?   ?   ?   A . n 
A 1 43  HIS 43  41  ?   ?   ?   A . n 
A 1 44  LEU 44  42  ?   ?   ?   A . n 
A 1 45  ASN 45  43  ?   ?   ?   A . n 
A 1 46  GLU 46  44  ?   ?   ?   A . n 
A 1 47  LEU 47  45  ?   ?   ?   A . n 
A 1 48  PHE 48  46  ?   ?   ?   A . n 
A 1 49  GLN 49  47  ?   ?   ?   A . n 
A 1 50  ASP 50  48  ?   ?   ?   A . n 
A 1 51  ASN 51  49  ?   ?   ?   A . n 
A 1 52  SER 52  50  ?   ?   ?   A . n 
A 1 53  GLY 53  51  ?   ?   ?   A . n 
A 1 54  ALA 54  52  ?   ?   ?   A . n 
A 1 55  ILE 55  53  ?   ?   ?   A . n 
A 1 56  GLY 56  54  ?   ?   ?   A . n 
A 1 57  GLY 57  55  55  GLY GLY A . n 
A 1 58  ASN 58  56  56  ASN ASN A . n 
A 1 59  ILE 59  57  57  ILE ILE A . n 
A 1 60  VAL 60  58  58  VAL VAL A . n 
A 1 61  SER 61  59  59  SER SER A . n 
A 1 62  HIS 62  60  60  HIS HIS A . n 
A 1 63  ASP 63  61  61  ASP ASP A . n 
A 1 64  ASP 64  62  62  ASP ASP A . n 
A 1 65  ALA 65  63  63  ALA ALA A . n 
A 1 66  LEU 66  64  64  LEU LEU A . n 
A 1 67  LEU 67  65  65  LEU LEU A . n 
A 1 68  ASN 68  66  66  ASN ASN A . n 
A 1 69  THR 69  67  67  THR THR A . n 
A 1 70  LEU 70  68  68  LEU LEU A . n 
A 1 71  ALA 71  69  69  ALA ALA A . n 
A 1 72  ILE 72  70  70  ILE ILE A . n 
A 1 73  LEU 73  71  71  LEU LEU A . n 
A 1 74  GLN 74  72  72  GLN GLN A . n 
A 1 75  LYS 75  73  73  LYS LYS A . n 
A 1 76  GLU 76  74  74  GLU GLU A . n 
A 1 77  LEU 77  75  75  LEU LEU A . n 
A 1 78  LYS 78  76  76  LYS LYS A . n 
A 1 79  SER 79  77  77  SER SER A . n 
A 1 80  LYS 80  78  78  LYS LYS A . n 
A 1 81  GLU 81  79  79  GLU GLU A . n 
A 1 82  GLN 82  80  80  GLN GLN A . n 
A 1 83  GLU 83  81  81  GLU GLU A . n 
A 1 84  ILE 84  82  82  ILE ILE A . n 
A 1 85  ARG 85  83  83  ARG ARG A . n 
A 1 86  ARG 86  84  84  ARG ARG A . n 
A 1 87  LEU 87  85  85  LEU LEU A . n 
A 1 88  LYS 88  86  86  LYS LYS A . n 
A 1 89  GLU 89  87  87  GLU GLU A . n 
A 1 90  VAL 90  88  88  VAL VAL A . n 
A 1 91  ILE 91  89  89  ILE ILE A . n 
A 1 92  ALA 92  90  90  ALA ALA A . n 
A 1 93  LEU 93  91  91  LEU LEU A . n 
A 1 94  LYS 94  92  92  LYS LYS A . n 
A 1 95  ASN 95  93  93  ASN ASN A . n 
A 1 96  LYS 96  94  94  LYS LYS A . n 
A 1 97  ASN 97  95  95  ASN ASN A . n 
A 1 98  THR 98  96  96  THR THR A . n 
A 1 99  GLU 99  97  97  GLU GLU A . n 
A 1 100 ARG 100 98  98  ARG ARG A . n 
A 1 101 LEU 101 99  99  LEU LEU A . n 
A 1 102 ASN 102 100 100 ASN ASN A . n 
A 1 103 ALA 103 101 101 ALA ALA A . n 
A 1 104 ALA 104 102 102 ALA ALA A . n 
A 1 105 LEU 105 103 103 LEU LEU A . n 
A 1 106 ILE 106 104 104 ILE ILE A . n 
A 1 107 SER 107 105 105 SER SER A . n 
A 1 108 GLY 108 106 106 GLY GLY A . n 
A 1 109 THR 109 107 107 THR THR A . n 
A 1 110 ILE 110 108 108 ILE ILE A . n 
A 1 111 GLU 111 109 109 GLU GLU A . n 
A 1 112 ASN 112 110 110 ASN ASN A . n 
A 1 113 ASN 113 111 111 ASN ASN A . n 
A 1 114 VAL 114 112 112 VAL VAL A . n 
A 1 115 LEU 115 113 113 LEU LEU A . n 
A 1 116 GLN 116 114 114 GLN GLN A . n 
A 1 117 GLN 117 115 115 GLN GLN A . n 
A 1 118 LYS 118 116 116 LYS LYS A . n 
A 1 119 LEU 119 117 117 LEU LEU A . n 
A 1 120 SER 120 118 118 SER SER A . n 
A 1 121 ASP 121 119 119 ASP ASP A . n 
A 1 122 LEU 122 120 120 LEU LEU A . n 
A 1 123 LYS 123 121 121 LYS LYS A . n 
A 1 124 LYS 124 122 122 LYS LYS A . n 
A 1 125 GLU 125 123 123 GLU GLU A . n 
A 1 126 HIS 126 124 124 HIS HIS A . n 
A 1 127 SER 127 125 125 SER SER A . n 
A 1 128 GLN 128 126 126 GLN GLN A . n 
A 1 129 LEU 129 127 127 LEU LEU A . n 
A 1 130 VAL 130 128 128 VAL VAL A . n 
A 1 131 ALA 131 129 129 ALA ALA A . n 
A 1 132 ARG 132 130 130 ARG ARG A . n 
A 1 133 TRP 133 131 131 TRP TRP A . n 
A 1 134 LEU 134 132 132 LEU LEU A . n 
A 1 135 LYS 135 133 133 LYS LYS A . n 
A 1 136 LYS 136 134 134 LYS LYS A . n 
A 1 137 THR 137 135 135 THR THR A . n 
A 1 138 GLU 138 136 136 GLU GLU A . n 
A 1 139 LYS 139 137 137 LYS LYS A . n 
A 1 140 GLU 140 138 138 GLU GLU A . n 
A 1 141 THR 141 139 139 THR THR A . n 
A 1 142 GLU 142 140 140 GLU GLU A . n 
A 1 143 ALA 143 141 141 ALA ALA A . n 
A 1 144 MET 144 142 142 MET MET A . n 
A 1 145 ASN 145 143 ?   ?   ?   A . n 
A 1 146 SER 146 144 ?   ?   ?   A . n 
A 1 147 GLU 147 145 ?   ?   ?   A . n 
A 1 148 ILE 148 146 ?   ?   ?   A . n 
A 1 149 ASP 149 147 ?   ?   ?   A . n 
A 1 150 GLY 150 148 ?   ?   ?   A . n 
A 1 151 THR 151 149 ?   ?   ?   A . n 
A 1 152 LYS 152 150 ?   ?   ?   A . n 
B 1 1   GLY 1   -1  ?   ?   ?   B . n 
B 1 2   PRO 2   0   ?   ?   ?   B . n 
B 1 3   MET 3   1   ?   ?   ?   B . n 
B 1 4   GLY 4   2   ?   ?   ?   B . n 
B 1 5   ASN 5   3   ?   ?   ?   B . n 
B 1 6   PHE 6   4   ?   ?   ?   B . n 
B 1 7   ILE 7   5   ?   ?   ?   B . n 
B 1 8   ILE 8   6   ?   ?   ?   B . n 
B 1 9   THR 9   7   ?   ?   ?   B . n 
B 1 10  GLU 10  8   ?   ?   ?   B . n 
B 1 11  ARG 11  9   ?   ?   ?   B . n 
B 1 12  LYS 12  10  ?   ?   ?   B . n 
B 1 13  LYS 13  11  ?   ?   ?   B . n 
B 1 14  ALA 14  12  ?   ?   ?   B . n 
B 1 15  LYS 15  13  ?   ?   ?   B . n 
B 1 16  GLU 16  14  ?   ?   ?   B . n 
B 1 17  GLU 17  15  ?   ?   ?   B . n 
B 1 18  ARG 18  16  ?   ?   ?   B . n 
B 1 19  SER 19  17  ?   ?   ?   B . n 
B 1 20  ASN 20  18  ?   ?   ?   B . n 
B 1 21  PRO 21  19  ?   ?   ?   B . n 
B 1 22  GLN 22  20  ?   ?   ?   B . n 
B 1 23  THR 23  21  ?   ?   ?   B . n 
B 1 24  ASP 24  22  ?   ?   ?   B . n 
B 1 25  SER 25  23  ?   ?   ?   B . n 
B 1 26  MET 26  24  ?   ?   ?   B . n 
B 1 27  ASP 27  25  ?   ?   ?   B . n 
B 1 28  ASP 28  26  ?   ?   ?   B . n 
B 1 29  LEU 29  27  ?   ?   ?   B . n 
B 1 30  LEU 30  28  ?   ?   ?   B . n 
B 1 31  ILE 31  29  ?   ?   ?   B . n 
B 1 32  ARG 32  30  ?   ?   ?   B . n 
B 1 33  ARG 33  31  ?   ?   ?   B . n 
B 1 34  LEU 34  32  ?   ?   ?   B . n 
B 1 35  THR 35  33  ?   ?   ?   B . n 
B 1 36  ASP 36  34  ?   ?   ?   B . n 
B 1 37  ARG 37  35  ?   ?   ?   B . n 
B 1 38  ASN 38  36  ?   ?   ?   B . n 
B 1 39  ASP 39  37  ?   ?   ?   B . n 
B 1 40  LYS 40  38  ?   ?   ?   B . n 
B 1 41  GLU 41  39  ?   ?   ?   B . n 
B 1 42  ALA 42  40  ?   ?   ?   B . n 
B 1 43  HIS 43  41  ?   ?   ?   B . n 
B 1 44  LEU 44  42  ?   ?   ?   B . n 
B 1 45  ASN 45  43  ?   ?   ?   B . n 
B 1 46  GLU 46  44  ?   ?   ?   B . n 
B 1 47  LEU 47  45  ?   ?   ?   B . n 
B 1 48  PHE 48  46  ?   ?   ?   B . n 
B 1 49  GLN 49  47  ?   ?   ?   B . n 
B 1 50  ASP 50  48  ?   ?   ?   B . n 
B 1 51  ASN 51  49  ?   ?   ?   B . n 
B 1 52  SER 52  50  ?   ?   ?   B . n 
B 1 53  GLY 53  51  ?   ?   ?   B . n 
B 1 54  ALA 54  52  ?   ?   ?   B . n 
B 1 55  ILE 55  53  ?   ?   ?   B . n 
B 1 56  GLY 56  54  ?   ?   ?   B . n 
B 1 57  GLY 57  55  ?   ?   ?   B . n 
B 1 58  ASN 58  56  ?   ?   ?   B . n 
B 1 59  ILE 59  57  ?   ?   ?   B . n 
B 1 60  VAL 60  58  58  VAL VAL B . n 
B 1 61  SER 61  59  59  SER SER B . n 
B 1 62  HIS 62  60  60  HIS HIS B . n 
B 1 63  ASP 63  61  61  ASP ASP B . n 
B 1 64  ASP 64  62  62  ASP ASP B . n 
B 1 65  ALA 65  63  63  ALA ALA B . n 
B 1 66  LEU 66  64  64  LEU LEU B . n 
B 1 67  LEU 67  65  65  LEU LEU B . n 
B 1 68  ASN 68  66  66  ASN ASN B . n 
B 1 69  THR 69  67  67  THR THR B . n 
B 1 70  LEU 70  68  68  LEU LEU B . n 
B 1 71  ALA 71  69  69  ALA ALA B . n 
B 1 72  ILE 72  70  70  ILE ILE B . n 
B 1 73  LEU 73  71  71  LEU LEU B . n 
B 1 74  GLN 74  72  72  GLN GLN B . n 
B 1 75  LYS 75  73  73  LYS LYS B . n 
B 1 76  GLU 76  74  74  GLU GLU B . n 
B 1 77  LEU 77  75  75  LEU LEU B . n 
B 1 78  LYS 78  76  76  LYS LYS B . n 
B 1 79  SER 79  77  77  SER SER B . n 
B 1 80  LYS 80  78  78  LYS LYS B . n 
B 1 81  GLU 81  79  79  GLU GLU B . n 
B 1 82  GLN 82  80  80  GLN GLN B . n 
B 1 83  GLU 83  81  81  GLU GLU B . n 
B 1 84  ILE 84  82  82  ILE ILE B . n 
B 1 85  ARG 85  83  83  ARG ARG B . n 
B 1 86  ARG 86  84  84  ARG ARG B . n 
B 1 87  LEU 87  85  85  LEU LEU B . n 
B 1 88  LYS 88  86  86  LYS LYS B . n 
B 1 89  GLU 89  87  87  GLU GLU B . n 
B 1 90  VAL 90  88  88  VAL VAL B . n 
B 1 91  ILE 91  89  89  ILE ILE B . n 
B 1 92  ALA 92  90  90  ALA ALA B . n 
B 1 93  LEU 93  91  91  LEU LEU B . n 
B 1 94  LYS 94  92  92  LYS LYS B . n 
B 1 95  ASN 95  93  93  ASN ASN B . n 
B 1 96  LYS 96  94  94  LYS LYS B . n 
B 1 97  ASN 97  95  95  ASN ASN B . n 
B 1 98  THR 98  96  96  THR THR B . n 
B 1 99  GLU 99  97  97  GLU GLU B . n 
B 1 100 ARG 100 98  98  ARG ARG B . n 
B 1 101 LEU 101 99  99  LEU LEU B . n 
B 1 102 ASN 102 100 100 ASN ASN B . n 
B 1 103 ALA 103 101 101 ALA ALA B . n 
B 1 104 ALA 104 102 102 ALA ALA B . n 
B 1 105 LEU 105 103 103 LEU LEU B . n 
B 1 106 ILE 106 104 104 ILE ILE B . n 
B 1 107 SER 107 105 105 SER SER B . n 
B 1 108 GLY 108 106 106 GLY GLY B . n 
B 1 109 THR 109 107 107 THR THR B . n 
B 1 110 ILE 110 108 108 ILE ILE B . n 
B 1 111 GLU 111 109 109 GLU GLU B . n 
B 1 112 ASN 112 110 110 ASN ASN B . n 
B 1 113 ASN 113 111 111 ASN ASN B . n 
B 1 114 VAL 114 112 112 VAL VAL B . n 
B 1 115 LEU 115 113 113 LEU LEU B . n 
B 1 116 GLN 116 114 114 GLN GLN B . n 
B 1 117 GLN 117 115 115 GLN GLN B . n 
B 1 118 LYS 118 116 116 LYS LYS B . n 
B 1 119 LEU 119 117 117 LEU LEU B . n 
B 1 120 SER 120 118 118 SER SER B . n 
B 1 121 ASP 121 119 119 ASP ASP B . n 
B 1 122 LEU 122 120 120 LEU LEU B . n 
B 1 123 LYS 123 121 121 LYS LYS B . n 
B 1 124 LYS 124 122 122 LYS LYS B . n 
B 1 125 GLU 125 123 123 GLU GLU B . n 
B 1 126 HIS 126 124 124 HIS HIS B . n 
B 1 127 SER 127 125 125 SER SER B . n 
B 1 128 GLN 128 126 126 GLN GLN B . n 
B 1 129 LEU 129 127 127 LEU LEU B . n 
B 1 130 VAL 130 128 128 VAL VAL B . n 
B 1 131 ALA 131 129 129 ALA ALA B . n 
B 1 132 ARG 132 130 130 ARG ARG B . n 
B 1 133 TRP 133 131 131 TRP TRP B . n 
B 1 134 LEU 134 132 132 LEU LEU B . n 
B 1 135 LYS 135 133 133 LYS LYS B . n 
B 1 136 LYS 136 134 ?   ?   ?   B . n 
B 1 137 THR 137 135 ?   ?   ?   B . n 
B 1 138 GLU 138 136 ?   ?   ?   B . n 
B 1 139 LYS 139 137 ?   ?   ?   B . n 
B 1 140 GLU 140 138 ?   ?   ?   B . n 
B 1 141 THR 141 139 ?   ?   ?   B . n 
B 1 142 GLU 142 140 ?   ?   ?   B . n 
B 1 143 ALA 143 141 ?   ?   ?   B . n 
B 1 144 MET 144 142 ?   ?   ?   B . n 
B 1 145 ASN 145 143 ?   ?   ?   B . n 
B 1 146 SER 146 144 ?   ?   ?   B . n 
B 1 147 GLU 147 145 ?   ?   ?   B . n 
B 1 148 ILE 148 146 ?   ?   ?   B . n 
B 1 149 ASP 149 147 ?   ?   ?   B . n 
B 1 150 GLY 150 148 ?   ?   ?   B . n 
B 1 151 THR 151 149 ?   ?   ?   B . n 
B 1 152 LYS 152 150 ?   ?   ?   B . n 
# 
loop_
_pdbx_nonpoly_scheme.asym_id 
_pdbx_nonpoly_scheme.entity_id 
_pdbx_nonpoly_scheme.mon_id 
_pdbx_nonpoly_scheme.ndb_seq_num 
_pdbx_nonpoly_scheme.pdb_seq_num 
_pdbx_nonpoly_scheme.auth_seq_num 
_pdbx_nonpoly_scheme.pdb_mon_id 
_pdbx_nonpoly_scheme.auth_mon_id 
_pdbx_nonpoly_scheme.pdb_strand_id 
_pdbx_nonpoly_scheme.pdb_ins_code 
C 2 HOH 1  151 2  HOH HOH A . 
C 2 HOH 2  152 4  HOH HOH A . 
C 2 HOH 3  153 5  HOH HOH A . 
C 2 HOH 4  154 6  HOH HOH A . 
C 2 HOH 5  155 7  HOH HOH A . 
C 2 HOH 6  156 8  HOH HOH A . 
C 2 HOH 7  157 9  HOH HOH A . 
C 2 HOH 8  158 10 HOH HOH A . 
C 2 HOH 9  159 11 HOH HOH A . 
C 2 HOH 10 160 14 HOH HOH A . 
C 2 HOH 11 161 15 HOH HOH A . 
C 2 HOH 12 162 16 HOH HOH A . 
C 2 HOH 13 163 17 HOH HOH A . 
C 2 HOH 14 164 27 HOH HOH A . 
C 2 HOH 15 165 28 HOH HOH A . 
D 2 HOH 1  151 1  HOH HOH B . 
D 2 HOH 2  152 3  HOH HOH B . 
D 2 HOH 3  153 12 HOH HOH B . 
D 2 HOH 4  154 13 HOH HOH B . 
D 2 HOH 5  155 18 HOH HOH B . 
D 2 HOH 6  156 19 HOH HOH B . 
D 2 HOH 7  157 20 HOH HOH B . 
D 2 HOH 8  158 21 HOH HOH B . 
D 2 HOH 9  159 22 HOH HOH B . 
D 2 HOH 10 160 23 HOH HOH B . 
D 2 HOH 11 161 24 HOH HOH B . 
D 2 HOH 12 162 25 HOH HOH B . 
D 2 HOH 13 163 26 HOH HOH B . 
# 
_pdbx_struct_assembly.id                   1 
_pdbx_struct_assembly.details              author_and_software_defined_assembly 
_pdbx_struct_assembly.method_details       PISA 
_pdbx_struct_assembly.oligomeric_details   dimeric 
_pdbx_struct_assembly.oligomeric_count     2 
# 
_pdbx_struct_assembly_gen.assembly_id       1 
_pdbx_struct_assembly_gen.oper_expression   1 
_pdbx_struct_assembly_gen.asym_id_list      A,B,C,D 
# 
loop_
_pdbx_struct_assembly_prop.biol_id 
_pdbx_struct_assembly_prop.type 
_pdbx_struct_assembly_prop.value 
_pdbx_struct_assembly_prop.details 
1 'ABSA (A^2)' 3790  ? 
1 MORE         -37   ? 
1 'SSA (A^2)'  12260 ? 
# 
_pdbx_struct_oper_list.id                   1 
_pdbx_struct_oper_list.type                 'identity operation' 
_pdbx_struct_oper_list.name                 1_555 
_pdbx_struct_oper_list.symmetry_operation   x,y,z 
_pdbx_struct_oper_list.matrix[1][1]         1.0000000000 
_pdbx_struct_oper_list.matrix[1][2]         0.0000000000 
_pdbx_struct_oper_list.matrix[1][3]         0.0000000000 
_pdbx_struct_oper_list.vector[1]            0.0000000000 
_pdbx_struct_oper_list.matrix[2][1]         0.0000000000 
_pdbx_struct_oper_list.matrix[2][2]         1.0000000000 
_pdbx_struct_oper_list.matrix[2][3]         0.0000000000 
_pdbx_struct_oper_list.vector[2]            0.0000000000 
_pdbx_struct_oper_list.matrix[3][1]         0.0000000000 
_pdbx_struct_oper_list.matrix[3][2]         0.0000000000 
_pdbx_struct_oper_list.matrix[3][3]         1.0000000000 
_pdbx_struct_oper_list.vector[3]            0.0000000000 
# 
_pdbx_struct_special_symmetry.id              1 
_pdbx_struct_special_symmetry.PDB_model_num   1 
_pdbx_struct_special_symmetry.auth_asym_id    A 
_pdbx_struct_special_symmetry.auth_comp_id    HOH 
_pdbx_struct_special_symmetry.auth_seq_id     163 
_pdbx_struct_special_symmetry.PDB_ins_code    ? 
_pdbx_struct_special_symmetry.label_asym_id   C 
_pdbx_struct_special_symmetry.label_comp_id   HOH 
_pdbx_struct_special_symmetry.label_seq_id    . 
# 
loop_
_pdbx_audit_revision_history.ordinal 
_pdbx_audit_revision_history.data_content_type 
_pdbx_audit_revision_history.major_revision 
_pdbx_audit_revision_history.minor_revision 
_pdbx_audit_revision_history.revision_date 
1 'Structure model' 1 0 2009-11-03 
2 'Structure model' 1 1 2011-07-13 
3 'Structure model' 1 2 2021-11-10 
4 'Structure model' 1 3 2023-10-18 
5 'Structure model' 1 4 2023-11-01 
# 
_pdbx_audit_revision_details.ordinal             1 
_pdbx_audit_revision_details.revision_ordinal    1 
_pdbx_audit_revision_details.data_content_type   'Structure model' 
_pdbx_audit_revision_details.provider            repository 
_pdbx_audit_revision_details.type                'Initial release' 
_pdbx_audit_revision_details.description         ? 
_pdbx_audit_revision_details.details             ? 
# 
loop_
_pdbx_audit_revision_group.ordinal 
_pdbx_audit_revision_group.revision_ordinal 
_pdbx_audit_revision_group.data_content_type 
_pdbx_audit_revision_group.group 
1 2 'Structure model' 'Version format compliance' 
2 3 'Structure model' 'Database references'       
3 4 'Structure model' 'Data collection'           
4 4 'Structure model' 'Database references'       
5 5 'Structure model' 'Refinement description'    
# 
loop_
_pdbx_audit_revision_category.ordinal 
_pdbx_audit_revision_category.revision_ordinal 
_pdbx_audit_revision_category.data_content_type 
_pdbx_audit_revision_category.category 
1 3 'Structure model' database_2                    
2 3 'Structure model' struct_ref_seq_dif            
3 4 'Structure model' chem_comp_atom                
4 4 'Structure model' chem_comp_bond                
5 4 'Structure model' citation                      
6 5 'Structure model' pdbx_initial_refinement_model 
# 
loop_
_pdbx_audit_revision_item.ordinal 
_pdbx_audit_revision_item.revision_ordinal 
_pdbx_audit_revision_item.data_content_type 
_pdbx_audit_revision_item.item 
1  3 'Structure model' '_database_2.pdbx_DOI'                
2  3 'Structure model' '_database_2.pdbx_database_accession' 
3  3 'Structure model' '_struct_ref_seq_dif.details'         
4  4 'Structure model' '_citation.country'                   
5  4 'Structure model' '_citation.journal_abbrev'            
6  4 'Structure model' '_citation.journal_id_ASTM'           
7  4 'Structure model' '_citation.journal_id_CSD'            
8  4 'Structure model' '_citation.journal_id_ISSN'           
9  4 'Structure model' '_citation.journal_volume'            
10 4 'Structure model' '_citation.page_first'                
11 4 'Structure model' '_citation.page_last'                 
12 4 'Structure model' '_citation.pdbx_database_id_DOI'      
13 4 'Structure model' '_citation.pdbx_database_id_PubMed'   
14 4 'Structure model' '_citation.title'                     
15 4 'Structure model' '_citation.year'                      
# 
loop_
_software.name 
_software.classification 
_software.version 
_software.citation_id 
_software.pdbx_ordinal 
HKL-2000 'data collection' . ? 1 
CNS      refinement        . ? 2 
HKL-2000 'data reduction'  . ? 3 
HKL-2000 'data scaling'    . ? 4 
CNS      phasing           . ? 5 
# 
_pdbx_validate_torsion.id              1 
_pdbx_validate_torsion.PDB_model_num   1 
_pdbx_validate_torsion.auth_comp_id    ALA 
_pdbx_validate_torsion.auth_asym_id    A 
_pdbx_validate_torsion.auth_seq_id     101 
_pdbx_validate_torsion.PDB_ins_code    ? 
_pdbx_validate_torsion.label_alt_id    ? 
_pdbx_validate_torsion.phi             -60.19 
_pdbx_validate_torsion.psi             -70.97 
# 
loop_
_pdbx_unobs_or_zero_occ_atoms.id 
_pdbx_unobs_or_zero_occ_atoms.PDB_model_num 
_pdbx_unobs_or_zero_occ_atoms.polymer_flag 
_pdbx_unobs_or_zero_occ_atoms.occupancy_flag 
_pdbx_unobs_or_zero_occ_atoms.auth_asym_id 
_pdbx_unobs_or_zero_occ_atoms.auth_comp_id 
_pdbx_unobs_or_zero_occ_atoms.auth_seq_id 
_pdbx_unobs_or_zero_occ_atoms.PDB_ins_code 
_pdbx_unobs_or_zero_occ_atoms.auth_atom_id 
_pdbx_unobs_or_zero_occ_atoms.label_alt_id 
_pdbx_unobs_or_zero_occ_atoms.label_asym_id 
_pdbx_unobs_or_zero_occ_atoms.label_comp_id 
_pdbx_unobs_or_zero_occ_atoms.label_seq_id 
_pdbx_unobs_or_zero_occ_atoms.label_atom_id 
1  1 Y 1 A ASN 56  ? CG  ? A ASN 58  CG  
2  1 Y 1 A ASN 56  ? OD1 ? A ASN 58  OD1 
3  1 Y 1 A ASN 56  ? ND2 ? A ASN 58  ND2 
4  1 Y 1 A LYS 133 ? CG  ? A LYS 135 CG  
5  1 Y 1 A LYS 133 ? CD  ? A LYS 135 CD  
6  1 Y 1 A LYS 133 ? CE  ? A LYS 135 CE  
7  1 Y 1 A LYS 133 ? NZ  ? A LYS 135 NZ  
8  1 Y 1 A GLU 136 ? CG  ? A GLU 138 CG  
9  1 Y 1 A GLU 136 ? CD  ? A GLU 138 CD  
10 1 Y 1 A GLU 136 ? OE1 ? A GLU 138 OE1 
11 1 Y 1 A GLU 136 ? OE2 ? A GLU 138 OE2 
12 1 Y 1 A GLU 140 ? CG  ? A GLU 142 CG  
13 1 Y 1 A GLU 140 ? CD  ? A GLU 142 CD  
14 1 Y 1 A GLU 140 ? OE1 ? A GLU 142 OE1 
15 1 Y 1 A GLU 140 ? OE2 ? A GLU 142 OE2 
16 1 Y 1 A MET 142 ? CG  ? A MET 144 CG  
17 1 Y 1 A MET 142 ? SD  ? A MET 144 SD  
18 1 Y 1 A MET 142 ? CE  ? A MET 144 CE  
19 1 Y 1 B VAL 58  ? CG1 ? B VAL 60  CG1 
20 1 Y 1 B VAL 58  ? CG2 ? B VAL 60  CG2 
21 1 Y 1 B SER 59  ? OG  ? B SER 61  OG  
22 1 Y 1 B LYS 133 ? CG  ? B LYS 135 CG  
23 1 Y 1 B LYS 133 ? CD  ? B LYS 135 CD  
24 1 Y 1 B LYS 133 ? CE  ? B LYS 135 CE  
25 1 Y 1 B LYS 133 ? NZ  ? B LYS 135 NZ  
# 
loop_
_pdbx_unobs_or_zero_occ_residues.id 
_pdbx_unobs_or_zero_occ_residues.PDB_model_num 
_pdbx_unobs_or_zero_occ_residues.polymer_flag 
_pdbx_unobs_or_zero_occ_residues.occupancy_flag 
_pdbx_unobs_or_zero_occ_residues.auth_asym_id 
_pdbx_unobs_or_zero_occ_residues.auth_comp_id 
_pdbx_unobs_or_zero_occ_residues.auth_seq_id 
_pdbx_unobs_or_zero_occ_residues.PDB_ins_code 
_pdbx_unobs_or_zero_occ_residues.label_asym_id 
_pdbx_unobs_or_zero_occ_residues.label_comp_id 
_pdbx_unobs_or_zero_occ_residues.label_seq_id 
1   1 Y 1 A GLY -1  ? A GLY 1   
2   1 Y 1 A PRO 0   ? A PRO 2   
3   1 Y 1 A MET 1   ? A MET 3   
4   1 Y 1 A GLY 2   ? A GLY 4   
5   1 Y 1 A ASN 3   ? A ASN 5   
6   1 Y 1 A PHE 4   ? A PHE 6   
7   1 Y 1 A ILE 5   ? A ILE 7   
8   1 Y 1 A ILE 6   ? A ILE 8   
9   1 Y 1 A THR 7   ? A THR 9   
10  1 Y 1 A GLU 8   ? A GLU 10  
11  1 Y 1 A ARG 9   ? A ARG 11  
12  1 Y 1 A LYS 10  ? A LYS 12  
13  1 Y 1 A LYS 11  ? A LYS 13  
14  1 Y 1 A ALA 12  ? A ALA 14  
15  1 Y 1 A LYS 13  ? A LYS 15  
16  1 Y 1 A GLU 14  ? A GLU 16  
17  1 Y 1 A GLU 15  ? A GLU 17  
18  1 Y 1 A ARG 16  ? A ARG 18  
19  1 Y 1 A SER 17  ? A SER 19  
20  1 Y 1 A ASN 18  ? A ASN 20  
21  1 Y 1 A PRO 19  ? A PRO 21  
22  1 Y 1 A GLN 20  ? A GLN 22  
23  1 Y 1 A THR 21  ? A THR 23  
24  1 Y 1 A ASP 22  ? A ASP 24  
25  1 Y 1 A SER 23  ? A SER 25  
26  1 Y 1 A MET 24  ? A MET 26  
27  1 Y 1 A ASP 25  ? A ASP 27  
28  1 Y 1 A ASP 26  ? A ASP 28  
29  1 Y 1 A LEU 27  ? A LEU 29  
30  1 Y 1 A LEU 28  ? A LEU 30  
31  1 Y 1 A ILE 29  ? A ILE 31  
32  1 Y 1 A ARG 30  ? A ARG 32  
33  1 Y 1 A ARG 31  ? A ARG 33  
34  1 Y 1 A LEU 32  ? A LEU 34  
35  1 Y 1 A THR 33  ? A THR 35  
36  1 Y 1 A ASP 34  ? A ASP 36  
37  1 Y 1 A ARG 35  ? A ARG 37  
38  1 Y 1 A ASN 36  ? A ASN 38  
39  1 Y 1 A ASP 37  ? A ASP 39  
40  1 Y 1 A LYS 38  ? A LYS 40  
41  1 Y 1 A GLU 39  ? A GLU 41  
42  1 Y 1 A ALA 40  ? A ALA 42  
43  1 Y 1 A HIS 41  ? A HIS 43  
44  1 Y 1 A LEU 42  ? A LEU 44  
45  1 Y 1 A ASN 43  ? A ASN 45  
46  1 Y 1 A GLU 44  ? A GLU 46  
47  1 Y 1 A LEU 45  ? A LEU 47  
48  1 Y 1 A PHE 46  ? A PHE 48  
49  1 Y 1 A GLN 47  ? A GLN 49  
50  1 Y 1 A ASP 48  ? A ASP 50  
51  1 Y 1 A ASN 49  ? A ASN 51  
52  1 Y 1 A SER 50  ? A SER 52  
53  1 Y 1 A GLY 51  ? A GLY 53  
54  1 Y 1 A ALA 52  ? A ALA 54  
55  1 Y 1 A ILE 53  ? A ILE 55  
56  1 Y 1 A GLY 54  ? A GLY 56  
57  1 Y 1 A ASN 143 ? A ASN 145 
58  1 Y 1 A SER 144 ? A SER 146 
59  1 Y 1 A GLU 145 ? A GLU 147 
60  1 Y 1 A ILE 146 ? A ILE 148 
61  1 Y 1 A ASP 147 ? A ASP 149 
62  1 Y 1 A GLY 148 ? A GLY 150 
63  1 Y 1 A THR 149 ? A THR 151 
64  1 Y 1 A LYS 150 ? A LYS 152 
65  1 Y 1 B GLY -1  ? B GLY 1   
66  1 Y 1 B PRO 0   ? B PRO 2   
67  1 Y 1 B MET 1   ? B MET 3   
68  1 Y 1 B GLY 2   ? B GLY 4   
69  1 Y 1 B ASN 3   ? B ASN 5   
70  1 Y 1 B PHE 4   ? B PHE 6   
71  1 Y 1 B ILE 5   ? B ILE 7   
72  1 Y 1 B ILE 6   ? B ILE 8   
73  1 Y 1 B THR 7   ? B THR 9   
74  1 Y 1 B GLU 8   ? B GLU 10  
75  1 Y 1 B ARG 9   ? B ARG 11  
76  1 Y 1 B LYS 10  ? B LYS 12  
77  1 Y 1 B LYS 11  ? B LYS 13  
78  1 Y 1 B ALA 12  ? B ALA 14  
79  1 Y 1 B LYS 13  ? B LYS 15  
80  1 Y 1 B GLU 14  ? B GLU 16  
81  1 Y 1 B GLU 15  ? B GLU 17  
82  1 Y 1 B ARG 16  ? B ARG 18  
83  1 Y 1 B SER 17  ? B SER 19  
84  1 Y 1 B ASN 18  ? B ASN 20  
85  1 Y 1 B PRO 19  ? B PRO 21  
86  1 Y 1 B GLN 20  ? B GLN 22  
87  1 Y 1 B THR 21  ? B THR 23  
88  1 Y 1 B ASP 22  ? B ASP 24  
89  1 Y 1 B SER 23  ? B SER 25  
90  1 Y 1 B MET 24  ? B MET 26  
91  1 Y 1 B ASP 25  ? B ASP 27  
92  1 Y 1 B ASP 26  ? B ASP 28  
93  1 Y 1 B LEU 27  ? B LEU 29  
94  1 Y 1 B LEU 28  ? B LEU 30  
95  1 Y 1 B ILE 29  ? B ILE 31  
96  1 Y 1 B ARG 30  ? B ARG 32  
97  1 Y 1 B ARG 31  ? B ARG 33  
98  1 Y 1 B LEU 32  ? B LEU 34  
99  1 Y 1 B THR 33  ? B THR 35  
100 1 Y 1 B ASP 34  ? B ASP 36  
101 1 Y 1 B ARG 35  ? B ARG 37  
102 1 Y 1 B ASN 36  ? B ASN 38  
103 1 Y 1 B ASP 37  ? B ASP 39  
104 1 Y 1 B LYS 38  ? B LYS 40  
105 1 Y 1 B GLU 39  ? B GLU 41  
106 1 Y 1 B ALA 40  ? B ALA 42  
107 1 Y 1 B HIS 41  ? B HIS 43  
108 1 Y 1 B LEU 42  ? B LEU 44  
109 1 Y 1 B ASN 43  ? B ASN 45  
110 1 Y 1 B GLU 44  ? B GLU 46  
111 1 Y 1 B LEU 45  ? B LEU 47  
112 1 Y 1 B PHE 46  ? B PHE 48  
113 1 Y 1 B GLN 47  ? B GLN 49  
114 1 Y 1 B ASP 48  ? B ASP 50  
115 1 Y 1 B ASN 49  ? B ASN 51  
116 1 Y 1 B SER 50  ? B SER 52  
117 1 Y 1 B GLY 51  ? B GLY 53  
118 1 Y 1 B ALA 52  ? B ALA 54  
119 1 Y 1 B ILE 53  ? B ILE 55  
120 1 Y 1 B GLY 54  ? B GLY 56  
121 1 Y 1 B GLY 55  ? B GLY 57  
122 1 Y 1 B ASN 56  ? B ASN 58  
123 1 Y 1 B ILE 57  ? B ILE 59  
124 1 Y 1 B LYS 134 ? B LYS 136 
125 1 Y 1 B THR 135 ? B THR 137 
126 1 Y 1 B GLU 136 ? B GLU 138 
127 1 Y 1 B LYS 137 ? B LYS 139 
128 1 Y 1 B GLU 138 ? B GLU 140 
129 1 Y 1 B THR 139 ? B THR 141 
130 1 Y 1 B GLU 140 ? B GLU 142 
131 1 Y 1 B ALA 141 ? B ALA 143 
132 1 Y 1 B MET 142 ? B MET 144 
133 1 Y 1 B ASN 143 ? B ASN 145 
134 1 Y 1 B SER 144 ? B SER 146 
135 1 Y 1 B GLU 145 ? B GLU 147 
136 1 Y 1 B ILE 146 ? B ILE 148 
137 1 Y 1 B ASP 147 ? B ASP 149 
138 1 Y 1 B GLY 148 ? B GLY 150 
139 1 Y 1 B THR 149 ? B THR 151 
140 1 Y 1 B LYS 150 ? B LYS 152 
# 
loop_
_chem_comp_atom.comp_id 
_chem_comp_atom.atom_id 
_chem_comp_atom.type_symbol 
_chem_comp_atom.pdbx_aromatic_flag 
_chem_comp_atom.pdbx_stereo_config 
_chem_comp_atom.pdbx_ordinal 
ALA N    N N N 1   
ALA CA   C N S 2   
ALA C    C N N 3   
ALA O    O N N 4   
ALA CB   C N N 5   
ALA OXT  O N N 6   
ALA H    H N N 7   
ALA H2   H N N 8   
ALA HA   H N N 9   
ALA HB1  H N N 10  
ALA HB2  H N N 11  
ALA HB3  H N N 12  
ALA HXT  H N N 13  
ARG N    N N N 14  
ARG CA   C N S 15  
ARG C    C N N 16  
ARG O    O N N 17  
ARG CB   C N N 18  
ARG CG   C N N 19  
ARG CD   C N N 20  
ARG NE   N N N 21  
ARG CZ   C N N 22  
ARG NH1  N N N 23  
ARG NH2  N N N 24  
ARG OXT  O N N 25  
ARG H    H N N 26  
ARG H2   H N N 27  
ARG HA   H N N 28  
ARG HB2  H N N 29  
ARG HB3  H N N 30  
ARG HG2  H N N 31  
ARG HG3  H N N 32  
ARG HD2  H N N 33  
ARG HD3  H N N 34  
ARG HE   H N N 35  
ARG HH11 H N N 36  
ARG HH12 H N N 37  
ARG HH21 H N N 38  
ARG HH22 H N N 39  
ARG HXT  H N N 40  
ASN N    N N N 41  
ASN CA   C N S 42  
ASN C    C N N 43  
ASN O    O N N 44  
ASN CB   C N N 45  
ASN CG   C N N 46  
ASN OD1  O N N 47  
ASN ND2  N N N 48  
ASN OXT  O N N 49  
ASN H    H N N 50  
ASN H2   H N N 51  
ASN HA   H N N 52  
ASN HB2  H N N 53  
ASN HB3  H N N 54  
ASN HD21 H N N 55  
ASN HD22 H N N 56  
ASN HXT  H N N 57  
ASP N    N N N 58  
ASP CA   C N S 59  
ASP C    C N N 60  
ASP O    O N N 61  
ASP CB   C N N 62  
ASP CG   C N N 63  
ASP OD1  O N N 64  
ASP OD2  O N N 65  
ASP OXT  O N N 66  
ASP H    H N N 67  
ASP H2   H N N 68  
ASP HA   H N N 69  
ASP HB2  H N N 70  
ASP HB3  H N N 71  
ASP HD2  H N N 72  
ASP HXT  H N N 73  
GLN N    N N N 74  
GLN CA   C N S 75  
GLN C    C N N 76  
GLN O    O N N 77  
GLN CB   C N N 78  
GLN CG   C N N 79  
GLN CD   C N N 80  
GLN OE1  O N N 81  
GLN NE2  N N N 82  
GLN OXT  O N N 83  
GLN H    H N N 84  
GLN H2   H N N 85  
GLN HA   H N N 86  
GLN HB2  H N N 87  
GLN HB3  H N N 88  
GLN HG2  H N N 89  
GLN HG3  H N N 90  
GLN HE21 H N N 91  
GLN HE22 H N N 92  
GLN HXT  H N N 93  
GLU N    N N N 94  
GLU CA   C N S 95  
GLU C    C N N 96  
GLU O    O N N 97  
GLU CB   C N N 98  
GLU CG   C N N 99  
GLU CD   C N N 100 
GLU OE1  O N N 101 
GLU OE2  O N N 102 
GLU OXT  O N N 103 
GLU H    H N N 104 
GLU H2   H N N 105 
GLU HA   H N N 106 
GLU HB2  H N N 107 
GLU HB3  H N N 108 
GLU HG2  H N N 109 
GLU HG3  H N N 110 
GLU HE2  H N N 111 
GLU HXT  H N N 112 
GLY N    N N N 113 
GLY CA   C N N 114 
GLY C    C N N 115 
GLY O    O N N 116 
GLY OXT  O N N 117 
GLY H    H N N 118 
GLY H2   H N N 119 
GLY HA2  H N N 120 
GLY HA3  H N N 121 
GLY HXT  H N N 122 
HIS N    N N N 123 
HIS CA   C N S 124 
HIS C    C N N 125 
HIS O    O N N 126 
HIS CB   C N N 127 
HIS CG   C Y N 128 
HIS ND1  N Y N 129 
HIS CD2  C Y N 130 
HIS CE1  C Y N 131 
HIS NE2  N Y N 132 
HIS OXT  O N N 133 
HIS H    H N N 134 
HIS H2   H N N 135 
HIS HA   H N N 136 
HIS HB2  H N N 137 
HIS HB3  H N N 138 
HIS HD1  H N N 139 
HIS HD2  H N N 140 
HIS HE1  H N N 141 
HIS HE2  H N N 142 
HIS HXT  H N N 143 
HOH O    O N N 144 
HOH H1   H N N 145 
HOH H2   H N N 146 
ILE N    N N N 147 
ILE CA   C N S 148 
ILE C    C N N 149 
ILE O    O N N 150 
ILE CB   C N S 151 
ILE CG1  C N N 152 
ILE CG2  C N N 153 
ILE CD1  C N N 154 
ILE OXT  O N N 155 
ILE H    H N N 156 
ILE H2   H N N 157 
ILE HA   H N N 158 
ILE HB   H N N 159 
ILE HG12 H N N 160 
ILE HG13 H N N 161 
ILE HG21 H N N 162 
ILE HG22 H N N 163 
ILE HG23 H N N 164 
ILE HD11 H N N 165 
ILE HD12 H N N 166 
ILE HD13 H N N 167 
ILE HXT  H N N 168 
LEU N    N N N 169 
LEU CA   C N S 170 
LEU C    C N N 171 
LEU O    O N N 172 
LEU CB   C N N 173 
LEU CG   C N N 174 
LEU CD1  C N N 175 
LEU CD2  C N N 176 
LEU OXT  O N N 177 
LEU H    H N N 178 
LEU H2   H N N 179 
LEU HA   H N N 180 
LEU HB2  H N N 181 
LEU HB3  H N N 182 
LEU HG   H N N 183 
LEU HD11 H N N 184 
LEU HD12 H N N 185 
LEU HD13 H N N 186 
LEU HD21 H N N 187 
LEU HD22 H N N 188 
LEU HD23 H N N 189 
LEU HXT  H N N 190 
LYS N    N N N 191 
LYS CA   C N S 192 
LYS C    C N N 193 
LYS O    O N N 194 
LYS CB   C N N 195 
LYS CG   C N N 196 
LYS CD   C N N 197 
LYS CE   C N N 198 
LYS NZ   N N N 199 
LYS OXT  O N N 200 
LYS H    H N N 201 
LYS H2   H N N 202 
LYS HA   H N N 203 
LYS HB2  H N N 204 
LYS HB3  H N N 205 
LYS HG2  H N N 206 
LYS HG3  H N N 207 
LYS HD2  H N N 208 
LYS HD3  H N N 209 
LYS HE2  H N N 210 
LYS HE3  H N N 211 
LYS HZ1  H N N 212 
LYS HZ2  H N N 213 
LYS HZ3  H N N 214 
LYS HXT  H N N 215 
MET N    N N N 216 
MET CA   C N S 217 
MET C    C N N 218 
MET O    O N N 219 
MET CB   C N N 220 
MET CG   C N N 221 
MET SD   S N N 222 
MET CE   C N N 223 
MET OXT  O N N 224 
MET H    H N N 225 
MET H2   H N N 226 
MET HA   H N N 227 
MET HB2  H N N 228 
MET HB3  H N N 229 
MET HG2  H N N 230 
MET HG3  H N N 231 
MET HE1  H N N 232 
MET HE2  H N N 233 
MET HE3  H N N 234 
MET HXT  H N N 235 
PHE N    N N N 236 
PHE CA   C N S 237 
PHE C    C N N 238 
PHE O    O N N 239 
PHE CB   C N N 240 
PHE CG   C Y N 241 
PHE CD1  C Y N 242 
PHE CD2  C Y N 243 
PHE CE1  C Y N 244 
PHE CE2  C Y N 245 
PHE CZ   C Y N 246 
PHE OXT  O N N 247 
PHE H    H N N 248 
PHE H2   H N N 249 
PHE HA   H N N 250 
PHE HB2  H N N 251 
PHE HB3  H N N 252 
PHE HD1  H N N 253 
PHE HD2  H N N 254 
PHE HE1  H N N 255 
PHE HE2  H N N 256 
PHE HZ   H N N 257 
PHE HXT  H N N 258 
PRO N    N N N 259 
PRO CA   C N S 260 
PRO C    C N N 261 
PRO O    O N N 262 
PRO CB   C N N 263 
PRO CG   C N N 264 
PRO CD   C N N 265 
PRO OXT  O N N 266 
PRO H    H N N 267 
PRO HA   H N N 268 
PRO HB2  H N N 269 
PRO HB3  H N N 270 
PRO HG2  H N N 271 
PRO HG3  H N N 272 
PRO HD2  H N N 273 
PRO HD3  H N N 274 
PRO HXT  H N N 275 
SER N    N N N 276 
SER CA   C N S 277 
SER C    C N N 278 
SER O    O N N 279 
SER CB   C N N 280 
SER OG   O N N 281 
SER OXT  O N N 282 
SER H    H N N 283 
SER H2   H N N 284 
SER HA   H N N 285 
SER HB2  H N N 286 
SER HB3  H N N 287 
SER HG   H N N 288 
SER HXT  H N N 289 
THR N    N N N 290 
THR CA   C N S 291 
THR C    C N N 292 
THR O    O N N 293 
THR CB   C N R 294 
THR OG1  O N N 295 
THR CG2  C N N 296 
THR OXT  O N N 297 
THR H    H N N 298 
THR H2   H N N 299 
THR HA   H N N 300 
THR HB   H N N 301 
THR HG1  H N N 302 
THR HG21 H N N 303 
THR HG22 H N N 304 
THR HG23 H N N 305 
THR HXT  H N N 306 
TRP N    N N N 307 
TRP CA   C N S 308 
TRP C    C N N 309 
TRP O    O N N 310 
TRP CB   C N N 311 
TRP CG   C Y N 312 
TRP CD1  C Y N 313 
TRP CD2  C Y N 314 
TRP NE1  N Y N 315 
TRP CE2  C Y N 316 
TRP CE3  C Y N 317 
TRP CZ2  C Y N 318 
TRP CZ3  C Y N 319 
TRP CH2  C Y N 320 
TRP OXT  O N N 321 
TRP H    H N N 322 
TRP H2   H N N 323 
TRP HA   H N N 324 
TRP HB2  H N N 325 
TRP HB3  H N N 326 
TRP HD1  H N N 327 
TRP HE1  H N N 328 
TRP HE3  H N N 329 
TRP HZ2  H N N 330 
TRP HZ3  H N N 331 
TRP HH2  H N N 332 
TRP HXT  H N N 333 
VAL N    N N N 334 
VAL CA   C N S 335 
VAL C    C N N 336 
VAL O    O N N 337 
VAL CB   C N N 338 
VAL CG1  C N N 339 
VAL CG2  C N N 340 
VAL OXT  O N N 341 
VAL H    H N N 342 
VAL H2   H N N 343 
VAL HA   H N N 344 
VAL HB   H N N 345 
VAL HG11 H N N 346 
VAL HG12 H N N 347 
VAL HG13 H N N 348 
VAL HG21 H N N 349 
VAL HG22 H N N 350 
VAL HG23 H N N 351 
VAL HXT  H N N 352 
# 
loop_
_chem_comp_bond.comp_id 
_chem_comp_bond.atom_id_1 
_chem_comp_bond.atom_id_2 
_chem_comp_bond.value_order 
_chem_comp_bond.pdbx_aromatic_flag 
_chem_comp_bond.pdbx_stereo_config 
_chem_comp_bond.pdbx_ordinal 
ALA N   CA   sing N N 1   
ALA N   H    sing N N 2   
ALA N   H2   sing N N 3   
ALA CA  C    sing N N 4   
ALA CA  CB   sing N N 5   
ALA CA  HA   sing N N 6   
ALA C   O    doub N N 7   
ALA C   OXT  sing N N 8   
ALA CB  HB1  sing N N 9   
ALA CB  HB2  sing N N 10  
ALA CB  HB3  sing N N 11  
ALA OXT HXT  sing N N 12  
ARG N   CA   sing N N 13  
ARG N   H    sing N N 14  
ARG N   H2   sing N N 15  
ARG CA  C    sing N N 16  
ARG CA  CB   sing N N 17  
ARG CA  HA   sing N N 18  
ARG C   O    doub N N 19  
ARG C   OXT  sing N N 20  
ARG CB  CG   sing N N 21  
ARG CB  HB2  sing N N 22  
ARG CB  HB3  sing N N 23  
ARG CG  CD   sing N N 24  
ARG CG  HG2  sing N N 25  
ARG CG  HG3  sing N N 26  
ARG CD  NE   sing N N 27  
ARG CD  HD2  sing N N 28  
ARG CD  HD3  sing N N 29  
ARG NE  CZ   sing N N 30  
ARG NE  HE   sing N N 31  
ARG CZ  NH1  sing N N 32  
ARG CZ  NH2  doub N N 33  
ARG NH1 HH11 sing N N 34  
ARG NH1 HH12 sing N N 35  
ARG NH2 HH21 sing N N 36  
ARG NH2 HH22 sing N N 37  
ARG OXT HXT  sing N N 38  
ASN N   CA   sing N N 39  
ASN N   H    sing N N 40  
ASN N   H2   sing N N 41  
ASN CA  C    sing N N 42  
ASN CA  CB   sing N N 43  
ASN CA  HA   sing N N 44  
ASN C   O    doub N N 45  
ASN C   OXT  sing N N 46  
ASN CB  CG   sing N N 47  
ASN CB  HB2  sing N N 48  
ASN CB  HB3  sing N N 49  
ASN CG  OD1  doub N N 50  
ASN CG  ND2  sing N N 51  
ASN ND2 HD21 sing N N 52  
ASN ND2 HD22 sing N N 53  
ASN OXT HXT  sing N N 54  
ASP N   CA   sing N N 55  
ASP N   H    sing N N 56  
ASP N   H2   sing N N 57  
ASP CA  C    sing N N 58  
ASP CA  CB   sing N N 59  
ASP CA  HA   sing N N 60  
ASP C   O    doub N N 61  
ASP C   OXT  sing N N 62  
ASP CB  CG   sing N N 63  
ASP CB  HB2  sing N N 64  
ASP CB  HB3  sing N N 65  
ASP CG  OD1  doub N N 66  
ASP CG  OD2  sing N N 67  
ASP OD2 HD2  sing N N 68  
ASP OXT HXT  sing N N 69  
GLN N   CA   sing N N 70  
GLN N   H    sing N N 71  
GLN N   H2   sing N N 72  
GLN CA  C    sing N N 73  
GLN CA  CB   sing N N 74  
GLN CA  HA   sing N N 75  
GLN C   O    doub N N 76  
GLN C   OXT  sing N N 77  
GLN CB  CG   sing N N 78  
GLN CB  HB2  sing N N 79  
GLN CB  HB3  sing N N 80  
GLN CG  CD   sing N N 81  
GLN CG  HG2  sing N N 82  
GLN CG  HG3  sing N N 83  
GLN CD  OE1  doub N N 84  
GLN CD  NE2  sing N N 85  
GLN NE2 HE21 sing N N 86  
GLN NE2 HE22 sing N N 87  
GLN OXT HXT  sing N N 88  
GLU N   CA   sing N N 89  
GLU N   H    sing N N 90  
GLU N   H2   sing N N 91  
GLU CA  C    sing N N 92  
GLU CA  CB   sing N N 93  
GLU CA  HA   sing N N 94  
GLU C   O    doub N N 95  
GLU C   OXT  sing N N 96  
GLU CB  CG   sing N N 97  
GLU CB  HB2  sing N N 98  
GLU CB  HB3  sing N N 99  
GLU CG  CD   sing N N 100 
GLU CG  HG2  sing N N 101 
GLU CG  HG3  sing N N 102 
GLU CD  OE1  doub N N 103 
GLU CD  OE2  sing N N 104 
GLU OE2 HE2  sing N N 105 
GLU OXT HXT  sing N N 106 
GLY N   CA   sing N N 107 
GLY N   H    sing N N 108 
GLY N   H2   sing N N 109 
GLY CA  C    sing N N 110 
GLY CA  HA2  sing N N 111 
GLY CA  HA3  sing N N 112 
GLY C   O    doub N N 113 
GLY C   OXT  sing N N 114 
GLY OXT HXT  sing N N 115 
HIS N   CA   sing N N 116 
HIS N   H    sing N N 117 
HIS N   H2   sing N N 118 
HIS CA  C    sing N N 119 
HIS CA  CB   sing N N 120 
HIS CA  HA   sing N N 121 
HIS C   O    doub N N 122 
HIS C   OXT  sing N N 123 
HIS CB  CG   sing N N 124 
HIS CB  HB2  sing N N 125 
HIS CB  HB3  sing N N 126 
HIS CG  ND1  sing Y N 127 
HIS CG  CD2  doub Y N 128 
HIS ND1 CE1  doub Y N 129 
HIS ND1 HD1  sing N N 130 
HIS CD2 NE2  sing Y N 131 
HIS CD2 HD2  sing N N 132 
HIS CE1 NE2  sing Y N 133 
HIS CE1 HE1  sing N N 134 
HIS NE2 HE2  sing N N 135 
HIS OXT HXT  sing N N 136 
HOH O   H1   sing N N 137 
HOH O   H2   sing N N 138 
ILE N   CA   sing N N 139 
ILE N   H    sing N N 140 
ILE N   H2   sing N N 141 
ILE CA  C    sing N N 142 
ILE CA  CB   sing N N 143 
ILE CA  HA   sing N N 144 
ILE C   O    doub N N 145 
ILE C   OXT  sing N N 146 
ILE CB  CG1  sing N N 147 
ILE CB  CG2  sing N N 148 
ILE CB  HB   sing N N 149 
ILE CG1 CD1  sing N N 150 
ILE CG1 HG12 sing N N 151 
ILE CG1 HG13 sing N N 152 
ILE CG2 HG21 sing N N 153 
ILE CG2 HG22 sing N N 154 
ILE CG2 HG23 sing N N 155 
ILE CD1 HD11 sing N N 156 
ILE CD1 HD12 sing N N 157 
ILE CD1 HD13 sing N N 158 
ILE OXT HXT  sing N N 159 
LEU N   CA   sing N N 160 
LEU N   H    sing N N 161 
LEU N   H2   sing N N 162 
LEU CA  C    sing N N 163 
LEU CA  CB   sing N N 164 
LEU CA  HA   sing N N 165 
LEU C   O    doub N N 166 
LEU C   OXT  sing N N 167 
LEU CB  CG   sing N N 168 
LEU CB  HB2  sing N N 169 
LEU CB  HB3  sing N N 170 
LEU CG  CD1  sing N N 171 
LEU CG  CD2  sing N N 172 
LEU CG  HG   sing N N 173 
LEU CD1 HD11 sing N N 174 
LEU CD1 HD12 sing N N 175 
LEU CD1 HD13 sing N N 176 
LEU CD2 HD21 sing N N 177 
LEU CD2 HD22 sing N N 178 
LEU CD2 HD23 sing N N 179 
LEU OXT HXT  sing N N 180 
LYS N   CA   sing N N 181 
LYS N   H    sing N N 182 
LYS N   H2   sing N N 183 
LYS CA  C    sing N N 184 
LYS CA  CB   sing N N 185 
LYS CA  HA   sing N N 186 
LYS C   O    doub N N 187 
LYS C   OXT  sing N N 188 
LYS CB  CG   sing N N 189 
LYS CB  HB2  sing N N 190 
LYS CB  HB3  sing N N 191 
LYS CG  CD   sing N N 192 
LYS CG  HG2  sing N N 193 
LYS CG  HG3  sing N N 194 
LYS CD  CE   sing N N 195 
LYS CD  HD2  sing N N 196 
LYS CD  HD3  sing N N 197 
LYS CE  NZ   sing N N 198 
LYS CE  HE2  sing N N 199 
LYS CE  HE3  sing N N 200 
LYS NZ  HZ1  sing N N 201 
LYS NZ  HZ2  sing N N 202 
LYS NZ  HZ3  sing N N 203 
LYS OXT HXT  sing N N 204 
MET N   CA   sing N N 205 
MET N   H    sing N N 206 
MET N   H2   sing N N 207 
MET CA  C    sing N N 208 
MET CA  CB   sing N N 209 
MET CA  HA   sing N N 210 
MET C   O    doub N N 211 
MET C   OXT  sing N N 212 
MET CB  CG   sing N N 213 
MET CB  HB2  sing N N 214 
MET CB  HB3  sing N N 215 
MET CG  SD   sing N N 216 
MET CG  HG2  sing N N 217 
MET CG  HG3  sing N N 218 
MET SD  CE   sing N N 219 
MET CE  HE1  sing N N 220 
MET CE  HE2  sing N N 221 
MET CE  HE3  sing N N 222 
MET OXT HXT  sing N N 223 
PHE N   CA   sing N N 224 
PHE N   H    sing N N 225 
PHE N   H2   sing N N 226 
PHE CA  C    sing N N 227 
PHE CA  CB   sing N N 228 
PHE CA  HA   sing N N 229 
PHE C   O    doub N N 230 
PHE C   OXT  sing N N 231 
PHE CB  CG   sing N N 232 
PHE CB  HB2  sing N N 233 
PHE CB  HB3  sing N N 234 
PHE CG  CD1  doub Y N 235 
PHE CG  CD2  sing Y N 236 
PHE CD1 CE1  sing Y N 237 
PHE CD1 HD1  sing N N 238 
PHE CD2 CE2  doub Y N 239 
PHE CD2 HD2  sing N N 240 
PHE CE1 CZ   doub Y N 241 
PHE CE1 HE1  sing N N 242 
PHE CE2 CZ   sing Y N 243 
PHE CE2 HE2  sing N N 244 
PHE CZ  HZ   sing N N 245 
PHE OXT HXT  sing N N 246 
PRO N   CA   sing N N 247 
PRO N   CD   sing N N 248 
PRO N   H    sing N N 249 
PRO CA  C    sing N N 250 
PRO CA  CB   sing N N 251 
PRO CA  HA   sing N N 252 
PRO C   O    doub N N 253 
PRO C   OXT  sing N N 254 
PRO CB  CG   sing N N 255 
PRO CB  HB2  sing N N 256 
PRO CB  HB3  sing N N 257 
PRO CG  CD   sing N N 258 
PRO CG  HG2  sing N N 259 
PRO CG  HG3  sing N N 260 
PRO CD  HD2  sing N N 261 
PRO CD  HD3  sing N N 262 
PRO OXT HXT  sing N N 263 
SER N   CA   sing N N 264 
SER N   H    sing N N 265 
SER N   H2   sing N N 266 
SER CA  C    sing N N 267 
SER CA  CB   sing N N 268 
SER CA  HA   sing N N 269 
SER C   O    doub N N 270 
SER C   OXT  sing N N 271 
SER CB  OG   sing N N 272 
SER CB  HB2  sing N N 273 
SER CB  HB3  sing N N 274 
SER OG  HG   sing N N 275 
SER OXT HXT  sing N N 276 
THR N   CA   sing N N 277 
THR N   H    sing N N 278 
THR N   H2   sing N N 279 
THR CA  C    sing N N 280 
THR CA  CB   sing N N 281 
THR CA  HA   sing N N 282 
THR C   O    doub N N 283 
THR C   OXT  sing N N 284 
THR CB  OG1  sing N N 285 
THR CB  CG2  sing N N 286 
THR CB  HB   sing N N 287 
THR OG1 HG1  sing N N 288 
THR CG2 HG21 sing N N 289 
THR CG2 HG22 sing N N 290 
THR CG2 HG23 sing N N 291 
THR OXT HXT  sing N N 292 
TRP N   CA   sing N N 293 
TRP N   H    sing N N 294 
TRP N   H2   sing N N 295 
TRP CA  C    sing N N 296 
TRP CA  CB   sing N N 297 
TRP CA  HA   sing N N 298 
TRP C   O    doub N N 299 
TRP C   OXT  sing N N 300 
TRP CB  CG   sing N N 301 
TRP CB  HB2  sing N N 302 
TRP CB  HB3  sing N N 303 
TRP CG  CD1  doub Y N 304 
TRP CG  CD2  sing Y N 305 
TRP CD1 NE1  sing Y N 306 
TRP CD1 HD1  sing N N 307 
TRP CD2 CE2  doub Y N 308 
TRP CD2 CE3  sing Y N 309 
TRP NE1 CE2  sing Y N 310 
TRP NE1 HE1  sing N N 311 
TRP CE2 CZ2  sing Y N 312 
TRP CE3 CZ3  doub Y N 313 
TRP CE3 HE3  sing N N 314 
TRP CZ2 CH2  doub Y N 315 
TRP CZ2 HZ2  sing N N 316 
TRP CZ3 CH2  sing Y N 317 
TRP CZ3 HZ3  sing N N 318 
TRP CH2 HH2  sing N N 319 
TRP OXT HXT  sing N N 320 
VAL N   CA   sing N N 321 
VAL N   H    sing N N 322 
VAL N   H2   sing N N 323 
VAL CA  C    sing N N 324 
VAL CA  CB   sing N N 325 
VAL CA  HA   sing N N 326 
VAL C   O    doub N N 327 
VAL C   OXT  sing N N 328 
VAL CB  CG1  sing N N 329 
VAL CB  CG2  sing N N 330 
VAL CB  HB   sing N N 331 
VAL CG1 HG11 sing N N 332 
VAL CG1 HG12 sing N N 333 
VAL CG1 HG13 sing N N 334 
VAL CG2 HG21 sing N N 335 
VAL CG2 HG22 sing N N 336 
VAL CG2 HG23 sing N N 337 
VAL OXT HXT  sing N N 338 
# 
_pdbx_entity_nonpoly.entity_id   2 
_pdbx_entity_nonpoly.name        water 
_pdbx_entity_nonpoly.comp_id     HOH 
# 
_pdbx_initial_refinement_model.id               1 
_pdbx_initial_refinement_model.entity_id_list   ? 
_pdbx_initial_refinement_model.type             'experimental model' 
_pdbx_initial_refinement_model.source_name      PDB 
_pdbx_initial_refinement_model.accession_code   3A7O 
_pdbx_initial_refinement_model.details          'PDB ENTRY 3A7O' 
# 
